data_7IBA
# 
_entry.id   7IBA 
# 
_audit_conform.dict_name       mmcif_pdbx.dic 
_audit_conform.dict_version    5.408 
_audit_conform.dict_location   http://mmcif.pdb.org/dictionaries/ascii/mmcif_pdbx.dic 
# 
loop_
_database_2.database_id 
_database_2.database_code 
_database_2.pdbx_database_accession 
_database_2.pdbx_DOI 
PDB   7IBA         pdb_00007iba 10.2210/pdb7iba/pdb 
WWPDB D_1001408549 ?            ?                   
# 
loop_
_pdbx_audit_revision_history.ordinal 
_pdbx_audit_revision_history.data_content_type 
_pdbx_audit_revision_history.major_revision 
_pdbx_audit_revision_history.minor_revision 
_pdbx_audit_revision_history.revision_date 
_pdbx_audit_revision_history.part_number 
1 'Structure model' 1 0 2025-10-22 ? 
2 'Structure model' 1 1 2025-12-10 ? 
# 
_pdbx_audit_revision_details.ordinal             1 
_pdbx_audit_revision_details.revision_ordinal    1 
_pdbx_audit_revision_details.data_content_type   'Structure model' 
_pdbx_audit_revision_details.provider            repository 
_pdbx_audit_revision_details.type                'Initial release' 
_pdbx_audit_revision_details.description         ? 
_pdbx_audit_revision_details.details             ? 
# 
_pdbx_audit_revision_group.ordinal             1 
_pdbx_audit_revision_group.revision_ordinal    2 
_pdbx_audit_revision_group.data_content_type   'Structure model' 
_pdbx_audit_revision_group.group               'Database references' 
# 
_pdbx_audit_revision_category.ordinal             1 
_pdbx_audit_revision_category.revision_ordinal    2 
_pdbx_audit_revision_category.data_content_type   'Structure model' 
_pdbx_audit_revision_category.category            citation 
# 
loop_
_pdbx_audit_revision_item.ordinal 
_pdbx_audit_revision_item.revision_ordinal 
_pdbx_audit_revision_item.data_content_type 
_pdbx_audit_revision_item.item 
1 2 'Structure model' '_citation.journal_volume' 
2 2 'Structure model' '_citation.page_first'     
3 2 'Structure model' '_citation.page_last'      
# 
_pdbx_database_status.entry_id                        7IBA 
_pdbx_database_status.status_code                     REL 
_pdbx_database_status.status_code_sf                  REL 
_pdbx_database_status.status_code_mr                  ? 
_pdbx_database_status.status_code_cs                  ? 
_pdbx_database_status.recvd_initial_deposition_date   2025-05-27 
_pdbx_database_status.status_code_nmr_data            ? 
_pdbx_database_status.deposit_site                    RCSB 
_pdbx_database_status.process_site                    RCSB 
_pdbx_database_status.SG_entry                        ? 
_pdbx_database_status.pdb_format_compatible           N 
_pdbx_database_status.methods_development_category    ? 
# 
_pdbx_contact_author.id                 2 
_pdbx_contact_author.name_last          Weiss 
_pdbx_contact_author.name_first         Manfred 
_pdbx_contact_author.name_mi            S. 
_pdbx_contact_author.email              manfred.weiss@helmholtz-berlin.de 
_pdbx_contact_author.identifier_ORCID   0000-0002-2362-7047 
_pdbx_contact_author.role               'principal investigator/group leader' 
# 
loop_
_audit_author.pdbx_ordinal 
_audit_author.name 
_audit_author.identifier_ORCID 
1 'Lennartz, F.' 0000-0001-5617-5502 
2 'Weiss, M.S.'  0000-0002-2362-7047 
# 
_citation.id                        primary 
_citation.title                     
;Crystallographic fragment screening against SARS-CoV-2 nonstructural protein 1 using the F2X-Entry Screen and a newly developed fragment library.
;
_citation.journal_abbrev            'Acta Crystallogr D Struct Biol' 
_citation.journal_volume            81 
_citation.page_first                630 
_citation.page_last                 645 
_citation.year                      2025 
_citation.journal_id_ASTM           ? 
_citation.country                   ? 
_citation.journal_id_ISSN           2059-7983 
_citation.journal_id_CSD            ? 
_citation.book_publisher            ? 
_citation.pdbx_database_id_PubMed   41081353 
_citation.pdbx_database_id_DOI      10.1107/S2059798325008563 
# 
loop_
_citation_author.ordinal 
_citation_author.citation_id 
_citation_author.name 
_citation_author.identifier_ORCID 
1  primary 'Lennartz, F.'    ?                   
2  primary 'Wollenhaupt, J.' 0000-0002-3418-5213 
3  primary 'Oelker, M.'      0000-0001-7301-8445 
4  primary 'Froling, P.'     ?                   
5  primary 'Mueller, U.'     0000-0002-7139-0718 
6  primary 'Deckers, A.'     ?                   
7  primary 'Grathwol, C.'    ?                   
8  primary 'Brase, S.'       ?                   
9  primary 'Jung, N.'        0000-0001-9513-2468 
10 primary 'Weiss, M.S.'     0000-0002-2362-7047 
# 
loop_
_entity.id 
_entity.type 
_entity.src_method 
_entity.pdbx_description 
_entity.formula_weight 
_entity.pdbx_number_of_molecules 
_entity.pdbx_ec 
_entity.pdbx_mutation 
_entity.pdbx_fragment 
_entity.details 
1 polymer     man 'Host translation inhibitor nsp1' 12863.854 1  ? ? ? ? 
2 non-polymer syn '4-(2-aminoethyl)-2-iodophenol'   263.076   1  ? ? ? ? 
3 water       nat water                             18.015    82 ? ? ? ? 
# 
_entity_name_com.entity_id   1 
_entity_name_com.name        'Leader protein,Non-structural protein 1,nsp1' 
# 
_entity_poly.entity_id                      1 
_entity_poly.type                           'polypeptide(L)' 
_entity_poly.nstd_linkage                   no 
_entity_poly.nstd_monomer                   no 
_entity_poly.pdbx_seq_one_letter_code       
;EKTHVQLSLPVLQVRDVLVRGFGDSVEEVLSEARQHLKDGTCGLVEVEKGVLPQLEQPYVFIKRSDARTAPHGHVMVELV
AELEGIQYGRSGETLGVLVPHVGEIPVAYRKVLLRK
;
_entity_poly.pdbx_seq_one_letter_code_can   
;EKTHVQLSLPVLQVRDVLVRGFGDSVEEVLSEARQHLKDGTCGLVEVEKGVLPQLEQPYVFIKRSDARTAPHGHVMVELV
AELEGIQYGRSGETLGVLVPHVGEIPVAYRKVLLRK
;
_entity_poly.pdbx_strand_id                 A 
_entity_poly.pdbx_target_identifier         ? 
# 
loop_
_pdbx_entity_nonpoly.entity_id 
_pdbx_entity_nonpoly.name 
_pdbx_entity_nonpoly.comp_id 
2 '4-(2-aminoethyl)-2-iodophenol' A1CRA 
3 water                           HOH   
# 
loop_
_entity_poly_seq.entity_id 
_entity_poly_seq.num 
_entity_poly_seq.mon_id 
_entity_poly_seq.hetero 
1 1   GLU n 
1 2   LYS n 
1 3   THR n 
1 4   HIS n 
1 5   VAL n 
1 6   GLN n 
1 7   LEU n 
1 8   SER n 
1 9   LEU n 
1 10  PRO n 
1 11  VAL n 
1 12  LEU n 
1 13  GLN n 
1 14  VAL n 
1 15  ARG n 
1 16  ASP n 
1 17  VAL n 
1 18  LEU n 
1 19  VAL n 
1 20  ARG n 
1 21  GLY n 
1 22  PHE n 
1 23  GLY n 
1 24  ASP n 
1 25  SER n 
1 26  VAL n 
1 27  GLU n 
1 28  GLU n 
1 29  VAL n 
1 30  LEU n 
1 31  SER n 
1 32  GLU n 
1 33  ALA n 
1 34  ARG n 
1 35  GLN n 
1 36  HIS n 
1 37  LEU n 
1 38  LYS n 
1 39  ASP n 
1 40  GLY n 
1 41  THR n 
1 42  CYS n 
1 43  GLY n 
1 44  LEU n 
1 45  VAL n 
1 46  GLU n 
1 47  VAL n 
1 48  GLU n 
1 49  LYS n 
1 50  GLY n 
1 51  VAL n 
1 52  LEU n 
1 53  PRO n 
1 54  GLN n 
1 55  LEU n 
1 56  GLU n 
1 57  GLN n 
1 58  PRO n 
1 59  TYR n 
1 60  VAL n 
1 61  PHE n 
1 62  ILE n 
1 63  LYS n 
1 64  ARG n 
1 65  SER n 
1 66  ASP n 
1 67  ALA n 
1 68  ARG n 
1 69  THR n 
1 70  ALA n 
1 71  PRO n 
1 72  HIS n 
1 73  GLY n 
1 74  HIS n 
1 75  VAL n 
1 76  MET n 
1 77  VAL n 
1 78  GLU n 
1 79  LEU n 
1 80  VAL n 
1 81  ALA n 
1 82  GLU n 
1 83  LEU n 
1 84  GLU n 
1 85  GLY n 
1 86  ILE n 
1 87  GLN n 
1 88  TYR n 
1 89  GLY n 
1 90  ARG n 
1 91  SER n 
1 92  GLY n 
1 93  GLU n 
1 94  THR n 
1 95  LEU n 
1 96  GLY n 
1 97  VAL n 
1 98  LEU n 
1 99  VAL n 
1 100 PRO n 
1 101 HIS n 
1 102 VAL n 
1 103 GLY n 
1 104 GLU n 
1 105 ILE n 
1 106 PRO n 
1 107 VAL n 
1 108 ALA n 
1 109 TYR n 
1 110 ARG n 
1 111 LYS n 
1 112 VAL n 
1 113 LEU n 
1 114 LEU n 
1 115 ARG n 
1 116 LYS n 
# 
_entity_src_gen.entity_id                          1 
_entity_src_gen.pdbx_src_id                        1 
_entity_src_gen.pdbx_alt_source_flag               sample 
_entity_src_gen.pdbx_seq_type                      'Biological sequence' 
_entity_src_gen.pdbx_beg_seq_num                   1 
_entity_src_gen.pdbx_end_seq_num                   116 
_entity_src_gen.gene_src_common_name               ? 
_entity_src_gen.gene_src_genus                     ? 
_entity_src_gen.pdbx_gene_src_gene                 'rep, 1a-1b' 
_entity_src_gen.gene_src_species                   ? 
_entity_src_gen.gene_src_strain                    ? 
_entity_src_gen.gene_src_tissue                    ? 
_entity_src_gen.gene_src_tissue_fraction           ? 
_entity_src_gen.gene_src_details                   ? 
_entity_src_gen.pdbx_gene_src_fragment             ? 
_entity_src_gen.pdbx_gene_src_scientific_name      'Severe acute respiratory syndrome coronavirus 2' 
_entity_src_gen.pdbx_gene_src_ncbi_taxonomy_id     2697049 
_entity_src_gen.pdbx_gene_src_variant              ? 
_entity_src_gen.pdbx_gene_src_cell_line            ? 
_entity_src_gen.pdbx_gene_src_atcc                 ? 
_entity_src_gen.pdbx_gene_src_organ                ? 
_entity_src_gen.pdbx_gene_src_organelle            ? 
_entity_src_gen.pdbx_gene_src_cell                 ? 
_entity_src_gen.pdbx_gene_src_cellular_location    ? 
_entity_src_gen.host_org_common_name               ? 
_entity_src_gen.pdbx_host_org_scientific_name      'Escherichia coli BL21(DE3)' 
_entity_src_gen.pdbx_host_org_ncbi_taxonomy_id     469008 
_entity_src_gen.host_org_genus                     ? 
_entity_src_gen.pdbx_host_org_gene                 ? 
_entity_src_gen.pdbx_host_org_organ                ? 
_entity_src_gen.host_org_species                   ? 
_entity_src_gen.pdbx_host_org_tissue               ? 
_entity_src_gen.pdbx_host_org_tissue_fraction      ? 
_entity_src_gen.pdbx_host_org_strain               ? 
_entity_src_gen.pdbx_host_org_variant              ? 
_entity_src_gen.pdbx_host_org_cell_line            ? 
_entity_src_gen.pdbx_host_org_atcc                 ? 
_entity_src_gen.pdbx_host_org_culture_collection   ? 
_entity_src_gen.pdbx_host_org_cell                 ? 
_entity_src_gen.pdbx_host_org_organelle            ? 
_entity_src_gen.pdbx_host_org_cellular_location    ? 
_entity_src_gen.pdbx_host_org_vector_type          plasmid 
_entity_src_gen.pdbx_host_org_vector               ? 
_entity_src_gen.host_org_details                   ? 
_entity_src_gen.expression_system_id               ? 
_entity_src_gen.plasmid_name                       pET15b 
_entity_src_gen.plasmid_details                    ? 
_entity_src_gen.pdbx_description                   ? 
# 
loop_
_chem_comp.id 
_chem_comp.type 
_chem_comp.mon_nstd_flag 
_chem_comp.name 
_chem_comp.pdbx_synonyms 
_chem_comp.formula 
_chem_comp.formula_weight 
A1CRA non-polymer         . '4-(2-aminoethyl)-2-iodophenol' ? 'C8 H10 I N O'   263.076 
ALA   'L-peptide linking' y ALANINE                         ? 'C3 H7 N O2'     89.093  
ARG   'L-peptide linking' y ARGININE                        ? 'C6 H15 N4 O2 1' 175.209 
ASP   'L-peptide linking' y 'ASPARTIC ACID'                 ? 'C4 H7 N O4'     133.103 
CYS   'L-peptide linking' y CYSTEINE                        ? 'C3 H7 N O2 S'   121.158 
GLN   'L-peptide linking' y GLUTAMINE                       ? 'C5 H10 N2 O3'   146.144 
GLU   'L-peptide linking' y 'GLUTAMIC ACID'                 ? 'C5 H9 N O4'     147.129 
GLY   'peptide linking'   y GLYCINE                         ? 'C2 H5 N O2'     75.067  
HIS   'L-peptide linking' y HISTIDINE                       ? 'C6 H10 N3 O2 1' 156.162 
HOH   non-polymer         . WATER                           ? 'H2 O'           18.015  
ILE   'L-peptide linking' y ISOLEUCINE                      ? 'C6 H13 N O2'    131.173 
LEU   'L-peptide linking' y LEUCINE                         ? 'C6 H13 N O2'    131.173 
LYS   'L-peptide linking' y LYSINE                          ? 'C6 H15 N2 O2 1' 147.195 
MET   'L-peptide linking' y METHIONINE                      ? 'C5 H11 N O2 S'  149.211 
PHE   'L-peptide linking' y PHENYLALANINE                   ? 'C9 H11 N O2'    165.189 
PRO   'L-peptide linking' y PROLINE                         ? 'C5 H9 N O2'     115.130 
SER   'L-peptide linking' y SERINE                          ? 'C3 H7 N O3'     105.093 
THR   'L-peptide linking' y THREONINE                       ? 'C4 H9 N O3'     119.119 
TYR   'L-peptide linking' y TYROSINE                        ? 'C9 H11 N O3'    181.189 
VAL   'L-peptide linking' y VALINE                          ? 'C5 H11 N O2'    117.146 
# 
loop_
_pdbx_poly_seq_scheme.asym_id 
_pdbx_poly_seq_scheme.entity_id 
_pdbx_poly_seq_scheme.seq_id 
_pdbx_poly_seq_scheme.mon_id 
_pdbx_poly_seq_scheme.ndb_seq_num 
_pdbx_poly_seq_scheme.pdb_seq_num 
_pdbx_poly_seq_scheme.auth_seq_num 
_pdbx_poly_seq_scheme.pdb_mon_id 
_pdbx_poly_seq_scheme.auth_mon_id 
_pdbx_poly_seq_scheme.pdb_strand_id 
_pdbx_poly_seq_scheme.pdb_ins_code 
_pdbx_poly_seq_scheme.hetero 
A 1 1   GLU 1   10  ?   ?   ?   A . n 
A 1 2   LYS 2   11  11  LYS LYS A . n 
A 1 3   THR 3   12  12  THR THR A . n 
A 1 4   HIS 4   13  13  HIS HIS A . n 
A 1 5   VAL 5   14  14  VAL VAL A . n 
A 1 6   GLN 6   15  15  GLN GLN A . n 
A 1 7   LEU 7   16  16  LEU LEU A . n 
A 1 8   SER 8   17  17  SER SER A . n 
A 1 9   LEU 9   18  18  LEU LEU A . n 
A 1 10  PRO 10  19  19  PRO PRO A . n 
A 1 11  VAL 11  20  20  VAL VAL A . n 
A 1 12  LEU 12  21  21  LEU LEU A . n 
A 1 13  GLN 13  22  22  GLN GLN A . n 
A 1 14  VAL 14  23  23  VAL VAL A . n 
A 1 15  ARG 15  24  24  ARG ARG A . n 
A 1 16  ASP 16  25  25  ASP ASP A . n 
A 1 17  VAL 17  26  26  VAL VAL A . n 
A 1 18  LEU 18  27  27  LEU LEU A . n 
A 1 19  VAL 19  28  28  VAL VAL A . n 
A 1 20  ARG 20  29  29  ARG ARG A . n 
A 1 21  GLY 21  30  30  GLY GLY A . n 
A 1 22  PHE 22  31  31  PHE PHE A . n 
A 1 23  GLY 23  32  32  GLY GLY A . n 
A 1 24  ASP 24  33  33  ASP ASP A . n 
A 1 25  SER 25  34  34  SER SER A . n 
A 1 26  VAL 26  35  35  VAL VAL A . n 
A 1 27  GLU 27  36  36  GLU GLU A . n 
A 1 28  GLU 28  37  37  GLU GLU A . n 
A 1 29  VAL 29  38  38  VAL VAL A . n 
A 1 30  LEU 30  39  39  LEU LEU A . n 
A 1 31  SER 31  40  40  SER SER A . n 
A 1 32  GLU 32  41  41  GLU GLU A . n 
A 1 33  ALA 33  42  42  ALA ALA A . n 
A 1 34  ARG 34  43  43  ARG ARG A . n 
A 1 35  GLN 35  44  44  GLN GLN A . n 
A 1 36  HIS 36  45  45  HIS HIS A . n 
A 1 37  LEU 37  46  46  LEU LEU A . n 
A 1 38  LYS 38  47  47  LYS LYS A . n 
A 1 39  ASP 39  48  48  ASP ASP A . n 
A 1 40  GLY 40  49  49  GLY GLY A . n 
A 1 41  THR 41  50  50  THR THR A . n 
A 1 42  CYS 42  51  51  CYS CYS A . n 
A 1 43  GLY 43  52  52  GLY GLY A . n 
A 1 44  LEU 44  53  53  LEU LEU A . n 
A 1 45  VAL 45  54  54  VAL VAL A . n 
A 1 46  GLU 46  55  55  GLU GLU A . n 
A 1 47  VAL 47  56  56  VAL VAL A . n 
A 1 48  GLU 48  57  57  GLU GLU A . n 
A 1 49  LYS 49  58  58  LYS LYS A . n 
A 1 50  GLY 50  59  59  GLY GLY A . n 
A 1 51  VAL 51  60  60  VAL VAL A . n 
A 1 52  LEU 52  61  61  LEU LEU A . n 
A 1 53  PRO 53  62  62  PRO PRO A . n 
A 1 54  GLN 54  63  63  GLN GLN A . n 
A 1 55  LEU 55  64  64  LEU LEU A . n 
A 1 56  GLU 56  65  65  GLU GLU A . n 
A 1 57  GLN 57  66  66  GLN GLN A . n 
A 1 58  PRO 58  67  67  PRO PRO A . n 
A 1 59  TYR 59  68  68  TYR TYR A . n 
A 1 60  VAL 60  69  69  VAL VAL A . n 
A 1 61  PHE 61  70  70  PHE PHE A . n 
A 1 62  ILE 62  71  71  ILE ILE A . n 
A 1 63  LYS 63  72  72  LYS LYS A . n 
A 1 64  ARG 64  73  73  ARG ARG A . n 
A 1 65  SER 65  74  74  SER SER A . n 
A 1 66  ASP 66  75  75  ASP ASP A . n 
A 1 67  ALA 67  76  76  ALA ALA A . n 
A 1 68  ARG 68  77  ?   ?   ?   A . n 
A 1 69  THR 69  78  ?   ?   ?   A . n 
A 1 70  ALA 70  79  79  ALA ALA A . n 
A 1 71  PRO 71  80  80  PRO PRO A . n 
A 1 72  HIS 72  81  81  HIS HIS A . n 
A 1 73  GLY 73  82  82  GLY GLY A . n 
A 1 74  HIS 74  83  83  HIS HIS A . n 
A 1 75  VAL 75  84  84  VAL VAL A . n 
A 1 76  MET 76  85  85  MET MET A . n 
A 1 77  VAL 77  86  86  VAL VAL A . n 
A 1 78  GLU 78  87  87  GLU GLU A . n 
A 1 79  LEU 79  88  88  LEU LEU A . n 
A 1 80  VAL 80  89  89  VAL VAL A . n 
A 1 81  ALA 81  90  90  ALA ALA A . n 
A 1 82  GLU 82  91  91  GLU GLU A . n 
A 1 83  LEU 83  92  92  LEU LEU A . n 
A 1 84  GLU 84  93  93  GLU GLU A . n 
A 1 85  GLY 85  94  94  GLY GLY A . n 
A 1 86  ILE 86  95  95  ILE ILE A . n 
A 1 87  GLN 87  96  96  GLN GLN A . n 
A 1 88  TYR 88  97  97  TYR TYR A . n 
A 1 89  GLY 89  98  98  GLY GLY A . n 
A 1 90  ARG 90  99  99  ARG ARG A . n 
A 1 91  SER 91  100 100 SER SER A . n 
A 1 92  GLY 92  101 101 GLY GLY A . n 
A 1 93  GLU 93  102 102 GLU GLU A . n 
A 1 94  THR 94  103 103 THR THR A . n 
A 1 95  LEU 95  104 104 LEU LEU A . n 
A 1 96  GLY 96  105 105 GLY GLY A . n 
A 1 97  VAL 97  106 106 VAL VAL A . n 
A 1 98  LEU 98  107 107 LEU LEU A . n 
A 1 99  VAL 99  108 108 VAL VAL A . n 
A 1 100 PRO 100 109 109 PRO PRO A . n 
A 1 101 HIS 101 110 110 HIS HIS A . n 
A 1 102 VAL 102 111 111 VAL VAL A . n 
A 1 103 GLY 103 112 112 GLY GLY A . n 
A 1 104 GLU 104 113 113 GLU GLU A . n 
A 1 105 ILE 105 114 114 ILE ILE A . n 
A 1 106 PRO 106 115 115 PRO PRO A . n 
A 1 107 VAL 107 116 116 VAL VAL A . n 
A 1 108 ALA 108 117 117 ALA ALA A . n 
A 1 109 TYR 109 118 118 TYR TYR A . n 
A 1 110 ARG 110 119 119 ARG ARG A . n 
A 1 111 LYS 111 120 120 LYS LYS A . n 
A 1 112 VAL 112 121 121 VAL VAL A . n 
A 1 113 LEU 113 122 122 LEU LEU A . n 
A 1 114 LEU 114 123 123 LEU LEU A . n 
A 1 115 ARG 115 124 124 ARG ARG A . n 
A 1 116 LYS 116 125 125 LYS LYS A . n 
# 
_pdbx_entity_instance_feature.ordinal        1 
_pdbx_entity_instance_feature.comp_id        A1CRA 
_pdbx_entity_instance_feature.asym_id        ? 
_pdbx_entity_instance_feature.seq_num        ? 
_pdbx_entity_instance_feature.auth_comp_id   A1CRA 
_pdbx_entity_instance_feature.auth_asym_id   ? 
_pdbx_entity_instance_feature.auth_seq_num   ? 
_pdbx_entity_instance_feature.feature_type   'SUBJECT OF INVESTIGATION' 
_pdbx_entity_instance_feature.details        ? 
# 
loop_
_pdbx_nonpoly_scheme.asym_id 
_pdbx_nonpoly_scheme.entity_id 
_pdbx_nonpoly_scheme.mon_id 
_pdbx_nonpoly_scheme.ndb_seq_num 
_pdbx_nonpoly_scheme.pdb_seq_num 
_pdbx_nonpoly_scheme.auth_seq_num 
_pdbx_nonpoly_scheme.pdb_mon_id 
_pdbx_nonpoly_scheme.auth_mon_id 
_pdbx_nonpoly_scheme.pdb_strand_id 
_pdbx_nonpoly_scheme.pdb_ins_code 
B 2 A1CRA 1  201 210 A1CRA LIG A . 
C 3 HOH   1  301 42  HOH   HOH A . 
C 3 HOH   2  302 69  HOH   HOH A . 
C 3 HOH   3  303 72  HOH   HOH A . 
C 3 HOH   4  304 68  HOH   HOH A . 
C 3 HOH   5  305 16  HOH   HOH A . 
C 3 HOH   6  306 56  HOH   HOH A . 
C 3 HOH   7  307 35  HOH   HOH A . 
C 3 HOH   8  308 78  HOH   HOH A . 
C 3 HOH   9  309 43  HOH   HOH A . 
C 3 HOH   10 310 40  HOH   HOH A . 
C 3 HOH   11 311 66  HOH   HOH A . 
C 3 HOH   12 312 28  HOH   HOH A . 
C 3 HOH   13 313 37  HOH   HOH A . 
C 3 HOH   14 314 64  HOH   HOH A . 
C 3 HOH   15 315 21  HOH   HOH A . 
C 3 HOH   16 316 80  HOH   HOH A . 
C 3 HOH   17 317 26  HOH   HOH A . 
C 3 HOH   18 318 25  HOH   HOH A . 
C 3 HOH   19 319 19  HOH   HOH A . 
C 3 HOH   20 320 14  HOH   HOH A . 
C 3 HOH   21 321 4   HOH   HOH A . 
C 3 HOH   22 322 46  HOH   HOH A . 
C 3 HOH   23 323 9   HOH   HOH A . 
C 3 HOH   24 324 44  HOH   HOH A . 
C 3 HOH   25 325 6   HOH   HOH A . 
C 3 HOH   26 326 3   HOH   HOH A . 
C 3 HOH   27 327 77  HOH   HOH A . 
C 3 HOH   28 328 65  HOH   HOH A . 
C 3 HOH   29 329 13  HOH   HOH A . 
C 3 HOH   30 330 73  HOH   HOH A . 
C 3 HOH   31 331 76  HOH   HOH A . 
C 3 HOH   32 332 22  HOH   HOH A . 
C 3 HOH   33 333 58  HOH   HOH A . 
C 3 HOH   34 334 10  HOH   HOH A . 
C 3 HOH   35 335 7   HOH   HOH A . 
C 3 HOH   36 336 48  HOH   HOH A . 
C 3 HOH   37 337 2   HOH   HOH A . 
C 3 HOH   38 338 8   HOH   HOH A . 
C 3 HOH   39 339 15  HOH   HOH A . 
C 3 HOH   40 340 12  HOH   HOH A . 
C 3 HOH   41 341 39  HOH   HOH A . 
C 3 HOH   42 342 45  HOH   HOH A . 
C 3 HOH   43 343 36  HOH   HOH A . 
C 3 HOH   44 344 62  HOH   HOH A . 
C 3 HOH   45 345 1   HOH   HOH A . 
C 3 HOH   46 346 55  HOH   HOH A . 
C 3 HOH   47 347 51  HOH   HOH A . 
C 3 HOH   48 348 30  HOH   HOH A . 
C 3 HOH   49 349 20  HOH   HOH A . 
C 3 HOH   50 350 81  HOH   HOH A . 
C 3 HOH   51 351 24  HOH   HOH A . 
C 3 HOH   52 352 49  HOH   HOH A . 
C 3 HOH   53 353 29  HOH   HOH A . 
C 3 HOH   54 354 74  HOH   HOH A . 
C 3 HOH   55 355 47  HOH   HOH A . 
C 3 HOH   56 356 50  HOH   HOH A . 
C 3 HOH   57 357 71  HOH   HOH A . 
C 3 HOH   58 358 18  HOH   HOH A . 
C 3 HOH   59 359 33  HOH   HOH A . 
C 3 HOH   60 360 31  HOH   HOH A . 
C 3 HOH   61 361 57  HOH   HOH A . 
C 3 HOH   62 362 17  HOH   HOH A . 
C 3 HOH   63 363 60  HOH   HOH A . 
C 3 HOH   64 364 27  HOH   HOH A . 
C 3 HOH   65 365 63  HOH   HOH A . 
C 3 HOH   66 366 67  HOH   HOH A . 
C 3 HOH   67 367 38  HOH   HOH A . 
C 3 HOH   68 368 52  HOH   HOH A . 
C 3 HOH   69 369 11  HOH   HOH A . 
C 3 HOH   70 370 23  HOH   HOH A . 
C 3 HOH   71 371 5   HOH   HOH A . 
C 3 HOH   72 372 34  HOH   HOH A . 
C 3 HOH   73 373 32  HOH   HOH A . 
C 3 HOH   74 374 61  HOH   HOH A . 
C 3 HOH   75 375 54  HOH   HOH A . 
C 3 HOH   76 376 75  HOH   HOH A . 
C 3 HOH   77 377 59  HOH   HOH A . 
C 3 HOH   78 378 79  HOH   HOH A . 
C 3 HOH   79 379 41  HOH   HOH A . 
C 3 HOH   80 380 53  HOH   HOH A . 
C 3 HOH   81 381 70  HOH   HOH A . 
C 3 HOH   82 382 82  HOH   HOH A . 
# 
loop_
_pdbx_unobs_or_zero_occ_atoms.id 
_pdbx_unobs_or_zero_occ_atoms.PDB_model_num 
_pdbx_unobs_or_zero_occ_atoms.polymer_flag 
_pdbx_unobs_or_zero_occ_atoms.occupancy_flag 
_pdbx_unobs_or_zero_occ_atoms.auth_asym_id 
_pdbx_unobs_or_zero_occ_atoms.auth_comp_id 
_pdbx_unobs_or_zero_occ_atoms.auth_seq_id 
_pdbx_unobs_or_zero_occ_atoms.PDB_ins_code 
_pdbx_unobs_or_zero_occ_atoms.auth_atom_id 
_pdbx_unobs_or_zero_occ_atoms.label_alt_id 
_pdbx_unobs_or_zero_occ_atoms.label_asym_id 
_pdbx_unobs_or_zero_occ_atoms.label_comp_id 
_pdbx_unobs_or_zero_occ_atoms.label_seq_id 
_pdbx_unobs_or_zero_occ_atoms.label_atom_id 
1 1 Y 1 A LYS 125 ? CG ? A LYS 116 CG 
2 1 Y 1 A LYS 125 ? CD ? A LYS 116 CD 
3 1 Y 1 A LYS 125 ? CE ? A LYS 116 CE 
4 1 Y 1 A LYS 125 ? NZ ? A LYS 116 NZ 
# 
loop_
_software.classification 
_software.name 
_software.version 
_software.citation_id 
_software.pdbx_ordinal 
refinement       REFMAC 5.8.0267 ? 1 
phasing          PHASER .        ? 2 
'data scaling'   XDS    .        ? 3 
'data reduction' XDS    .        ? 4 
# 
_cell.entry_id           7IBA 
_cell.length_a           36.680 
_cell.length_b           36.680 
_cell.length_c           142.280 
_cell.angle_alpha        90.00 
_cell.angle_beta         90.00 
_cell.angle_gamma        90.00 
_cell.Z_PDB              8 
_cell.pdbx_unique_axis   ? 
# 
_symmetry.entry_id                         7IBA 
_symmetry.space_group_name_H-M             'P 43 21 2' 
_symmetry.pdbx_full_space_group_name_H-M   ? 
_symmetry.cell_setting                     ? 
_symmetry.Int_Tables_number                96 
# 
_exptl.entry_id          7IBA 
_exptl.method            'X-RAY DIFFRACTION' 
_exptl.crystals_number   1 
# 
_exptl_crystal.id                    1 
_exptl_crystal.density_Matthews      1.86 
_exptl_crystal.density_percent_sol   34.02 
_exptl_crystal.density_meas          ? 
_exptl_crystal.description           ? 
# 
_exptl_crystal_grow.crystal_id      1 
_exptl_crystal_grow.method          'VAPOR DIFFUSION, SITTING DROP' 
_exptl_crystal_grow.pdbx_details    '0.1 M HEPES pH 7.5 and 25% (w/v) PEG 3350. Reproducibility was improved by seeding.' 
_exptl_crystal_grow.temp            293 
_exptl_crystal_grow.pH              7.5 
_exptl_crystal_grow.temp_details    ? 
_exptl_crystal_grow.pdbx_pH_range   ? 
# 
_diffrn.id                     1 
_diffrn.ambient_temp           100 
_diffrn.crystal_id             1 
_diffrn.ambient_temp_details   ? 
# 
_diffrn_detector.diffrn_id              1 
_diffrn_detector.detector               PIXEL 
_diffrn_detector.pdbx_collection_date   2023-05-02 
_diffrn_detector.type                   'DECTRIS PILATUS3 6M' 
_diffrn_detector.id                     1 
_diffrn_detector.details                ? 
# 
_diffrn_radiation.diffrn_id                        1 
_diffrn_radiation.pdbx_diffrn_protocol             'SINGLE WAVELENGTH' 
_diffrn_radiation.pdbx_monochromatic_or_laue_m_l   M 
_diffrn_radiation.pdbx_scattering_type             x-ray 
_diffrn_radiation.wavelength_id                    1 
_diffrn_radiation.monochromator                    ? 
# 
_diffrn_radiation_wavelength.id           1 
_diffrn_radiation_wavelength.wavelength   0.9184 
_diffrn_radiation_wavelength.wt           1.0 
# 
_diffrn_source.diffrn_id                   1 
_diffrn_source.pdbx_wavelength_list        0.9184 
_diffrn_source.source                      SYNCHROTRON 
_diffrn_source.type                        'BESSY BEAMLINE 14.1' 
_diffrn_source.pdbx_synchrotron_site       BESSY 
_diffrn_source.pdbx_synchrotron_beamline   14.1 
_diffrn_source.pdbx_wavelength             ? 
# 
_reflns.entry_id                     7IBA 
_reflns.pdbx_diffrn_id               1 
_reflns.pdbx_ordinal                 1 
_reflns.d_resolution_low             35.52 
_reflns.d_resolution_high            1.62 
_reflns.number_obs                   13174 
_reflns.percent_possible_obs         99.9 
_reflns.pdbx_Rmerge_I_obs            0.073 
_reflns.pdbx_netI_over_sigmaI        18.79 
_reflns.pdbx_Rrim_I_all              0.076 
_reflns.pdbx_CC_half                 1.0 
_reflns.pdbx_number_measured_all     162445 
_reflns.observed_criterion_sigma_I   ? 
_reflns.observed_criterion_sigma_F   ? 
_reflns.number_all                   ? 
_reflns.pdbx_Rsym_value              ? 
_reflns.B_iso_Wilson_estimate        ? 
_reflns.pdbx_redundancy              ? 
# 
loop_
_reflns_shell.pdbx_diffrn_id 
_reflns_shell.pdbx_ordinal 
_reflns_shell.d_res_high 
_reflns_shell.d_res_low 
_reflns_shell.number_measured_obs 
_reflns_shell.number_unique_obs 
_reflns_shell.Rmerge_I_obs 
_reflns_shell.percent_possible_obs 
_reflns_shell.pdbx_netI_over_sigmaI_obs 
_reflns_shell.pdbx_Rrim_I_all 
_reflns_shell.pdbx_CC_half 
_reflns_shell.percent_possible_all 
_reflns_shell.pdbx_Rsym_value 
_reflns_shell.meanI_over_sigI_obs 
_reflns_shell.pdbx_redundancy 
1 1 1.62 1.72 26665 2062 2.43                 100.0 0.97  2.529                0.395              ? ? ? ? 
1 2 1.72 1.84 24329 1959 1.3459999999999999   100.0 1.83  1.4040000000000001   0.716              ? ? ? ? 
1 3 1.84 1.98 22233 1798 0.638                99.8  3.85  0.6659999999999999   0.912              ? ? ? ? 
1 4 1.98 2.17 21921 1704 0.32                 100.0 7.96  0.33299999999999996  0.976              ? ? ? ? 
1 5 2.17 2.43 18364 1540 0.193                99.9  12.77 0.20199999999999999  0.991              ? ? ? ? 
1 6 2.43 2.8  17757 1375 0.11699999999999999  100.0 21.83 0.122                0.997              ? ? ? ? 
1 7 2.80 3.42 14058 1186 0.055                100.0 41.68 0.057999999999999996 0.9990000000000001 ? ? ? ? 
1 8 3.42 4.82 11147 958  0.026000000000000002 99.9  77.70 0.027999999999999997 1.0                ? ? ? ? 
1 9 4.82 ?    5971  592  0.022000000000000002 99.7  80.97 0.024                1.0                ? ? ? ? 
# 
_refine.pdbx_refine_id                           'X-RAY DIFFRACTION' 
_refine.entry_id                                 7IBA 
_refine.pdbx_diffrn_id                           1 
_refine.pdbx_TLS_residual_ADP_flag               ? 
_refine.ls_number_reflns_obs                     12514 
_refine.ls_number_reflns_all                     ? 
_refine.pdbx_ls_sigma_I                          ? 
_refine.pdbx_ls_sigma_F                          ? 
_refine.pdbx_data_cutoff_high_absF               ? 
_refine.pdbx_data_cutoff_low_absF                ? 
_refine.pdbx_data_cutoff_high_rms_absF           ? 
_refine.ls_d_res_low                             35.52 
_refine.ls_d_res_high                            1.62 
_refine.ls_percent_reflns_obs                    99.95 
_refine.ls_R_factor_obs                          0.21047 
_refine.ls_R_factor_all                          ? 
_refine.ls_R_factor_R_work                       0.20871 
_refine.ls_R_factor_R_free                       0.24215 
_refine.ls_R_factor_R_free_error                 ? 
_refine.ls_R_factor_R_free_error_details         ? 
_refine.ls_percent_reflns_R_free                 5.0 
_refine.ls_number_reflns_R_free                  659 
_refine.ls_number_parameters                     ? 
_refine.ls_number_restraints                     ? 
_refine.occupancy_min                            ? 
_refine.occupancy_max                            ? 
_refine.correlation_coeff_Fo_to_Fc               0.961 
_refine.correlation_coeff_Fo_to_Fc_free          0.940 
_refine.B_iso_mean                               35.550 
_refine.aniso_B[1][1]                            0.08 
_refine.aniso_B[2][2]                            0.08 
_refine.aniso_B[3][3]                            -0.15 
_refine.aniso_B[1][2]                            -0.00 
_refine.aniso_B[1][3]                            -0.00 
_refine.aniso_B[2][3]                            -0.00 
_refine.solvent_model_details                    MASK 
_refine.solvent_model_param_ksol                 ? 
_refine.solvent_model_param_bsol                 ? 
_refine.pdbx_solvent_vdw_probe_radii             1.20 
_refine.pdbx_solvent_ion_probe_radii             0.80 
_refine.pdbx_solvent_shrinkage_radii             0.80 
_refine.pdbx_ls_cross_valid_method               THROUGHOUT 
_refine.details                                  'HYDROGENS HAVE BEEN ADDED IN THE RIDING POSITIONS' 
_refine.pdbx_starting_model                      ? 
_refine.pdbx_method_to_determine_struct          'MOLECULAR REPLACEMENT' 
_refine.pdbx_isotropic_thermal_model             ? 
_refine.pdbx_stereochemistry_target_values       'MAXIMUM LIKELIHOOD' 
_refine.pdbx_stereochem_target_val_spec_case     ? 
_refine.pdbx_R_Free_selection_details            RANDOM 
_refine.pdbx_overall_ESU_R                       0.172 
_refine.pdbx_overall_ESU_R_Free                  0.141 
_refine.overall_SU_ML                            0.126 
_refine.pdbx_overall_phase_error                 ? 
_refine.overall_SU_B                             3.838 
_refine.overall_SU_R_Cruickshank_DPI             ? 
_refine.pdbx_overall_SU_R_free_Cruickshank_DPI   ? 
_refine.pdbx_overall_SU_R_Blow_DPI               ? 
_refine.pdbx_overall_SU_R_free_Blow_DPI          ? 
# 
_refine_hist.pdbx_refine_id                   'X-RAY DIFFRACTION' 
_refine_hist.cycle_id                         1 
_refine_hist.pdbx_number_atoms_protein        873 
_refine_hist.pdbx_number_atoms_nucleic_acid   0 
_refine_hist.pdbx_number_atoms_ligand         11 
_refine_hist.number_atoms_solvent             82 
_refine_hist.number_atoms_total               966 
_refine_hist.d_res_high                       1.62 
_refine_hist.d_res_low                        35.52 
# 
loop_
_refine_ls_restr.type 
_refine_ls_restr.dev_ideal 
_refine_ls_restr.dev_ideal_target 
_refine_ls_restr.weight 
_refine_ls_restr.number 
_refine_ls_restr.pdbx_refine_id 
_refine_ls_restr.pdbx_restraint_function 
r_bond_refined_d             0.007  0.015  ? 1901 'X-RAY DIFFRACTION' ? 
r_bond_other_d               0.001  0.017  ? 1540 'X-RAY DIFFRACTION' ? 
r_angle_refined_deg          1.396  1.636  ? 2040 'X-RAY DIFFRACTION' ? 
r_angle_other_deg            1.239  1.595  ? 3550 'X-RAY DIFFRACTION' ? 
r_dihedral_angle_1_deg       7.113  5.000  ? 193  'X-RAY DIFFRACTION' ? 
r_dihedral_angle_2_deg       26.755 21.884 ? 69   'X-RAY DIFFRACTION' ? 
r_dihedral_angle_3_deg       17.545 15.000 ? 291  'X-RAY DIFFRACTION' ? 
r_dihedral_angle_4_deg       20.483 15.000 ? 10   'X-RAY DIFFRACTION' ? 
r_chiral_restr               0.065  0.200  ? 181  'X-RAY DIFFRACTION' ? 
r_gen_planes_refined         0.006  0.020  ? 1691 'X-RAY DIFFRACTION' ? 
r_gen_planes_other           0.001  0.020  ? 317  'X-RAY DIFFRACTION' ? 
r_nbd_refined                ?      ?      ? ?    'X-RAY DIFFRACTION' ? 
r_nbd_other                  ?      ?      ? ?    'X-RAY DIFFRACTION' ? 
r_nbtor_refined              ?      ?      ? ?    'X-RAY DIFFRACTION' ? 
r_nbtor_other                ?      ?      ? ?    'X-RAY DIFFRACTION' ? 
r_xyhbond_nbd_refined        ?      ?      ? ?    'X-RAY DIFFRACTION' ? 
r_xyhbond_nbd_other          ?      ?      ? ?    'X-RAY DIFFRACTION' ? 
r_metal_ion_refined          ?      ?      ? ?    'X-RAY DIFFRACTION' ? 
r_metal_ion_other            ?      ?      ? ?    'X-RAY DIFFRACTION' ? 
r_symmetry_vdw_refined       ?      ?      ? ?    'X-RAY DIFFRACTION' ? 
r_symmetry_vdw_other         ?      ?      ? ?    'X-RAY DIFFRACTION' ? 
r_symmetry_hbond_refined     ?      ?      ? ?    'X-RAY DIFFRACTION' ? 
r_symmetry_hbond_other       ?      ?      ? ?    'X-RAY DIFFRACTION' ? 
r_symmetry_metal_ion_refined ?      ?      ? ?    'X-RAY DIFFRACTION' ? 
r_symmetry_metal_ion_other   ?      ?      ? ?    'X-RAY DIFFRACTION' ? 
r_mcbond_it                  2.159  3.388  ? 940  'X-RAY DIFFRACTION' ? 
r_mcbond_other               2.159  3.377  ? 922  'X-RAY DIFFRACTION' ? 
r_mcangle_it                 3.655  5.010  ? 945  'X-RAY DIFFRACTION' ? 
r_mcangle_other              3.656  5.013  ? 946  'X-RAY DIFFRACTION' ? 
r_scbond_it                  2.825  3.893  ? 961  'X-RAY DIFFRACTION' ? 
r_scbond_other               2.826  3.892  ? 960  'X-RAY DIFFRACTION' ? 
r_scangle_it                 ?      ?      ? ?    'X-RAY DIFFRACTION' ? 
r_scangle_other              5.013  5.610  ? 1096 'X-RAY DIFFRACTION' ? 
r_long_range_B_refined       7.128  39.267 ? 1529 'X-RAY DIFFRACTION' ? 
r_long_range_B_other         7.106  39.107 ? 1519 'X-RAY DIFFRACTION' ? 
r_rigid_bond_restr           ?      ?      ? ?    'X-RAY DIFFRACTION' ? 
r_sphericity_free            ?      ?      ? ?    'X-RAY DIFFRACTION' ? 
r_sphericity_bonded          ?      ?      ? ?    'X-RAY DIFFRACTION' ? 
# 
_refine_ls_shell.pdbx_refine_id                   'X-RAY DIFFRACTION' 
_refine_ls_shell.pdbx_total_number_of_bins_used   20 
_refine_ls_shell.d_res_high                       1.620 
_refine_ls_shell.d_res_low                        1.662 
_refine_ls_shell.number_reflns_R_work             898 
_refine_ls_shell.R_factor_R_work                  0.335 
_refine_ls_shell.percent_reflns_obs               100.00 
_refine_ls_shell.R_factor_R_free                  0.298 
_refine_ls_shell.R_factor_R_free_error            ? 
_refine_ls_shell.percent_reflns_R_free            ? 
_refine_ls_shell.number_reflns_R_free             47 
_refine_ls_shell.number_reflns_all                ? 
_refine_ls_shell.R_factor_all                     ? 
# 
_struct.entry_id                  7IBA 
_struct.title                     
'PanDDA analysis group deposition -- SARS-CoV-2 Nsp1 in complex with fragment X13162 (well B06) from the KIT library' 
_struct.pdbx_CASP_flag            N 
_struct.pdbx_model_details        ? 
_struct.pdbx_model_type_details   ? 
# 
_struct_keywords.entry_id        7IBA 
_struct_keywords.pdbx_keywords   'VIRAL PROTEIN' 
_struct_keywords.text            'SARS-CoV-2, fragment screen, Nsp1, KIT library, VIRAL PROTEIN' 
# 
loop_
_struct_asym.id 
_struct_asym.pdbx_blank_PDB_chainid_flag 
_struct_asym.pdbx_modified 
_struct_asym.entity_id 
_struct_asym.details 
A N N 1 ? 
B N N 2 ? 
C N N 3 ? 
# 
_struct_ref.id                         1 
_struct_ref.db_name                    UNP 
_struct_ref.db_code                    R1AB_SARS2 
_struct_ref.pdbx_db_accession          P0DTD1 
_struct_ref.pdbx_db_isoform            ? 
_struct_ref.entity_id                  1 
_struct_ref.pdbx_seq_one_letter_code   
;EKTHVQLSLPVLQVRDVLVRGFGDSVEEVLSEARQHLKDGTCGLVEVEKGVLPQLEQPYVFIKRSDARTAPHGHVMVELV
AELEGIQYGRSGETLGVLVPHVGEIPVAYRKVLLRK
;
_struct_ref.pdbx_align_begin           10 
# 
_struct_ref_seq.align_id                      1 
_struct_ref_seq.ref_id                        1 
_struct_ref_seq.pdbx_PDB_id_code              7IBA 
_struct_ref_seq.pdbx_strand_id                A 
_struct_ref_seq.seq_align_beg                 1 
_struct_ref_seq.pdbx_seq_align_beg_ins_code   ? 
_struct_ref_seq.seq_align_end                 116 
_struct_ref_seq.pdbx_seq_align_end_ins_code   ? 
_struct_ref_seq.pdbx_db_accession             P0DTD1 
_struct_ref_seq.db_align_beg                  10 
_struct_ref_seq.pdbx_db_align_beg_ins_code    ? 
_struct_ref_seq.db_align_end                  125 
_struct_ref_seq.pdbx_db_align_end_ins_code    ? 
_struct_ref_seq.pdbx_auth_seq_align_beg       10 
_struct_ref_seq.pdbx_auth_seq_align_end       125 
# 
_pdbx_struct_assembly.id                   1 
_pdbx_struct_assembly.details              author_and_software_defined_assembly 
_pdbx_struct_assembly.method_details       PISA 
_pdbx_struct_assembly.oligomeric_details   monomeric 
_pdbx_struct_assembly.oligomeric_count     1 
# 
loop_
_pdbx_struct_assembly_prop.biol_id 
_pdbx_struct_assembly_prop.type 
_pdbx_struct_assembly_prop.value 
_pdbx_struct_assembly_prop.details 
1 'ABSA (A^2)' 340  ? 
1 MORE         -1   ? 
1 'SSA (A^2)'  6420 ? 
# 
_pdbx_struct_assembly_gen.assembly_id       1 
_pdbx_struct_assembly_gen.oper_expression   1 
_pdbx_struct_assembly_gen.asym_id_list      A,B,C 
# 
_pdbx_struct_oper_list.id                   1 
_pdbx_struct_oper_list.type                 'identity operation' 
_pdbx_struct_oper_list.name                 1_555 
_pdbx_struct_oper_list.symmetry_operation   x,y,z 
_pdbx_struct_oper_list.matrix[1][1]         1.0000000000 
_pdbx_struct_oper_list.matrix[1][2]         0.0000000000 
_pdbx_struct_oper_list.matrix[1][3]         0.0000000000 
_pdbx_struct_oper_list.vector[1]            0.0000000000 
_pdbx_struct_oper_list.matrix[2][1]         0.0000000000 
_pdbx_struct_oper_list.matrix[2][2]         1.0000000000 
_pdbx_struct_oper_list.matrix[2][3]         0.0000000000 
_pdbx_struct_oper_list.vector[2]            0.0000000000 
_pdbx_struct_oper_list.matrix[3][1]         0.0000000000 
_pdbx_struct_oper_list.matrix[3][2]         0.0000000000 
_pdbx_struct_oper_list.matrix[3][3]         1.0000000000 
_pdbx_struct_oper_list.vector[3]            0.0000000000 
# 
loop_
_struct_conf.conf_type_id 
_struct_conf.id 
_struct_conf.pdbx_PDB_helix_id 
_struct_conf.beg_label_comp_id 
_struct_conf.beg_label_asym_id 
_struct_conf.beg_label_seq_id 
_struct_conf.pdbx_beg_PDB_ins_code 
_struct_conf.end_label_comp_id 
_struct_conf.end_label_asym_id 
_struct_conf.end_label_seq_id 
_struct_conf.pdbx_end_PDB_ins_code 
_struct_conf.beg_auth_comp_id 
_struct_conf.beg_auth_asym_id 
_struct_conf.beg_auth_seq_id 
_struct_conf.end_auth_comp_id 
_struct_conf.end_auth_asym_id 
_struct_conf.end_auth_seq_id 
_struct_conf.pdbx_PDB_helix_class 
_struct_conf.details 
_struct_conf.pdbx_PDB_helix_length 
HELX_P HELX_P1 AA1 GLN A 13 ? VAL A 17 ? GLN A 22 VAL A 26 5 ? 5  
HELX_P HELX_P2 AA2 SER A 25 ? ASP A 39 ? SER A 34 ASP A 48 1 ? 15 
HELX_P HELX_P3 AA3 VAL A 51 ? LEU A 55 ? VAL A 60 LEU A 64 5 ? 5  
HELX_P HELX_P4 AA4 ALA A 70 ? HIS A 74 ? ALA A 79 HIS A 83 5 ? 5  
# 
_struct_conf_type.id          HELX_P 
_struct_conf_type.criteria    ? 
_struct_conf_type.reference   ? 
# 
_struct_mon_prot_cis.pdbx_id                1 
_struct_mon_prot_cis.label_comp_id          GLN 
_struct_mon_prot_cis.label_seq_id           57 
_struct_mon_prot_cis.label_asym_id          A 
_struct_mon_prot_cis.label_alt_id           . 
_struct_mon_prot_cis.pdbx_PDB_ins_code      ? 
_struct_mon_prot_cis.auth_comp_id           GLN 
_struct_mon_prot_cis.auth_seq_id            66 
_struct_mon_prot_cis.auth_asym_id           A 
_struct_mon_prot_cis.pdbx_label_comp_id_2   PRO 
_struct_mon_prot_cis.pdbx_label_seq_id_2    58 
_struct_mon_prot_cis.pdbx_label_asym_id_2   A 
_struct_mon_prot_cis.pdbx_PDB_ins_code_2    ? 
_struct_mon_prot_cis.pdbx_auth_comp_id_2    PRO 
_struct_mon_prot_cis.pdbx_auth_seq_id_2     67 
_struct_mon_prot_cis.pdbx_auth_asym_id_2    A 
_struct_mon_prot_cis.pdbx_PDB_model_num     1 
_struct_mon_prot_cis.pdbx_omega_angle       -6.90 
# 
_struct_sheet.id               AA1 
_struct_sheet.type             ? 
_struct_sheet.number_strands   8 
_struct_sheet.details          ? 
# 
loop_
_struct_sheet_order.sheet_id 
_struct_sheet_order.range_id_1 
_struct_sheet_order.range_id_2 
_struct_sheet_order.offset 
_struct_sheet_order.sense 
AA1 1 2 ? anti-parallel 
AA1 2 3 ? parallel      
AA1 3 4 ? anti-parallel 
AA1 4 5 ? parallel      
AA1 5 6 ? anti-parallel 
AA1 6 7 ? anti-parallel 
AA1 7 8 ? anti-parallel 
# 
loop_
_struct_sheet_range.sheet_id 
_struct_sheet_range.id 
_struct_sheet_range.beg_label_comp_id 
_struct_sheet_range.beg_label_asym_id 
_struct_sheet_range.beg_label_seq_id 
_struct_sheet_range.pdbx_beg_PDB_ins_code 
_struct_sheet_range.end_label_comp_id 
_struct_sheet_range.end_label_asym_id 
_struct_sheet_range.end_label_seq_id 
_struct_sheet_range.pdbx_end_PDB_ins_code 
_struct_sheet_range.beg_auth_comp_id 
_struct_sheet_range.beg_auth_asym_id 
_struct_sheet_range.beg_auth_seq_id 
_struct_sheet_range.end_auth_comp_id 
_struct_sheet_range.end_auth_asym_id 
_struct_sheet_range.end_auth_seq_id 
AA1 1 ILE A 86  ? TYR A 88  ? ILE A 95  TYR A 97  
AA1 2 VAL A 75  ? LEU A 83  ? VAL A 84  LEU A 92  
AA1 3 ALA A 108 ? ARG A 115 ? ALA A 117 ARG A 124 
AA1 4 HIS A 4   ? VAL A 11  ? HIS A 13  VAL A 20  
AA1 5 CYS A 42  ? VAL A 45  ? CYS A 51  VAL A 54  
AA1 6 THR A 94  ? PRO A 100 ? THR A 103 PRO A 109 
AA1 7 TYR A 59  ? ARG A 64  ? TYR A 68  ARG A 73  
AA1 8 VAL A 75  ? LEU A 83  ? VAL A 84  LEU A 92  
# 
loop_
_pdbx_struct_sheet_hbond.sheet_id 
_pdbx_struct_sheet_hbond.range_id_1 
_pdbx_struct_sheet_hbond.range_id_2 
_pdbx_struct_sheet_hbond.range_1_label_atom_id 
_pdbx_struct_sheet_hbond.range_1_label_comp_id 
_pdbx_struct_sheet_hbond.range_1_label_asym_id 
_pdbx_struct_sheet_hbond.range_1_label_seq_id 
_pdbx_struct_sheet_hbond.range_1_PDB_ins_code 
_pdbx_struct_sheet_hbond.range_1_auth_atom_id 
_pdbx_struct_sheet_hbond.range_1_auth_comp_id 
_pdbx_struct_sheet_hbond.range_1_auth_asym_id 
_pdbx_struct_sheet_hbond.range_1_auth_seq_id 
_pdbx_struct_sheet_hbond.range_2_label_atom_id 
_pdbx_struct_sheet_hbond.range_2_label_comp_id 
_pdbx_struct_sheet_hbond.range_2_label_asym_id 
_pdbx_struct_sheet_hbond.range_2_label_seq_id 
_pdbx_struct_sheet_hbond.range_2_PDB_ins_code 
_pdbx_struct_sheet_hbond.range_2_auth_atom_id 
_pdbx_struct_sheet_hbond.range_2_auth_comp_id 
_pdbx_struct_sheet_hbond.range_2_auth_asym_id 
_pdbx_struct_sheet_hbond.range_2_auth_seq_id 
AA1 1 2 O TYR A 88  ? O TYR A 97  N ALA A 81  ? N ALA A 90  
AA1 2 3 N VAL A 75  ? N VAL A 84  O LEU A 113 ? O LEU A 122 
AA1 3 4 O VAL A 112 ? O VAL A 121 N LEU A 7   ? N LEU A 16  
AA1 4 5 N PRO A 10  ? N PRO A 19  O LEU A 44  ? O LEU A 53  
AA1 5 6 N GLY A 43  ? N GLY A 52  O VAL A 99  ? O VAL A 108 
AA1 6 7 O LEU A 98  ? O LEU A 107 N VAL A 60  ? N VAL A 69  
AA1 7 8 N PHE A 61  ? N PHE A 70  O VAL A 80  ? O VAL A 89  
# 
_pdbx_entry_details.entry_id                   7IBA 
_pdbx_entry_details.has_ligand_of_interest     Y 
_pdbx_entry_details.compound_details           ? 
_pdbx_entry_details.source_details             ? 
_pdbx_entry_details.nonpolymer_details         ? 
_pdbx_entry_details.sequence_details           ? 
_pdbx_entry_details.has_protein_modification   N 
# 
_pdbx_validate_close_contact.id               1 
_pdbx_validate_close_contact.PDB_model_num    1 
_pdbx_validate_close_contact.auth_atom_id_1   O 
_pdbx_validate_close_contact.auth_asym_id_1   A 
_pdbx_validate_close_contact.auth_comp_id_1   HOH 
_pdbx_validate_close_contact.auth_seq_id_1    344 
_pdbx_validate_close_contact.PDB_ins_code_1   ? 
_pdbx_validate_close_contact.label_alt_id_1   ? 
_pdbx_validate_close_contact.auth_atom_id_2   O 
_pdbx_validate_close_contact.auth_asym_id_2   A 
_pdbx_validate_close_contact.auth_comp_id_2   HOH 
_pdbx_validate_close_contact.auth_seq_id_2    373 
_pdbx_validate_close_contact.PDB_ins_code_2   ? 
_pdbx_validate_close_contact.label_alt_id_2   ? 
_pdbx_validate_close_contact.dist             2.08 
# 
loop_
_pdbx_validate_symm_contact.id 
_pdbx_validate_symm_contact.PDB_model_num 
_pdbx_validate_symm_contact.auth_atom_id_1 
_pdbx_validate_symm_contact.auth_asym_id_1 
_pdbx_validate_symm_contact.auth_comp_id_1 
_pdbx_validate_symm_contact.auth_seq_id_1 
_pdbx_validate_symm_contact.PDB_ins_code_1 
_pdbx_validate_symm_contact.label_alt_id_1 
_pdbx_validate_symm_contact.site_symmetry_1 
_pdbx_validate_symm_contact.auth_atom_id_2 
_pdbx_validate_symm_contact.auth_asym_id_2 
_pdbx_validate_symm_contact.auth_comp_id_2 
_pdbx_validate_symm_contact.auth_seq_id_2 
_pdbx_validate_symm_contact.PDB_ins_code_2 
_pdbx_validate_symm_contact.label_alt_id_2 
_pdbx_validate_symm_contact.site_symmetry_2 
_pdbx_validate_symm_contact.dist 
1 1 O  A HOH 336 ? ? 1_555 O A HOH 368 ? ? 7_645 1.94 
2 1 NZ A LYS 11  ? C 1_555 O A VAL 56  ? ? 7_655 2.17 
3 1 NZ A LYS 11  ? D 1_555 O A VAL 56  ? ? 7_655 2.17 
# 
_pdbx_validate_torsion.id              1 
_pdbx_validate_torsion.PDB_model_num   1 
_pdbx_validate_torsion.auth_comp_id    ASP 
_pdbx_validate_torsion.auth_asym_id    A 
_pdbx_validate_torsion.auth_seq_id     75 
_pdbx_validate_torsion.PDB_ins_code    ? 
_pdbx_validate_torsion.label_alt_id    ? 
_pdbx_validate_torsion.phi             176.22 
_pdbx_validate_torsion.psi             163.04 
# 
loop_
_pdbx_struct_special_symmetry.id 
_pdbx_struct_special_symmetry.PDB_model_num 
_pdbx_struct_special_symmetry.auth_asym_id 
_pdbx_struct_special_symmetry.auth_comp_id 
_pdbx_struct_special_symmetry.auth_seq_id 
_pdbx_struct_special_symmetry.PDB_ins_code 
_pdbx_struct_special_symmetry.label_asym_id 
_pdbx_struct_special_symmetry.label_comp_id 
_pdbx_struct_special_symmetry.label_seq_id 
1 1 A HOH 301 ? C HOH . 
2 1 A HOH 324 ? C HOH . 
3 1 A HOH 366 ? C HOH . 
# 
loop_
_pdbx_unobs_or_zero_occ_residues.id 
_pdbx_unobs_or_zero_occ_residues.PDB_model_num 
_pdbx_unobs_or_zero_occ_residues.polymer_flag 
_pdbx_unobs_or_zero_occ_residues.occupancy_flag 
_pdbx_unobs_or_zero_occ_residues.auth_asym_id 
_pdbx_unobs_or_zero_occ_residues.auth_comp_id 
_pdbx_unobs_or_zero_occ_residues.auth_seq_id 
_pdbx_unobs_or_zero_occ_residues.PDB_ins_code 
_pdbx_unobs_or_zero_occ_residues.label_asym_id 
_pdbx_unobs_or_zero_occ_residues.label_comp_id 
_pdbx_unobs_or_zero_occ_residues.label_seq_id 
1 1 Y 1 A GLU 10 ? A GLU 1  
2 1 Y 1 A ARG 77 ? A ARG 68 
3 1 Y 1 A THR 78 ? A THR 69 
# 
loop_
_chem_comp_atom.comp_id 
_chem_comp_atom.atom_id 
_chem_comp_atom.type_symbol 
_chem_comp_atom.pdbx_aromatic_flag 
_chem_comp_atom.pdbx_stereo_config 
_chem_comp_atom.pdbx_ordinal 
A1CRA N01  N N N 1   
A1CRA C02  C N N 2   
A1CRA C03  C N N 3   
A1CRA C04  C Y N 4   
A1CRA C05  C Y N 5   
A1CRA C06  C Y N 6   
A1CRA C07  C Y N 7   
A1CRA C08  C Y N 8   
A1CRA C09  C Y N 9   
A1CRA I10  I N N 10  
A1CRA O11  O N N 11  
A1CRA H1   H N N 12  
A1CRA H2   H N N 13  
A1CRA H4   H N N 14  
A1CRA H5   H N N 15  
A1CRA H6   H N N 16  
A1CRA H7   H N N 17  
A1CRA H8   H N N 18  
A1CRA H9   H N N 19  
A1CRA H10  H N N 20  
A1CRA H11  H N N 21  
ALA   N    N N N 22  
ALA   CA   C N S 23  
ALA   C    C N N 24  
ALA   O    O N N 25  
ALA   CB   C N N 26  
ALA   OXT  O N N 27  
ALA   H    H N N 28  
ALA   H2   H N N 29  
ALA   HA   H N N 30  
ALA   HB1  H N N 31  
ALA   HB2  H N N 32  
ALA   HB3  H N N 33  
ALA   HXT  H N N 34  
ARG   N    N N N 35  
ARG   CA   C N S 36  
ARG   C    C N N 37  
ARG   O    O N N 38  
ARG   CB   C N N 39  
ARG   CG   C N N 40  
ARG   CD   C N N 41  
ARG   NE   N N N 42  
ARG   CZ   C N N 43  
ARG   NH1  N N N 44  
ARG   NH2  N N N 45  
ARG   OXT  O N N 46  
ARG   H    H N N 47  
ARG   H2   H N N 48  
ARG   HA   H N N 49  
ARG   HB2  H N N 50  
ARG   HB3  H N N 51  
ARG   HG2  H N N 52  
ARG   HG3  H N N 53  
ARG   HD2  H N N 54  
ARG   HD3  H N N 55  
ARG   HE   H N N 56  
ARG   HH11 H N N 57  
ARG   HH12 H N N 58  
ARG   HH21 H N N 59  
ARG   HH22 H N N 60  
ARG   HXT  H N N 61  
ASP   N    N N N 62  
ASP   CA   C N S 63  
ASP   C    C N N 64  
ASP   O    O N N 65  
ASP   CB   C N N 66  
ASP   CG   C N N 67  
ASP   OD1  O N N 68  
ASP   OD2  O N N 69  
ASP   OXT  O N N 70  
ASP   H    H N N 71  
ASP   H2   H N N 72  
ASP   HA   H N N 73  
ASP   HB2  H N N 74  
ASP   HB3  H N N 75  
ASP   HD2  H N N 76  
ASP   HXT  H N N 77  
CYS   N    N N N 78  
CYS   CA   C N R 79  
CYS   C    C N N 80  
CYS   O    O N N 81  
CYS   CB   C N N 82  
CYS   SG   S N N 83  
CYS   OXT  O N N 84  
CYS   H    H N N 85  
CYS   H2   H N N 86  
CYS   HA   H N N 87  
CYS   HB2  H N N 88  
CYS   HB3  H N N 89  
CYS   HG   H N N 90  
CYS   HXT  H N N 91  
GLN   N    N N N 92  
GLN   CA   C N S 93  
GLN   C    C N N 94  
GLN   O    O N N 95  
GLN   CB   C N N 96  
GLN   CG   C N N 97  
GLN   CD   C N N 98  
GLN   OE1  O N N 99  
GLN   NE2  N N N 100 
GLN   OXT  O N N 101 
GLN   H    H N N 102 
GLN   H2   H N N 103 
GLN   HA   H N N 104 
GLN   HB2  H N N 105 
GLN   HB3  H N N 106 
GLN   HG2  H N N 107 
GLN   HG3  H N N 108 
GLN   HE21 H N N 109 
GLN   HE22 H N N 110 
GLN   HXT  H N N 111 
GLU   N    N N N 112 
GLU   CA   C N S 113 
GLU   C    C N N 114 
GLU   O    O N N 115 
GLU   CB   C N N 116 
GLU   CG   C N N 117 
GLU   CD   C N N 118 
GLU   OE1  O N N 119 
GLU   OE2  O N N 120 
GLU   OXT  O N N 121 
GLU   H    H N N 122 
GLU   H2   H N N 123 
GLU   HA   H N N 124 
GLU   HB2  H N N 125 
GLU   HB3  H N N 126 
GLU   HG2  H N N 127 
GLU   HG3  H N N 128 
GLU   HE2  H N N 129 
GLU   HXT  H N N 130 
GLY   N    N N N 131 
GLY   CA   C N N 132 
GLY   C    C N N 133 
GLY   O    O N N 134 
GLY   OXT  O N N 135 
GLY   H    H N N 136 
GLY   H2   H N N 137 
GLY   HA2  H N N 138 
GLY   HA3  H N N 139 
GLY   HXT  H N N 140 
HIS   N    N N N 141 
HIS   CA   C N S 142 
HIS   C    C N N 143 
HIS   O    O N N 144 
HIS   CB   C N N 145 
HIS   CG   C Y N 146 
HIS   ND1  N Y N 147 
HIS   CD2  C Y N 148 
HIS   CE1  C Y N 149 
HIS   NE2  N Y N 150 
HIS   OXT  O N N 151 
HIS   H    H N N 152 
HIS   H2   H N N 153 
HIS   HA   H N N 154 
HIS   HB2  H N N 155 
HIS   HB3  H N N 156 
HIS   HD1  H N N 157 
HIS   HD2  H N N 158 
HIS   HE1  H N N 159 
HIS   HE2  H N N 160 
HIS   HXT  H N N 161 
HOH   O    O N N 162 
HOH   H1   H N N 163 
HOH   H2   H N N 164 
ILE   N    N N N 165 
ILE   CA   C N S 166 
ILE   C    C N N 167 
ILE   O    O N N 168 
ILE   CB   C N S 169 
ILE   CG1  C N N 170 
ILE   CG2  C N N 171 
ILE   CD1  C N N 172 
ILE   OXT  O N N 173 
ILE   H    H N N 174 
ILE   H2   H N N 175 
ILE   HA   H N N 176 
ILE   HB   H N N 177 
ILE   HG12 H N N 178 
ILE   HG13 H N N 179 
ILE   HG21 H N N 180 
ILE   HG22 H N N 181 
ILE   HG23 H N N 182 
ILE   HD11 H N N 183 
ILE   HD12 H N N 184 
ILE   HD13 H N N 185 
ILE   HXT  H N N 186 
LEU   N    N N N 187 
LEU   CA   C N S 188 
LEU   C    C N N 189 
LEU   O    O N N 190 
LEU   CB   C N N 191 
LEU   CG   C N N 192 
LEU   CD1  C N N 193 
LEU   CD2  C N N 194 
LEU   OXT  O N N 195 
LEU   H    H N N 196 
LEU   H2   H N N 197 
LEU   HA   H N N 198 
LEU   HB2  H N N 199 
LEU   HB3  H N N 200 
LEU   HG   H N N 201 
LEU   HD11 H N N 202 
LEU   HD12 H N N 203 
LEU   HD13 H N N 204 
LEU   HD21 H N N 205 
LEU   HD22 H N N 206 
LEU   HD23 H N N 207 
LEU   HXT  H N N 208 
LYS   N    N N N 209 
LYS   CA   C N S 210 
LYS   C    C N N 211 
LYS   O    O N N 212 
LYS   CB   C N N 213 
LYS   CG   C N N 214 
LYS   CD   C N N 215 
LYS   CE   C N N 216 
LYS   NZ   N N N 217 
LYS   OXT  O N N 218 
LYS   H    H N N 219 
LYS   H2   H N N 220 
LYS   HA   H N N 221 
LYS   HB2  H N N 222 
LYS   HB3  H N N 223 
LYS   HG2  H N N 224 
LYS   HG3  H N N 225 
LYS   HD2  H N N 226 
LYS   HD3  H N N 227 
LYS   HE2  H N N 228 
LYS   HE3  H N N 229 
LYS   HZ1  H N N 230 
LYS   HZ2  H N N 231 
LYS   HZ3  H N N 232 
LYS   HXT  H N N 233 
MET   N    N N N 234 
MET   CA   C N S 235 
MET   C    C N N 236 
MET   O    O N N 237 
MET   CB   C N N 238 
MET   CG   C N N 239 
MET   SD   S N N 240 
MET   CE   C N N 241 
MET   OXT  O N N 242 
MET   H    H N N 243 
MET   H2   H N N 244 
MET   HA   H N N 245 
MET   HB2  H N N 246 
MET   HB3  H N N 247 
MET   HG2  H N N 248 
MET   HG3  H N N 249 
MET   HE1  H N N 250 
MET   HE2  H N N 251 
MET   HE3  H N N 252 
MET   HXT  H N N 253 
PHE   N    N N N 254 
PHE   CA   C N S 255 
PHE   C    C N N 256 
PHE   O    O N N 257 
PHE   CB   C N N 258 
PHE   CG   C Y N 259 
PHE   CD1  C Y N 260 
PHE   CD2  C Y N 261 
PHE   CE1  C Y N 262 
PHE   CE2  C Y N 263 
PHE   CZ   C Y N 264 
PHE   OXT  O N N 265 
PHE   H    H N N 266 
PHE   H2   H N N 267 
PHE   HA   H N N 268 
PHE   HB2  H N N 269 
PHE   HB3  H N N 270 
PHE   HD1  H N N 271 
PHE   HD2  H N N 272 
PHE   HE1  H N N 273 
PHE   HE2  H N N 274 
PHE   HZ   H N N 275 
PHE   HXT  H N N 276 
PRO   N    N N N 277 
PRO   CA   C N S 278 
PRO   C    C N N 279 
PRO   O    O N N 280 
PRO   CB   C N N 281 
PRO   CG   C N N 282 
PRO   CD   C N N 283 
PRO   OXT  O N N 284 
PRO   H    H N N 285 
PRO   HA   H N N 286 
PRO   HB2  H N N 287 
PRO   HB3  H N N 288 
PRO   HG2  H N N 289 
PRO   HG3  H N N 290 
PRO   HD2  H N N 291 
PRO   HD3  H N N 292 
PRO   HXT  H N N 293 
SER   N    N N N 294 
SER   CA   C N S 295 
SER   C    C N N 296 
SER   O    O N N 297 
SER   CB   C N N 298 
SER   OG   O N N 299 
SER   OXT  O N N 300 
SER   H    H N N 301 
SER   H2   H N N 302 
SER   HA   H N N 303 
SER   HB2  H N N 304 
SER   HB3  H N N 305 
SER   HG   H N N 306 
SER   HXT  H N N 307 
THR   N    N N N 308 
THR   CA   C N S 309 
THR   C    C N N 310 
THR   O    O N N 311 
THR   CB   C N R 312 
THR   OG1  O N N 313 
THR   CG2  C N N 314 
THR   OXT  O N N 315 
THR   H    H N N 316 
THR   H2   H N N 317 
THR   HA   H N N 318 
THR   HB   H N N 319 
THR   HG1  H N N 320 
THR   HG21 H N N 321 
THR   HG22 H N N 322 
THR   HG23 H N N 323 
THR   HXT  H N N 324 
TYR   N    N N N 325 
TYR   CA   C N S 326 
TYR   C    C N N 327 
TYR   O    O N N 328 
TYR   CB   C N N 329 
TYR   CG   C Y N 330 
TYR   CD1  C Y N 331 
TYR   CD2  C Y N 332 
TYR   CE1  C Y N 333 
TYR   CE2  C Y N 334 
TYR   CZ   C Y N 335 
TYR   OH   O N N 336 
TYR   OXT  O N N 337 
TYR   H    H N N 338 
TYR   H2   H N N 339 
TYR   HA   H N N 340 
TYR   HB2  H N N 341 
TYR   HB3  H N N 342 
TYR   HD1  H N N 343 
TYR   HD2  H N N 344 
TYR   HE1  H N N 345 
TYR   HE2  H N N 346 
TYR   HH   H N N 347 
TYR   HXT  H N N 348 
VAL   N    N N N 349 
VAL   CA   C N S 350 
VAL   C    C N N 351 
VAL   O    O N N 352 
VAL   CB   C N N 353 
VAL   CG1  C N N 354 
VAL   CG2  C N N 355 
VAL   OXT  O N N 356 
VAL   H    H N N 357 
VAL   H2   H N N 358 
VAL   HA   H N N 359 
VAL   HB   H N N 360 
VAL   HG11 H N N 361 
VAL   HG12 H N N 362 
VAL   HG13 H N N 363 
VAL   HG21 H N N 364 
VAL   HG22 H N N 365 
VAL   HG23 H N N 366 
VAL   HXT  H N N 367 
# 
loop_
_chem_comp_bond.comp_id 
_chem_comp_bond.atom_id_1 
_chem_comp_bond.atom_id_2 
_chem_comp_bond.value_order 
_chem_comp_bond.pdbx_aromatic_flag 
_chem_comp_bond.pdbx_stereo_config 
_chem_comp_bond.pdbx_ordinal 
A1CRA C05 C06  doub Y N 1   
A1CRA C05 C04  sing Y N 2   
A1CRA C06 C07  sing Y N 3   
A1CRA C03 C04  sing N N 4   
A1CRA C03 C02  sing N N 5   
A1CRA C04 C09  doub Y N 6   
A1CRA C07 O11  sing N N 7   
A1CRA C07 C08  doub Y N 8   
A1CRA N01 C02  sing N N 9   
A1CRA C09 C08  sing Y N 10  
A1CRA C08 I10  sing N N 11  
A1CRA N01 H1   sing N N 12  
A1CRA N01 H2   sing N N 13  
A1CRA C02 H4   sing N N 14  
A1CRA C02 H5   sing N N 15  
A1CRA C03 H6   sing N N 16  
A1CRA C03 H7   sing N N 17  
A1CRA C05 H8   sing N N 18  
A1CRA C06 H9   sing N N 19  
A1CRA C09 H10  sing N N 20  
A1CRA O11 H11  sing N N 21  
ALA   N   CA   sing N N 22  
ALA   N   H    sing N N 23  
ALA   N   H2   sing N N 24  
ALA   CA  C    sing N N 25  
ALA   CA  CB   sing N N 26  
ALA   CA  HA   sing N N 27  
ALA   C   O    doub N N 28  
ALA   C   OXT  sing N N 29  
ALA   CB  HB1  sing N N 30  
ALA   CB  HB2  sing N N 31  
ALA   CB  HB3  sing N N 32  
ALA   OXT HXT  sing N N 33  
ARG   N   CA   sing N N 34  
ARG   N   H    sing N N 35  
ARG   N   H2   sing N N 36  
ARG   CA  C    sing N N 37  
ARG   CA  CB   sing N N 38  
ARG   CA  HA   sing N N 39  
ARG   C   O    doub N N 40  
ARG   C   OXT  sing N N 41  
ARG   CB  CG   sing N N 42  
ARG   CB  HB2  sing N N 43  
ARG   CB  HB3  sing N N 44  
ARG   CG  CD   sing N N 45  
ARG   CG  HG2  sing N N 46  
ARG   CG  HG3  sing N N 47  
ARG   CD  NE   sing N N 48  
ARG   CD  HD2  sing N N 49  
ARG   CD  HD3  sing N N 50  
ARG   NE  CZ   sing N N 51  
ARG   NE  HE   sing N N 52  
ARG   CZ  NH1  sing N N 53  
ARG   CZ  NH2  doub N N 54  
ARG   NH1 HH11 sing N N 55  
ARG   NH1 HH12 sing N N 56  
ARG   NH2 HH21 sing N N 57  
ARG   NH2 HH22 sing N N 58  
ARG   OXT HXT  sing N N 59  
ASP   N   CA   sing N N 60  
ASP   N   H    sing N N 61  
ASP   N   H2   sing N N 62  
ASP   CA  C    sing N N 63  
ASP   CA  CB   sing N N 64  
ASP   CA  HA   sing N N 65  
ASP   C   O    doub N N 66  
ASP   C   OXT  sing N N 67  
ASP   CB  CG   sing N N 68  
ASP   CB  HB2  sing N N 69  
ASP   CB  HB3  sing N N 70  
ASP   CG  OD1  doub N N 71  
ASP   CG  OD2  sing N N 72  
ASP   OD2 HD2  sing N N 73  
ASP   OXT HXT  sing N N 74  
CYS   N   CA   sing N N 75  
CYS   N   H    sing N N 76  
CYS   N   H2   sing N N 77  
CYS   CA  C    sing N N 78  
CYS   CA  CB   sing N N 79  
CYS   CA  HA   sing N N 80  
CYS   C   O    doub N N 81  
CYS   C   OXT  sing N N 82  
CYS   CB  SG   sing N N 83  
CYS   CB  HB2  sing N N 84  
CYS   CB  HB3  sing N N 85  
CYS   SG  HG   sing N N 86  
CYS   OXT HXT  sing N N 87  
GLN   N   CA   sing N N 88  
GLN   N   H    sing N N 89  
GLN   N   H2   sing N N 90  
GLN   CA  C    sing N N 91  
GLN   CA  CB   sing N N 92  
GLN   CA  HA   sing N N 93  
GLN   C   O    doub N N 94  
GLN   C   OXT  sing N N 95  
GLN   CB  CG   sing N N 96  
GLN   CB  HB2  sing N N 97  
GLN   CB  HB3  sing N N 98  
GLN   CG  CD   sing N N 99  
GLN   CG  HG2  sing N N 100 
GLN   CG  HG3  sing N N 101 
GLN   CD  OE1  doub N N 102 
GLN   CD  NE2  sing N N 103 
GLN   NE2 HE21 sing N N 104 
GLN   NE2 HE22 sing N N 105 
GLN   OXT HXT  sing N N 106 
GLU   N   CA   sing N N 107 
GLU   N   H    sing N N 108 
GLU   N   H2   sing N N 109 
GLU   CA  C    sing N N 110 
GLU   CA  CB   sing N N 111 
GLU   CA  HA   sing N N 112 
GLU   C   O    doub N N 113 
GLU   C   OXT  sing N N 114 
GLU   CB  CG   sing N N 115 
GLU   CB  HB2  sing N N 116 
GLU   CB  HB3  sing N N 117 
GLU   CG  CD   sing N N 118 
GLU   CG  HG2  sing N N 119 
GLU   CG  HG3  sing N N 120 
GLU   CD  OE1  doub N N 121 
GLU   CD  OE2  sing N N 122 
GLU   OE2 HE2  sing N N 123 
GLU   OXT HXT  sing N N 124 
GLY   N   CA   sing N N 125 
GLY   N   H    sing N N 126 
GLY   N   H2   sing N N 127 
GLY   CA  C    sing N N 128 
GLY   CA  HA2  sing N N 129 
GLY   CA  HA3  sing N N 130 
GLY   C   O    doub N N 131 
GLY   C   OXT  sing N N 132 
GLY   OXT HXT  sing N N 133 
HIS   N   CA   sing N N 134 
HIS   N   H    sing N N 135 
HIS   N   H2   sing N N 136 
HIS   CA  C    sing N N 137 
HIS   CA  CB   sing N N 138 
HIS   CA  HA   sing N N 139 
HIS   C   O    doub N N 140 
HIS   C   OXT  sing N N 141 
HIS   CB  CG   sing N N 142 
HIS   CB  HB2  sing N N 143 
HIS   CB  HB3  sing N N 144 
HIS   CG  ND1  sing Y N 145 
HIS   CG  CD2  doub Y N 146 
HIS   ND1 CE1  doub Y N 147 
HIS   ND1 HD1  sing N N 148 
HIS   CD2 NE2  sing Y N 149 
HIS   CD2 HD2  sing N N 150 
HIS   CE1 NE2  sing Y N 151 
HIS   CE1 HE1  sing N N 152 
HIS   NE2 HE2  sing N N 153 
HIS   OXT HXT  sing N N 154 
HOH   O   H1   sing N N 155 
HOH   O   H2   sing N N 156 
ILE   N   CA   sing N N 157 
ILE   N   H    sing N N 158 
ILE   N   H2   sing N N 159 
ILE   CA  C    sing N N 160 
ILE   CA  CB   sing N N 161 
ILE   CA  HA   sing N N 162 
ILE   C   O    doub N N 163 
ILE   C   OXT  sing N N 164 
ILE   CB  CG1  sing N N 165 
ILE   CB  CG2  sing N N 166 
ILE   CB  HB   sing N N 167 
ILE   CG1 CD1  sing N N 168 
ILE   CG1 HG12 sing N N 169 
ILE   CG1 HG13 sing N N 170 
ILE   CG2 HG21 sing N N 171 
ILE   CG2 HG22 sing N N 172 
ILE   CG2 HG23 sing N N 173 
ILE   CD1 HD11 sing N N 174 
ILE   CD1 HD12 sing N N 175 
ILE   CD1 HD13 sing N N 176 
ILE   OXT HXT  sing N N 177 
LEU   N   CA   sing N N 178 
LEU   N   H    sing N N 179 
LEU   N   H2   sing N N 180 
LEU   CA  C    sing N N 181 
LEU   CA  CB   sing N N 182 
LEU   CA  HA   sing N N 183 
LEU   C   O    doub N N 184 
LEU   C   OXT  sing N N 185 
LEU   CB  CG   sing N N 186 
LEU   CB  HB2  sing N N 187 
LEU   CB  HB3  sing N N 188 
LEU   CG  CD1  sing N N 189 
LEU   CG  CD2  sing N N 190 
LEU   CG  HG   sing N N 191 
LEU   CD1 HD11 sing N N 192 
LEU   CD1 HD12 sing N N 193 
LEU   CD1 HD13 sing N N 194 
LEU   CD2 HD21 sing N N 195 
LEU   CD2 HD22 sing N N 196 
LEU   CD2 HD23 sing N N 197 
LEU   OXT HXT  sing N N 198 
LYS   N   CA   sing N N 199 
LYS   N   H    sing N N 200 
LYS   N   H2   sing N N 201 
LYS   CA  C    sing N N 202 
LYS   CA  CB   sing N N 203 
LYS   CA  HA   sing N N 204 
LYS   C   O    doub N N 205 
LYS   C   OXT  sing N N 206 
LYS   CB  CG   sing N N 207 
LYS   CB  HB2  sing N N 208 
LYS   CB  HB3  sing N N 209 
LYS   CG  CD   sing N N 210 
LYS   CG  HG2  sing N N 211 
LYS   CG  HG3  sing N N 212 
LYS   CD  CE   sing N N 213 
LYS   CD  HD2  sing N N 214 
LYS   CD  HD3  sing N N 215 
LYS   CE  NZ   sing N N 216 
LYS   CE  HE2  sing N N 217 
LYS   CE  HE3  sing N N 218 
LYS   NZ  HZ1  sing N N 219 
LYS   NZ  HZ2  sing N N 220 
LYS   NZ  HZ3  sing N N 221 
LYS   OXT HXT  sing N N 222 
MET   N   CA   sing N N 223 
MET   N   H    sing N N 224 
MET   N   H2   sing N N 225 
MET   CA  C    sing N N 226 
MET   CA  CB   sing N N 227 
MET   CA  HA   sing N N 228 
MET   C   O    doub N N 229 
MET   C   OXT  sing N N 230 
MET   CB  CG   sing N N 231 
MET   CB  HB2  sing N N 232 
MET   CB  HB3  sing N N 233 
MET   CG  SD   sing N N 234 
MET   CG  HG2  sing N N 235 
MET   CG  HG3  sing N N 236 
MET   SD  CE   sing N N 237 
MET   CE  HE1  sing N N 238 
MET   CE  HE2  sing N N 239 
MET   CE  HE3  sing N N 240 
MET   OXT HXT  sing N N 241 
PHE   N   CA   sing N N 242 
PHE   N   H    sing N N 243 
PHE   N   H2   sing N N 244 
PHE   CA  C    sing N N 245 
PHE   CA  CB   sing N N 246 
PHE   CA  HA   sing N N 247 
PHE   C   O    doub N N 248 
PHE   C   OXT  sing N N 249 
PHE   CB  CG   sing N N 250 
PHE   CB  HB2  sing N N 251 
PHE   CB  HB3  sing N N 252 
PHE   CG  CD1  doub Y N 253 
PHE   CG  CD2  sing Y N 254 
PHE   CD1 CE1  sing Y N 255 
PHE   CD1 HD1  sing N N 256 
PHE   CD2 CE2  doub Y N 257 
PHE   CD2 HD2  sing N N 258 
PHE   CE1 CZ   doub Y N 259 
PHE   CE1 HE1  sing N N 260 
PHE   CE2 CZ   sing Y N 261 
PHE   CE2 HE2  sing N N 262 
PHE   CZ  HZ   sing N N 263 
PHE   OXT HXT  sing N N 264 
PRO   N   CA   sing N N 265 
PRO   N   CD   sing N N 266 
PRO   N   H    sing N N 267 
PRO   CA  C    sing N N 268 
PRO   CA  CB   sing N N 269 
PRO   CA  HA   sing N N 270 
PRO   C   O    doub N N 271 
PRO   C   OXT  sing N N 272 
PRO   CB  CG   sing N N 273 
PRO   CB  HB2  sing N N 274 
PRO   CB  HB3  sing N N 275 
PRO   CG  CD   sing N N 276 
PRO   CG  HG2  sing N N 277 
PRO   CG  HG3  sing N N 278 
PRO   CD  HD2  sing N N 279 
PRO   CD  HD3  sing N N 280 
PRO   OXT HXT  sing N N 281 
SER   N   CA   sing N N 282 
SER   N   H    sing N N 283 
SER   N   H2   sing N N 284 
SER   CA  C    sing N N 285 
SER   CA  CB   sing N N 286 
SER   CA  HA   sing N N 287 
SER   C   O    doub N N 288 
SER   C   OXT  sing N N 289 
SER   CB  OG   sing N N 290 
SER   CB  HB2  sing N N 291 
SER   CB  HB3  sing N N 292 
SER   OG  HG   sing N N 293 
SER   OXT HXT  sing N N 294 
THR   N   CA   sing N N 295 
THR   N   H    sing N N 296 
THR   N   H2   sing N N 297 
THR   CA  C    sing N N 298 
THR   CA  CB   sing N N 299 
THR   CA  HA   sing N N 300 
THR   C   O    doub N N 301 
THR   C   OXT  sing N N 302 
THR   CB  OG1  sing N N 303 
THR   CB  CG2  sing N N 304 
THR   CB  HB   sing N N 305 
THR   OG1 HG1  sing N N 306 
THR   CG2 HG21 sing N N 307 
THR   CG2 HG22 sing N N 308 
THR   CG2 HG23 sing N N 309 
THR   OXT HXT  sing N N 310 
TYR   N   CA   sing N N 311 
TYR   N   H    sing N N 312 
TYR   N   H2   sing N N 313 
TYR   CA  C    sing N N 314 
TYR   CA  CB   sing N N 315 
TYR   CA  HA   sing N N 316 
TYR   C   O    doub N N 317 
TYR   C   OXT  sing N N 318 
TYR   CB  CG   sing N N 319 
TYR   CB  HB2  sing N N 320 
TYR   CB  HB3  sing N N 321 
TYR   CG  CD1  doub Y N 322 
TYR   CG  CD2  sing Y N 323 
TYR   CD1 CE1  sing Y N 324 
TYR   CD1 HD1  sing N N 325 
TYR   CD2 CE2  doub Y N 326 
TYR   CD2 HD2  sing N N 327 
TYR   CE1 CZ   doub Y N 328 
TYR   CE1 HE1  sing N N 329 
TYR   CE2 CZ   sing Y N 330 
TYR   CE2 HE2  sing N N 331 
TYR   CZ  OH   sing N N 332 
TYR   OH  HH   sing N N 333 
TYR   OXT HXT  sing N N 334 
VAL   N   CA   sing N N 335 
VAL   N   H    sing N N 336 
VAL   N   H2   sing N N 337 
VAL   CA  C    sing N N 338 
VAL   CA  CB   sing N N 339 
VAL   CA  HA   sing N N 340 
VAL   C   O    doub N N 341 
VAL   C   OXT  sing N N 342 
VAL   CB  CG1  sing N N 343 
VAL   CB  CG2  sing N N 344 
VAL   CB  HB   sing N N 345 
VAL   CG1 HG11 sing N N 346 
VAL   CG1 HG12 sing N N 347 
VAL   CG1 HG13 sing N N 348 
VAL   CG2 HG21 sing N N 349 
VAL   CG2 HG22 sing N N 350 
VAL   CG2 HG23 sing N N 351 
VAL   OXT HXT  sing N N 352 
# 
_pdbx_audit_support.ordinal                1 
_pdbx_audit_support.funding_organization   'Helmholtz Association' 
_pdbx_audit_support.country                Germany 
# 
_pdbx_deposit_group.group_id            G_1002337 
_pdbx_deposit_group.group_title         
'PanDDA analysis group deposition of SARS-CoV-2 Nsp1 soaked with fragments from the KIT library' 
_pdbx_deposit_group.group_description   
;SARS-CoV-2 Nsp1 soaked with Fragments from the KIT library. Includes refined models for hit compounds with ligands placed into the PanDDA event-map, which is the primary evidence for ligand placement. The event-, average and Z-maps and the 2Fo-Fc and Fo-Fc maps are included in the mmcif file. 2Fo-Fc and Fo-Fc maps are not useful to consider as evidence for ligand placement.
;
_pdbx_deposit_group.group_type          'changed state' 
# 
_pdbx_initial_refinement_model.id               1 
_pdbx_initial_refinement_model.type             'experimental model' 
_pdbx_initial_refinement_model.accession_code   7EQ4 
_pdbx_initial_refinement_model.source_name      PDB 
# 
_atom_sites.entry_id                    7IBA 
_atom_sites.fract_transf_matrix[1][1]   -0.02211080 
_atom_sites.fract_transf_matrix[1][2]   0.00479087 
_atom_sites.fract_transf_matrix[1][3]   -0.01521286 
_atom_sites.fract_transf_matrix[2][1]   -0.01265092 
_atom_sites.fract_transf_matrix[2][2]   -0.02110381 
_atom_sites.fract_transf_matrix[2][3]   0.01174115 
_atom_sites.fract_transf_matrix[3][1]   -0.00250381 
_atom_sites.fract_transf_matrix[3][2]   0.00427448 
_atom_sites.fract_transf_matrix[3][3]   0.00498523 
_atom_sites.fract_transf_vector[1]      0.180965 
_atom_sites.fract_transf_vector[2]      -0.423082 
_atom_sites.fract_transf_vector[3]      0.047496 
# 
loop_
_atom_type.symbol 
C 
I 
N 
O 
S 
# 
loop_
_atom_site.group_PDB 
_atom_site.id 
_atom_site.type_symbol 
_atom_site.label_atom_id 
_atom_site.label_alt_id 
_atom_site.label_comp_id 
_atom_site.label_asym_id 
_atom_site.label_entity_id 
_atom_site.label_seq_id 
_atom_site.pdbx_PDB_ins_code 
_atom_site.Cartn_x 
_atom_site.Cartn_y 
_atom_site.Cartn_z 
_atom_site.occupancy 
_atom_site.B_iso_or_equiv 
_atom_site.pdbx_formal_charge 
_atom_site.auth_seq_id 
_atom_site.auth_comp_id 
_atom_site.auth_asym_id 
_atom_site.auth_atom_id 
_atom_site.pdbx_PDB_model_num 
ATOM   1    N N   A LYS   A 1 2   ? -11.023 -9.521  -8.404  0.31 46.68  ? 11  LYS   A N   1 
ATOM   2    N N   B LYS   A 1 2   ? -11.023 -9.521  -8.404  0.30 46.66  ? 11  LYS   A N   1 
ATOM   3    N N   C LYS   A 1 2   ? -11.370 -9.890  -8.109  0.20 44.83  ? 11  LYS   A N   1 
ATOM   4    N N   D LYS   A 1 2   ? -11.369 -9.891  -8.108  0.19 44.79  ? 11  LYS   A N   1 
ATOM   5    C CA  A LYS   A 1 2   ? -9.942  -10.383 -7.816  0.31 45.49  ? 11  LYS   A CA  1 
ATOM   6    C CA  B LYS   A 1 2   ? -9.942  -10.383 -7.816  0.30 45.49  ? 11  LYS   A CA  1 
ATOM   7    C CA  C LYS   A 1 2   ? -10.102 -10.571 -7.669  0.20 43.74  ? 11  LYS   A CA  1 
ATOM   8    C CA  D LYS   A 1 2   ? -10.102 -10.571 -7.669  0.19 43.73  ? 11  LYS   A CA  1 
ATOM   9    C C   A LYS   A 1 2   ? -9.681  -9.978  -6.362  0.31 41.04  ? 11  LYS   A C   1 
ATOM   10   C C   B LYS   A 1 2   ? -9.682  -9.977  -6.361  0.30 41.05  ? 11  LYS   A C   1 
ATOM   11   C C   C LYS   A 1 2   ? -9.736  -10.113 -6.252  0.20 41.41  ? 11  LYS   A C   1 
ATOM   12   C C   D LYS   A 1 2   ? -9.736  -10.112 -6.251  0.19 41.42  ? 11  LYS   A C   1 
ATOM   13   O O   A LYS   A 1 2   ? -9.724  -8.765  -6.067  0.31 40.77  ? 11  LYS   A O   1 
ATOM   14   O O   B LYS   A 1 2   ? -9.725  -8.765  -6.067  0.30 40.78  ? 11  LYS   A O   1 
ATOM   15   O O   C LYS   A 1 2   ? -9.754  -8.889  -6.008  0.20 41.88  ? 11  LYS   A O   1 
ATOM   16   O O   D LYS   A 1 2   ? -9.755  -8.888  -6.008  0.19 41.87  ? 11  LYS   A O   1 
ATOM   17   C CB  A LYS   A 1 2   ? -8.643  -10.254 -8.616  0.31 50.69  ? 11  LYS   A CB  1 
ATOM   18   C CB  B LYS   A 1 2   ? -8.643  -10.254 -8.616  0.30 50.66  ? 11  LYS   A CB  1 
ATOM   19   C CB  C LYS   A 1 2   ? -8.959  -10.251 -8.637  0.20 45.57  ? 11  LYS   A CB  1 
ATOM   20   C CB  D LYS   A 1 2   ? -8.959  -10.251 -8.637  0.19 45.54  ? 11  LYS   A CB  1 
ATOM   21   C CG  A LYS   A 1 2   ? -8.642  -10.942 -9.974  0.31 54.89  ? 11  LYS   A CG  1 
ATOM   22   C CG  B LYS   A 1 2   ? -8.642  -10.943 -9.974  0.30 54.82  ? 11  LYS   A CG  1 
ATOM   23   C CG  C LYS   A 1 2   ? -9.068  -10.885 -10.017 0.20 46.84  ? 11  LYS   A CG  1 
ATOM   24   C CG  D LYS   A 1 2   ? -9.069  -10.886 -10.017 0.19 46.80  ? 11  LYS   A CG  1 
ATOM   25   C CD  A LYS   A 1 2   ? -7.275  -10.972 -10.624 0.31 58.87  ? 11  LYS   A CD  1 
ATOM   26   C CD  B LYS   A 1 2   ? -7.275  -10.972 -10.623 0.30 58.77  ? 11  LYS   A CD  1 
ATOM   27   C CD  C LYS   A 1 2   ? -8.099  -12.021 -10.228 0.20 47.49  ? 11  LYS   A CD  1 
ATOM   28   C CD  D LYS   A 1 2   ? -8.099  -12.021 -10.228 0.19 47.46  ? 11  LYS   A CD  1 
ATOM   29   C CE  A LYS   A 1 2   ? -7.319  -11.435 -12.064 0.31 61.59  ? 11  LYS   A CE  1 
ATOM   30   C CE  B LYS   A 1 2   ? -7.320  -11.436 -12.064 0.30 61.49  ? 11  LYS   A CE  1 
ATOM   31   C CE  C LYS   A 1 2   ? -7.762  -12.241 -11.683 0.20 48.34  ? 11  LYS   A CE  1 
ATOM   32   C CE  D LYS   A 1 2   ? -7.763  -12.241 -11.684 0.19 48.29  ? 11  LYS   A CE  1 
ATOM   33   N NZ  A LYS   A 1 2   ? -7.833  -12.821 -12.175 0.31 65.64  ? 11  LYS   A NZ  1 
ATOM   34   N NZ  B LYS   A 1 2   ? -7.833  -12.822 -12.175 0.30 65.46  ? 11  LYS   A NZ  1 
ATOM   35   N NZ  C LYS   A 1 2   ? -7.156  -13.574 -11.881 0.20 48.07  ? 11  LYS   A NZ  1 
ATOM   36   N NZ  D LYS   A 1 2   ? -7.157  -13.573 -11.881 0.19 48.05  ? 11  LYS   A NZ  1 
ATOM   37   N N   A THR   A 1 3   ? -9.376  -10.945 -5.493  0.31 34.44  ? 12  THR   A N   1 
ATOM   38   N N   B THR   A 1 3   ? -9.377  -10.945 -5.493  0.30 34.53  ? 12  THR   A N   1 
ATOM   39   N N   C THR   A 1 3   ? -9.392  -11.049 -5.360  0.20 37.92  ? 12  THR   A N   1 
ATOM   40   N N   D THR   A 1 3   ? -9.392  -11.048 -5.359  0.19 37.99  ? 12  THR   A N   1 
ATOM   41   C CA  A THR   A 1 3   ? -9.062  -10.706 -4.058  0.31 33.50  ? 12  THR   A CA  1 
ATOM   42   C CA  B THR   A 1 3   ? -9.061  -10.706 -4.057  0.30 33.56  ? 12  THR   A CA  1 
ATOM   43   C CA  C THR   A 1 3   ? -9.058  -10.774 -3.934  0.20 37.23  ? 12  THR   A CA  1 
ATOM   44   C CA  D THR   A 1 3   ? -9.058  -10.773 -3.933  0.19 37.28  ? 12  THR   A CA  1 
ATOM   45   C C   A THR   A 1 3   ? -7.681  -10.053 -3.927  0.31 32.69  ? 12  THR   A C   1 
ATOM   46   C C   B THR   A 1 3   ? -7.682  -10.053 -3.927  0.30 32.75  ? 12  THR   A C   1 
ATOM   47   C C   C THR   A 1 3   ? -7.683  -10.105 -3.824  0.20 36.85  ? 12  THR   A C   1 
ATOM   48   C C   D THR   A 1 3   ? -7.684  -10.104 -3.823  0.19 36.89  ? 12  THR   A C   1 
ATOM   49   O O   A THR   A 1 3   ? -7.407  -9.460  -2.858  0.31 34.81  ? 12  THR   A O   1 
ATOM   50   O O   B THR   A 1 3   ? -7.408  -9.460  -2.858  0.30 34.81  ? 12  THR   A O   1 
ATOM   51   O O   C THR   A 1 3   ? -7.439  -9.432  -2.798  0.20 37.97  ? 12  THR   A O   1 
ATOM   52   O O   D THR   A 1 3   ? -7.441  -9.432  -2.798  0.19 37.98  ? 12  THR   A O   1 
ATOM   53   C CB  A THR   A 1 3   ? -9.046  -11.993 -3.226  0.31 35.00  ? 12  THR   A CB  1 
ATOM   54   C CB  B THR   A 1 3   ? -9.046  -11.994 -3.226  0.30 34.99  ? 12  THR   A CB  1 
ATOM   55   C CB  C THR   A 1 3   ? -9.028  -12.040 -3.070  0.20 37.92  ? 12  THR   A CB  1 
ATOM   56   C CB  D THR   A 1 3   ? -9.028  -12.040 -3.070  0.19 37.92  ? 12  THR   A CB  1 
ATOM   57   O OG1 A THR   A 1 3   ? -7.927  -12.754 -3.686  0.31 32.07  ? 12  THR   A OG1 1 
ATOM   58   O OG1 B THR   A 1 3   ? -7.928  -12.756 -3.686  0.30 32.12  ? 12  THR   A OG1 1 
ATOM   59   O OG1 C THR   A 1 3   ? -7.948  -12.850 -3.536  0.20 36.58  ? 12  THR   A OG1 1 
ATOM   60   O OG1 D THR   A 1 3   ? -7.948  -12.850 -3.536  0.19 36.63  ? 12  THR   A OG1 1 
ATOM   61   C CG2 A THR   A 1 3   ? -10.341 -12.770 -3.312  0.31 35.23  ? 12  THR   A CG2 1 
ATOM   62   C CG2 B THR   A 1 3   ? -10.342 -12.771 -3.312  0.30 35.21  ? 12  THR   A CG2 1 
ATOM   63   C CG2 C THR   A 1 3   ? -10.333 -12.807 -3.087  0.20 37.83  ? 12  THR   A CG2 1 
ATOM   64   C CG2 D THR   A 1 3   ? -10.332 -12.807 -3.088  0.19 37.83  ? 12  THR   A CG2 1 
ATOM   65   N N   A HIS   A 1 4   ? -6.823  -10.197 -4.940  0.31 31.48  ? 13  HIS   A N   1 
ATOM   66   N N   B HIS   A 1 4   ? -6.822  -10.197 -4.940  0.30 31.56  ? 13  HIS   A N   1 
ATOM   67   N N   C HIS   A 1 4   ? -6.801  -10.323 -4.802  0.20 36.18  ? 13  HIS   A N   1 
ATOM   68   N N   D HIS   A 1 4   ? -6.802  -10.323 -4.801  0.19 36.25  ? 13  HIS   A N   1 
ATOM   69   C CA  A HIS   A 1 4   ? -5.452  -9.620  -4.932  0.31 33.58  ? 13  HIS   A CA  1 
ATOM   70   C CA  B HIS   A 1 4   ? -5.452  -9.621  -4.933  0.30 33.61  ? 13  HIS   A CA  1 
ATOM   71   C CA  C HIS   A 1 4   ? -5.439  -9.727  -4.832  0.20 37.13  ? 13  HIS   A CA  1 
ATOM   72   C CA  D HIS   A 1 4   ? -5.439  -9.727  -4.832  0.19 37.15  ? 13  HIS   A CA  1 
ATOM   73   C C   A HIS   A 1 4   ? -5.181  -8.927  -6.265  0.31 36.23  ? 13  HIS   A C   1 
ATOM   74   C C   B HIS   A 1 4   ? -5.182  -8.928  -6.265  0.30 36.20  ? 13  HIS   A C   1 
ATOM   75   C C   C HIS   A 1 4   ? -5.255  -8.949  -6.132  0.20 38.38  ? 13  HIS   A C   1 
ATOM   76   C C   D HIS   A 1 4   ? -5.256  -8.949  -6.132  0.19 38.36  ? 13  HIS   A C   1 
ATOM   77   O O   A HIS   A 1 4   ? -5.708  -9.386  -7.294  0.31 33.67  ? 13  HIS   A O   1 
ATOM   78   O O   B HIS   A 1 4   ? -5.708  -9.387  -7.295  0.30 33.70  ? 13  HIS   A O   1 
ATOM   79   O O   C HIS   A 1 4   ? -5.950  -9.257  -7.120  0.20 36.20  ? 13  HIS   A O   1 
ATOM   80   O O   D HIS   A 1 4   ? -5.950  -9.258  -7.119  0.19 36.25  ? 13  HIS   A O   1 
ATOM   81   C CB  A HIS   A 1 4   ? -4.392  -10.681 -4.614  0.31 35.83  ? 13  HIS   A CB  1 
ATOM   82   C CB  B HIS   A 1 4   ? -4.391  -10.681 -4.614  0.30 35.79  ? 13  HIS   A CB  1 
ATOM   83   C CB  C HIS   A 1 4   ? -4.348  -10.789 -4.648  0.20 38.62  ? 13  HIS   A CB  1 
ATOM   84   C CB  D HIS   A 1 4   ? -4.349  -10.790 -4.648  0.19 38.58  ? 13  HIS   A CB  1 
ATOM   85   C CG  A HIS   A 1 4   ? -4.385  -11.122 -3.189  0.31 33.88  ? 13  HIS   A CG  1 
ATOM   86   C CG  B HIS   A 1 4   ? -4.385  -11.123 -3.189  0.30 33.89  ? 13  HIS   A CG  1 
ATOM   87   C CG  C HIS   A 1 4   ? -4.226  -11.295 -3.251  0.20 37.41  ? 13  HIS   A CG  1 
ATOM   88   C CG  D HIS   A 1 4   ? -4.226  -11.295 -3.251  0.19 37.41  ? 13  HIS   A CG  1 
ATOM   89   N ND1 A HIS   A 1 4   ? -5.304  -12.034 -2.700  0.31 33.90  ? 13  HIS   A ND1 1 
ATOM   90   N ND1 B HIS   A 1 4   ? -5.304  -12.034 -2.700  0.30 33.90  ? 13  HIS   A ND1 1 
ATOM   91   N ND1 C HIS   A 1 4   ? -5.087  -12.246 -2.739  0.20 37.45  ? 13  HIS   A ND1 1 
ATOM   92   N ND1 D HIS   A 1 4   ? -5.087  -12.246 -2.739  0.19 37.44  ? 13  HIS   A ND1 1 
ATOM   93   C CD2 A HIS   A 1 4   ? -3.570  -10.808 -2.155  0.31 34.30  ? 13  HIS   A CD2 1 
ATOM   94   C CD2 B HIS   A 1 4   ? -3.570  -10.808 -2.155  0.30 34.29  ? 13  HIS   A CD2 1 
ATOM   95   C CD2 C HIS   A 1 4   ? -3.350  -11.001 -2.263  0.20 37.13  ? 13  HIS   A CD2 1 
ATOM   96   C CD2 D HIS   A 1 4   ? -3.350  -11.001 -2.263  0.19 37.14  ? 13  HIS   A CD2 1 
ATOM   97   C CE1 A HIS   A 1 4   ? -5.066  -12.251 -1.420  0.31 34.28  ? 13  HIS   A CE1 1 
ATOM   98   C CE1 B HIS   A 1 4   ? -5.066  -12.251 -1.420  0.30 34.26  ? 13  HIS   A CE1 1 
ATOM   99   C CE1 C HIS   A 1 4   ? -4.752  -12.510 -1.491  0.20 37.58  ? 13  HIS   A CE1 1 
ATOM   100  C CE1 D HIS   A 1 4   ? -4.752  -12.510 -1.491  0.19 37.56  ? 13  HIS   A CE1 1 
ATOM   101  N NE2 A HIS   A 1 4   ? -4.007  -11.509 -1.059  0.31 32.67  ? 13  HIS   A NE2 1 
ATOM   102  N NE2 B HIS   A 1 4   ? -4.007  -11.508 -1.058  0.30 32.71  ? 13  HIS   A NE2 1 
ATOM   103  N NE2 C HIS   A 1 4   ? -3.688  -11.762 -1.176  0.20 36.14  ? 13  HIS   A NE2 1 
ATOM   104  N NE2 D HIS   A 1 4   ? -3.688  -11.761 -1.175  0.19 36.19  ? 13  HIS   A NE2 1 
ATOM   105  N N   A VAL   A 1 5   ? -4.393  -7.850  -6.221  0.31 36.57  ? 14  VAL   A N   1 
ATOM   106  N N   B VAL   A 1 5   ? -4.393  -7.850  -6.222  0.30 36.56  ? 14  VAL   A N   1 
ATOM   107  N N   C VAL   A 1 5   ? -4.361  -7.959  -6.106  0.20 38.86  ? 14  VAL   A N   1 
ATOM   108  N N   D VAL   A 1 5   ? -4.361  -7.959  -6.106  0.19 38.84  ? 14  VAL   A N   1 
ATOM   109  C CA  A VAL   A 1 5   ? -3.982  -7.066  -7.420  0.31 36.72  ? 14  VAL   A CA  1 
ATOM   110  C CA  B VAL   A 1 5   ? -3.982  -7.066  -7.420  0.30 36.72  ? 14  VAL   A CA  1 
ATOM   111  C CA  C VAL   A 1 5   ? -3.974  -7.154  -7.296  0.20 38.74  ? 14  VAL   A CA  1 
ATOM   112  C CA  D VAL   A 1 5   ? -3.974  -7.155  -7.296  0.19 38.74  ? 14  VAL   A CA  1 
ATOM   113  C C   A VAL   A 1 5   ? -2.469  -6.853  -7.357  0.31 36.76  ? 14  VAL   A C   1 
ATOM   114  C C   B VAL   A 1 5   ? -2.469  -6.853  -7.357  0.30 36.76  ? 14  VAL   A C   1 
ATOM   115  C C   C VAL   A 1 5   ? -2.468  -6.893  -7.241  0.20 38.78  ? 14  VAL   A C   1 
ATOM   116  C C   D VAL   A 1 5   ? -2.468  -6.893  -7.240  0.19 38.78  ? 14  VAL   A C   1 
ATOM   117  O O   A VAL   A 1 5   ? -1.964  -6.441  -6.281  0.31 34.51  ? 14  VAL   A O   1 
ATOM   118  O O   B VAL   A 1 5   ? -1.964  -6.440  -6.282  0.30 34.55  ? 14  VAL   A O   1 
ATOM   119  O O   C VAL   A 1 5   ? -1.973  -6.423  -6.191  0.20 36.91  ? 14  VAL   A O   1 
ATOM   120  O O   D VAL   A 1 5   ? -1.972  -6.423  -6.192  0.19 36.96  ? 14  VAL   A O   1 
ATOM   121  C CB  A VAL   A 1 5   ? -4.773  -5.750  -7.522  0.31 37.25  ? 14  VAL   A CB  1 
ATOM   122  C CB  B VAL   A 1 5   ? -4.773  -5.751  -7.523  0.30 37.25  ? 14  VAL   A CB  1 
ATOM   123  C CB  C VAL   A 1 5   ? -4.788  -5.852  -7.393  0.20 38.85  ? 14  VAL   A CB  1 
ATOM   124  C CB  D VAL   A 1 5   ? -4.788  -5.852  -7.393  0.19 38.86  ? 14  VAL   A CB  1 
ATOM   125  C CG1 A VAL   A 1 5   ? -4.519  -4.814  -6.350  0.31 36.36  ? 14  VAL   A CG1 1 
ATOM   126  C CG1 B VAL   A 1 5   ? -4.519  -4.815  -6.349  0.30 36.38  ? 14  VAL   A CG1 1 
ATOM   127  C CG1 C VAL   A 1 5   ? -4.549  -4.925  -6.209  0.20 38.61  ? 14  VAL   A CG1 1 
ATOM   128  C CG1 D VAL   A 1 5   ? -4.549  -4.926  -6.208  0.19 38.63  ? 14  VAL   A CG1 1 
ATOM   129  C CG2 A VAL   A 1 5   ? -4.502  -5.050  -8.843  0.31 40.58  ? 14  VAL   A CG2 1 
ATOM   130  C CG2 B VAL   A 1 5   ? -4.502  -5.048  -8.843  0.30 40.49  ? 14  VAL   A CG2 1 
ATOM   131  C CG2 C VAL   A 1 5   ? -4.516  -5.138  -8.706  0.20 41.13  ? 14  VAL   A CG2 1 
ATOM   132  C CG2 D VAL   A 1 5   ? -4.516  -5.138  -8.705  0.19 41.05  ? 14  VAL   A CG2 1 
ATOM   133  N N   A GLN   A 1 6   ? -1.773  -7.185  -8.449  0.31 36.20  ? 15  GLN   A N   1 
ATOM   134  N N   B GLN   A 1 6   ? -1.773  -7.185  -8.450  0.30 36.25  ? 15  GLN   A N   1 
ATOM   135  N N   C GLN   A 1 6   ? -1.778  -7.254  -8.323  0.20 38.23  ? 15  GLN   A N   1 
ATOM   136  N N   D GLN   A 1 6   ? -1.778  -7.255  -8.322  0.19 38.27  ? 15  GLN   A N   1 
ATOM   137  C CA  A GLN   A 1 6   ? -0.316  -6.949  -8.624  0.31 39.02  ? 15  GLN   A CA  1 
ATOM   138  C CA  B GLN   A 1 6   ? -0.316  -6.951  -8.624  0.30 39.01  ? 15  GLN   A CA  1 
ATOM   139  C CA  C GLN   A 1 6   ? -0.366  -6.890  -8.606  0.20 39.93  ? 15  GLN   A CA  1 
ATOM   140  C CA  D GLN   A 1 6   ? -0.365  -6.891  -8.607  0.19 39.91  ? 15  GLN   A CA  1 
ATOM   141  C C   A GLN   A 1 6   ? -0.094  -5.462  -8.901  0.31 36.89  ? 15  GLN   A C   1 
ATOM   142  C C   B GLN   A 1 6   ? -0.094  -5.464  -8.900  0.30 36.91  ? 15  GLN   A C   1 
ATOM   143  C C   C GLN   A 1 6   ? -0.268  -5.364  -8.707  0.20 38.74  ? 15  GLN   A C   1 
ATOM   144  C C   D GLN   A 1 6   ? -0.268  -5.365  -8.707  0.19 38.74  ? 15  GLN   A C   1 
ATOM   145  O O   A GLN   A 1 6   ? -0.612  -4.977  -9.924  0.31 32.07  ? 15  GLN   A O   1 
ATOM   146  O O   B GLN   A 1 6   ? -0.611  -4.977  -9.923  0.30 32.15  ? 15  GLN   A O   1 
ATOM   147  O O   C GLN   A 1 6   ? -1.079  -4.762  -9.443  0.20 36.49  ? 15  GLN   A O   1 
ATOM   148  O O   D GLN   A 1 6   ? -1.078  -4.762  -9.444  0.19 36.55  ? 15  GLN   A O   1 
ATOM   149  C CB  A GLN   A 1 6   ? 0.253   -7.772  -9.780  0.31 42.65  ? 15  GLN   A CB  1 
ATOM   150  C CB  B GLN   A 1 6   ? 0.253   -7.773  -9.780  0.30 42.61  ? 15  GLN   A CB  1 
ATOM   151  C CB  C GLN   A 1 6   ? 0.105   -7.555  -9.903  0.20 41.67  ? 15  GLN   A CB  1 
ATOM   152  C CB  D GLN   A 1 6   ? 0.105   -7.555  -9.903  0.19 41.63  ? 15  GLN   A CB  1 
ATOM   153  C CG  A GLN   A 1 6   ? 0.493   -9.231  -9.433  0.31 44.10  ? 15  GLN   A CG  1 
ATOM   154  C CG  B GLN   A 1 6   ? 0.493   -9.233  -9.433  0.30 44.08  ? 15  GLN   A CG  1 
ATOM   155  C CG  C GLN   A 1 6   ? -0.897  -7.423  -11.049 0.20 42.45  ? 15  GLN   A CG  1 
ATOM   156  C CG  D GLN   A 1 6   ? -0.896  -7.423  -11.049 0.19 42.41  ? 15  GLN   A CG  1 
ATOM   157  C CD  A GLN   A 1 6   ? 1.127   -9.995  -10.573 0.31 48.29  ? 15  GLN   A CD  1 
ATOM   158  C CD  B GLN   A 1 6   ? 1.127   -9.995  -10.573 0.30 48.20  ? 15  GLN   A CD  1 
ATOM   159  C CD  C GLN   A 1 6   ? -0.503  -8.119  -12.330 0.20 43.52  ? 15  GLN   A CD  1 
ATOM   160  C CD  D GLN   A 1 6   ? -0.501  -8.118  -12.330 0.19 43.47  ? 15  GLN   A CD  1 
ATOM   161  O OE1 A GLN   A 1 6   ? 1.440   -9.439  -11.627 0.31 51.89  ? 15  GLN   A OE1 1 
ATOM   162  O OE1 B GLN   A 1 6   ? 1.441   -9.440  -11.627 0.30 51.77  ? 15  GLN   A OE1 1 
ATOM   163  O OE1 C GLN   A 1 6   ? -0.752  -7.616  -13.424 0.20 43.11  ? 15  GLN   A OE1 1 
ATOM   164  O OE1 D GLN   A 1 6   ? -0.750  -7.615  -13.423 0.19 43.09  ? 15  GLN   A OE1 1 
ATOM   165  N NE2 A GLN   A 1 6   ? 1.332   -11.284 -10.365 0.31 47.76  ? 15  GLN   A NE2 1 
ATOM   166  N NE2 B GLN   A 1 6   ? 1.334   -11.285 -10.365 0.30 47.72  ? 15  GLN   A NE2 1 
ATOM   167  N NE2 C GLN   A 1 6   ? 0.078   -9.304  -12.218 0.20 44.23  ? 15  GLN   A NE2 1 
ATOM   168  N NE2 D GLN   A 1 6   ? 0.078   -9.304  -12.218 0.19 44.17  ? 15  GLN   A NE2 1 
ATOM   169  N N   A LEU   A 1 7   ? 0.649   -4.784  -8.025  0.31 35.37  ? 16  LEU   A N   1 
ATOM   170  N N   B LEU   A 1 7   ? 0.650   -4.787  -8.025  0.30 35.43  ? 16  LEU   A N   1 
ATOM   171  N N   C LEU   A 1 7   ? 0.671   -4.765  -7.975  0.20 38.06  ? 16  LEU   A N   1 
ATOM   172  N N   D LEU   A 1 7   ? 0.671   -4.765  -7.975  0.19 38.08  ? 16  LEU   A N   1 
ATOM   173  C CA  A LEU   A 1 7   ? 0.953   -3.336  -8.153  0.31 35.70  ? 16  LEU   A CA  1 
ATOM   174  C CA  B LEU   A 1 7   ? 0.949   -3.338  -8.151  0.30 35.80  ? 16  LEU   A CA  1 
ATOM   175  C CA  C LEU   A 1 7   ? 0.918   -3.301  -7.999  0.20 38.39  ? 16  LEU   A CA  1 
ATOM   176  C CA  D LEU   A 1 7   ? 0.918   -3.301  -7.999  0.19 38.38  ? 16  LEU   A CA  1 
ATOM   177  C C   A LEU   A 1 7   ? 2.466   -3.136  -8.117  0.31 33.70  ? 16  LEU   A C   1 
ATOM   178  C C   B LEU   A 1 7   ? 2.459   -3.123  -8.125  0.30 33.98  ? 16  LEU   A C   1 
ATOM   179  C C   C LEU   A 1 7   ? 2.423   -3.055  -8.045  0.20 36.49  ? 16  LEU   A C   1 
ATOM   180  C C   D LEU   A 1 7   ? 2.424   -3.054  -8.044  0.19 36.51  ? 16  LEU   A C   1 
ATOM   181  O O   A LEU   A 1 7   ? 3.163   -3.934  -7.471  0.31 34.79  ? 16  LEU   A O   1 
ATOM   182  O O   B LEU   A 1 7   ? 3.174   -3.920  -7.496  0.30 34.83  ? 16  LEU   A O   1 
ATOM   183  O O   C LEU   A 1 7   ? 3.171   -3.829  -7.424  0.20 36.79  ? 16  LEU   A O   1 
ATOM   184  O O   D LEU   A 1 7   ? 3.171   -3.828  -7.422  0.19 36.80  ? 16  LEU   A O   1 
ATOM   185  C CB  A LEU   A 1 7   ? 0.259   -2.574  -7.019  0.31 34.93  ? 16  LEU   A CB  1 
ATOM   186  C CB  B LEU   A 1 7   ? 0.257   -2.578  -7.016  0.30 35.03  ? 16  LEU   A CB  1 
ATOM   187  C CB  C LEU   A 1 7   ? 0.275   -2.664  -6.764  0.20 38.86  ? 16  LEU   A CB  1 
ATOM   188  C CB  D LEU   A 1 7   ? 0.275   -2.664  -6.764  0.19 38.87  ? 16  LEU   A CB  1 
ATOM   189  C CG  A LEU   A 1 7   ? -1.265  -2.691  -6.990  0.31 37.75  ? 16  LEU   A CG  1 
ATOM   190  C CG  B LEU   A 1 7   ? -1.266  -2.690  -6.988  0.30 37.75  ? 16  LEU   A CG  1 
ATOM   191  C CG  C LEU   A 1 7   ? -1.252  -2.637  -6.770  0.20 40.87  ? 16  LEU   A CG  1 
ATOM   192  C CG  D LEU   A 1 7   ? -1.252  -2.637  -6.770  0.19 40.83  ? 16  LEU   A CG  1 
ATOM   193  C CD1 A LEU   A 1 7   ? -1.829  -2.068  -5.726  0.31 38.13  ? 16  LEU   A CD1 1 
ATOM   194  C CD1 B LEU   A 1 7   ? -1.829  -2.068  -5.726  0.30 38.12  ? 16  LEU   A CD1 1 
ATOM   195  C CD1 C LEU   A 1 7   ? -1.796  -2.411  -5.372  0.20 42.49  ? 16  LEU   A CD1 1 
ATOM   196  C CD1 D LEU   A 1 7   ? -1.796  -2.411  -5.372  0.19 42.41  ? 16  LEU   A CD1 1 
ATOM   197  C CD2 A LEU   A 1 7   ? -1.884  -2.040  -8.217  0.31 37.69  ? 16  LEU   A CD2 1 
ATOM   198  C CD2 B LEU   A 1 7   ? -1.883  -2.040  -8.216  0.30 37.70  ? 16  LEU   A CD2 1 
ATOM   199  C CD2 C LEU   A 1 7   ? -1.766  -1.570  -7.722  0.20 41.02  ? 16  LEU   A CD2 1 
ATOM   200  C CD2 D LEU   A 1 7   ? -1.766  -1.570  -7.722  0.19 40.99  ? 16  LEU   A CD2 1 
ATOM   201  N N   A SER   A 1 8   ? 2.946   -2.113  -8.821  0.31 34.12  ? 17  SER   A N   1 
ATOM   202  N N   B SER   A 1 8   ? 2.905   -2.074  -8.816  0.30 34.69  ? 17  SER   A N   1 
ATOM   203  N N   C SER   A 1 8   ? 2.839   -2.028  -8.787  0.20 35.85  ? 17  SER   A N   1 
ATOM   204  N N   D SER   A 1 8   ? 2.839   -2.028  -8.787  0.19 35.84  ? 17  SER   A N   1 
ATOM   205  C CA  A SER   A 1 8   ? 4.341   -1.615  -8.748  0.31 33.04  ? 17  SER   A CA  1 
ATOM   206  C CA  B SER   A 1 8   ? 4.294   -1.557  -8.807  0.30 34.06  ? 17  SER   A CA  1 
ATOM   207  C CA  C SER   A 1 8   ? 4.235   -1.524  -8.830  0.20 34.89  ? 17  SER   A CA  1 
ATOM   208  C CA  D SER   A 1 8   ? 4.235   -1.524  -8.830  0.19 34.87  ? 17  SER   A CA  1 
ATOM   209  C C   A SER   A 1 8   ? 4.290   -0.182  -8.207  0.31 30.35  ? 17  SER   A C   1 
ATOM   210  C C   B SER   A 1 8   ? 4.259   -0.150  -8.202  0.30 31.03  ? 17  SER   A C   1 
ATOM   211  C C   C SER   A 1 8   ? 4.238   -0.127  -8.201  0.20 31.99  ? 17  SER   A C   1 
ATOM   212  C C   D SER   A 1 8   ? 4.239   -0.127  -8.201  0.19 32.01  ? 17  SER   A C   1 
ATOM   213  O O   A SER   A 1 8   ? 3.855   0.711   -8.942  0.31 30.46  ? 17  SER   A O   1 
ATOM   214  O O   B SER   A 1 8   ? 3.799   0.770   -8.894  0.30 31.72  ? 17  SER   A O   1 
ATOM   215  O O   C SER   A 1 8   ? 3.773   0.814   -8.869  0.20 32.52  ? 17  SER   A O   1 
ATOM   216  O O   D SER   A 1 8   ? 3.774   0.815   -8.869  0.19 32.53  ? 17  SER   A O   1 
ATOM   217  C CB  A SER   A 1 8   ? 5.031   -1.709  -10.091 0.31 34.46  ? 17  SER   A CB  1 
ATOM   218  C CB  B SER   A 1 8   ? 4.879   -1.561  -10.202 0.30 35.59  ? 17  SER   A CB  1 
ATOM   219  C CB  C SER   A 1 8   ? 4.779   -1.547  -10.249 0.20 36.03  ? 17  SER   A CB  1 
ATOM   220  C CB  D SER   A 1 8   ? 4.778   -1.547  -10.248 0.19 35.98  ? 17  SER   A CB  1 
ATOM   221  O OG  A SER   A 1 8   ? 5.500   -3.032  -10.324 0.31 32.86  ? 17  SER   A OG  1 
ATOM   222  O OG  B SER   A 1 8   ? 6.266   -1.267  -10.166 0.30 34.97  ? 17  SER   A OG  1 
ATOM   223  O OG  C SER   A 1 8   ? 4.732   -0.268  -10.860 0.20 36.47  ? 17  SER   A OG  1 
ATOM   224  O OG  D SER   A 1 8   ? 4.731   -0.268  -10.861 0.19 36.42  ? 17  SER   A OG  1 
ATOM   225  N N   . LEU   A 1 9   ? 4.667   -0.016  -6.939  1.00 30.55  ? 18  LEU   A N   1 
ATOM   226  C CA  . LEU   A 1 9   ? 4.520   1.245   -6.166  1.00 28.80  ? 18  LEU   A CA  1 
ATOM   227  C C   . LEU   A 1 9   ? 5.806   2.048   -6.240  1.00 26.13  ? 18  LEU   A C   1 
ATOM   228  O O   . LEU   A 1 9   ? 6.870   1.512   -5.944  1.00 25.87  ? 18  LEU   A O   1 
ATOM   229  C CB  . LEU   A 1 9   ? 4.230   0.915   -4.704  1.00 27.04  ? 18  LEU   A CB  1 
ATOM   230  C CG  . LEU   A 1 9   ? 2.931   0.154   -4.438  1.00 28.08  ? 18  LEU   A CG  1 
ATOM   231  C CD1 . LEU   A 1 9   ? 2.757   0.027   -2.953  1.00 28.50  ? 18  LEU   A CD1 1 
ATOM   232  C CD2 . LEU   A 1 9   ? 1.732   0.825   -5.068  1.00 30.91  ? 18  LEU   A CD2 1 
ATOM   233  N N   . PRO   A 1 10  ? 5.732   3.340   -6.607  1.00 24.19  ? 19  PRO   A N   1 
ATOM   234  C CA  . PRO   A 1 10  ? 6.917   4.195   -6.587  1.00 22.15  ? 19  PRO   A CA  1 
ATOM   235  C C   . PRO   A 1 10  ? 7.368   4.421   -5.136  1.00 21.09  ? 19  PRO   A C   1 
ATOM   236  O O   . PRO   A 1 10  ? 6.591   4.795   -4.265  1.00 22.92  ? 19  PRO   A O   1 
ATOM   237  C CB  . PRO   A 1 10  ? 6.476   5.493   -7.281  1.00 26.84  ? 19  PRO   A CB  1 
ATOM   238  C CG  . PRO   A 1 10  ? 4.945   5.490   -7.168  1.00 27.52  ? 19  PRO   A CG  1 
ATOM   239  C CD  . PRO   A 1 10  ? 4.530   4.036   -7.073  1.00 26.51  ? 19  PRO   A CD  1 
ATOM   240  N N   . VAL   A 1 11  ? 8.648   4.200   -4.889  1.00 21.99  ? 20  VAL   A N   1 
ATOM   241  C CA  . VAL   A 1 11  ? 9.234   4.441   -3.553  1.00 22.79  ? 20  VAL   A CA  1 
ATOM   242  C C   . VAL   A 1 11  ? 9.726   5.883   -3.532  1.00 21.25  ? 20  VAL   A C   1 
ATOM   243  O O   . VAL   A 1 11  ? 10.578  6.219   -4.330  1.00 23.91  ? 20  VAL   A O   1 
ATOM   244  C CB  . VAL   A 1 11  ? 10.321  3.416   -3.227  1.00 22.57  ? 20  VAL   A CB  1 
ATOM   245  C CG1 . VAL   A 1 11  ? 10.933  3.672   -1.867  1.00 22.17  ? 20  VAL   A CG1 1 
ATOM   246  C CG2 . VAL   A 1 11  ? 9.781   1.991   -3.308  1.00 26.74  ? 20  VAL   A CG2 1 
ATOM   247  N N   . LEU   A 1 12  ? 9.192   6.684   -2.616  1.00 23.55  ? 21  LEU   A N   1 
ATOM   248  C CA  . LEU   A 1 12  ? 9.538   8.118   -2.526  1.00 23.03  ? 21  LEU   A CA  1 
ATOM   249  C C   . LEU   A 1 12  ? 10.411  8.367   -1.291  1.00 23.92  ? 21  LEU   A C   1 
ATOM   250  O O   . LEU   A 1 12  ? 10.223  7.734   -0.266  1.00 25.77  ? 21  LEU   A O   1 
ATOM   251  C CB  . LEU   A 1 12  ? 8.243   8.922   -2.434  1.00 23.40  ? 21  LEU   A CB  1 
ATOM   252  C CG  . LEU   A 1 12  ? 7.162   8.617   -3.473  1.00 24.60  ? 21  LEU   A CG  1 
ATOM   253  C CD1 . LEU   A 1 12  ? 5.938   9.478   -3.232  1.00 25.35  ? 21  LEU   A CD1 1 
ATOM   254  C CD2 . LEU   A 1 12  ? 7.670   8.825   -4.889  1.00 24.83  ? 21  LEU   A CD2 1 
ATOM   255  N N   A GLN   A 1 13  ? 11.357  9.301   -1.391  0.21 25.54  ? 22  GLN   A N   1 
ATOM   256  N N   B GLN   A 1 13  ? 11.333  9.322   -1.408  0.28 25.59  ? 22  GLN   A N   1 
ATOM   257  N N   C GLN   A 1 13  ? 11.357  9.301   -1.391  0.21 25.54  ? 22  GLN   A N   1 
ATOM   258  N N   D GLN   A 1 13  ? 11.333  9.322   -1.408  0.28 25.59  ? 22  GLN   A N   1 
ATOM   259  C CA  A GLN   A 1 13  ? 12.101  9.815   -0.210  0.21 25.75  ? 22  GLN   A CA  1 
ATOM   260  C CA  B GLN   A 1 13  ? 12.075  9.906   -0.260  0.28 25.62  ? 22  GLN   A CA  1 
ATOM   261  C CA  C GLN   A 1 13  ? 12.101  9.815   -0.210  0.21 25.75  ? 22  GLN   A CA  1 
ATOM   262  C CA  D GLN   A 1 13  ? 12.075  9.906   -0.260  0.28 25.62  ? 22  GLN   A CA  1 
ATOM   263  C C   A GLN   A 1 13  ? 11.160  10.750  0.561   0.21 23.93  ? 22  GLN   A C   1 
ATOM   264  C C   B GLN   A 1 13  ? 11.104  10.754  0.562   0.28 23.40  ? 22  GLN   A C   1 
ATOM   265  C C   C GLN   A 1 13  ? 11.160  10.750  0.561   0.21 23.93  ? 22  GLN   A C   1 
ATOM   266  C C   D GLN   A 1 13  ? 11.104  10.754  0.562   0.28 23.40  ? 22  GLN   A C   1 
ATOM   267  O O   A GLN   A 1 13  ? 10.466  11.567  -0.086  0.21 23.89  ? 22  GLN   A O   1 
ATOM   268  O O   B GLN   A 1 13  ? 10.356  11.557  -0.045  0.28 22.91  ? 22  GLN   A O   1 
ATOM   269  O O   C GLN   A 1 13  ? 10.466  11.567  -0.086  0.21 23.89  ? 22  GLN   A O   1 
ATOM   270  O O   D GLN   A 1 13  ? 10.356  11.557  -0.045  0.28 22.91  ? 22  GLN   A O   1 
ATOM   271  C CB  A GLN   A 1 13  ? 13.405  10.489  -0.640  0.21 27.25  ? 22  GLN   A CB  1 
ATOM   272  C CB  B GLN   A 1 13  ? 13.218  10.793  -0.751  0.28 26.69  ? 22  GLN   A CB  1 
ATOM   273  C CB  C GLN   A 1 13  ? 13.405  10.489  -0.640  0.21 27.25  ? 22  GLN   A CB  1 
ATOM   274  C CB  D GLN   A 1 13  ? 13.218  10.793  -0.751  0.28 26.69  ? 22  GLN   A CB  1 
ATOM   275  C CG  A GLN   A 1 13  ? 14.548  9.502   -0.856  0.21 30.16  ? 22  GLN   A CG  1 
ATOM   276  C CG  B GLN   A 1 13  ? 14.128  10.121  -1.762  0.28 30.13  ? 22  GLN   A CG  1 
ATOM   277  C CG  C GLN   A 1 13  ? 14.548  9.502   -0.856  0.21 30.16  ? 22  GLN   A CG  1 
ATOM   278  C CG  D GLN   A 1 13  ? 14.128  10.121  -1.762  0.28 30.13  ? 22  GLN   A CG  1 
ATOM   279  C CD  A GLN   A 1 13  ? 15.034  8.845   0.415   0.21 32.88  ? 22  GLN   A CD  1 
ATOM   280  C CD  B GLN   A 1 13  ? 15.409  10.906  -1.863  0.28 34.33  ? 22  GLN   A CD  1 
ATOM   281  C CD  C GLN   A 1 13  ? 15.034  8.845   0.415   0.21 32.88  ? 22  GLN   A CD  1 
ATOM   282  C CD  D GLN   A 1 13  ? 15.409  10.906  -1.863  0.28 34.33  ? 22  GLN   A CD  1 
ATOM   283  O OE1 A GLN   A 1 13  ? 14.821  9.338   1.522   0.21 36.50  ? 22  GLN   A OE1 1 
ATOM   284  O OE1 B GLN   A 1 13  ? 15.399  12.118  -2.075  0.28 37.61  ? 22  GLN   A OE1 1 
ATOM   285  O OE1 C GLN   A 1 13  ? 14.821  9.338   1.522   0.21 36.50  ? 22  GLN   A OE1 1 
ATOM   286  O OE1 D GLN   A 1 13  ? 15.399  12.118  -2.075  0.28 37.61  ? 22  GLN   A OE1 1 
ATOM   287  N NE2 A GLN   A 1 13  ? 15.696  7.710   0.265   0.21 34.49  ? 22  GLN   A NE2 1 
ATOM   288  N NE2 B GLN   A 1 13  ? 16.520  10.225  -1.656  0.28 38.53  ? 22  GLN   A NE2 1 
ATOM   289  N NE2 C GLN   A 1 13  ? 15.696  7.710   0.265   0.21 34.49  ? 22  GLN   A NE2 1 
ATOM   290  N NE2 D GLN   A 1 13  ? 16.520  10.225  -1.656  0.28 38.53  ? 22  GLN   A NE2 1 
ATOM   291  N N   . VAL   A 1 14  ? 11.124  10.618  1.890   1.00 23.82  ? 23  VAL   A N   1 
ATOM   292  C CA  . VAL   A 1 14  ? 10.146  11.340  2.756   1.00 24.54  ? 23  VAL   A CA  1 
ATOM   293  C C   . VAL   A 1 14  ? 10.202  12.850  2.500   1.00 24.85  ? 23  VAL   A C   1 
ATOM   294  O O   . VAL   A 1 14  ? 9.149   13.453  2.403   1.00 24.62  ? 23  VAL   A O   1 
ATOM   295  C CB  . VAL   A 1 14  ? 10.297  10.979  4.254   1.00 25.78  ? 23  VAL   A CB  1 
ATOM   296  C CG1 . VAL   A 1 14  ? 11.600  11.500  4.828   1.00 28.01  ? 23  VAL   A CG1 1 
ATOM   297  C CG2 . VAL   A 1 14  ? 9.095   11.471  5.049   1.00 27.66  ? 23  VAL   A CG2 1 
ATOM   298  N N   . ARG   A 1 15  ? 11.378  13.447  2.279   1.00 21.90  ? 24  ARG   A N   1 
ATOM   299  C CA  . ARG   A 1 15  ? 11.453  14.920  2.151   1.00 23.20  ? 24  ARG   A CA  1 
ATOM   300  C C   . ARG   A 1 15  ? 10.925  15.390  0.800   1.00 22.22  ? 24  ARG   A C   1 
ATOM   301  O O   . ARG   A 1 15  ? 10.698  16.599  0.676   1.00 26.16  ? 24  ARG   A O   1 
ATOM   302  C CB  . ARG   A 1 15  ? 12.904  15.361  2.371   1.00 24.45  ? 24  ARG   A CB  1 
ATOM   303  C CG  . ARG   A 1 15  ? 13.301  15.299  3.830   1.00 31.55  ? 24  ARG   A CG  1 
ATOM   304  C CD  . ARG   A 1 15  ? 14.771  15.635  4.016   1.00 36.13  ? 24  ARG   A CD  1 
ATOM   305  N NE  . ARG   A 1 15  ? 15.245  15.331  5.364   1.00 42.44  ? 24  ARG   A NE  1 
ATOM   306  C CZ  . ARG   A 1 15  ? 14.971  16.033  6.445   1.00 46.33  ? 24  ARG   A CZ  1 
ATOM   307  N NH1 . ARG   A 1 15  ? 14.211  17.119  6.358   1.00 52.64  ? 24  ARG   A NH1 1 
ATOM   308  N NH2 . ARG   A 1 15  ? 15.468  15.649  7.613   1.00 39.38  ? 24  ARG   A NH2 1 
ATOM   309  N N   . ASP   A 1 16  ? 10.702  14.497  -0.164  1.00 22.20  ? 25  ASP   A N   1 
ATOM   310  C CA  . ASP   A 1 16  ? 10.122  14.874  -1.472  1.00 22.39  ? 25  ASP   A CA  1 
ATOM   311  C C   . ASP   A 1 16  ? 8.596   14.848  -1.409  1.00 25.22  ? 25  ASP   A C   1 
ATOM   312  O O   . ASP   A 1 16  ? 7.959   15.431  -2.299  1.00 23.99  ? 25  ASP   A O   1 
ATOM   313  C CB  . ASP   A 1 16  ? 10.577  13.947  -2.566  1.00 21.93  ? 25  ASP   A CB  1 
ATOM   314  C CG  . ASP   A 1 16  ? 11.980  14.159  -3.084  1.00 27.99  ? 25  ASP   A CG  1 
ATOM   315  O OD1 . ASP   A 1 16  ? 12.546  15.214  -2.818  1.00 28.22  ? 25  ASP   A OD1 1 
ATOM   316  O OD2 . ASP   A 1 16  ? 12.462  13.251  -3.758  1.00 31.86  ? 25  ASP   A OD2 1 
ATOM   317  N N   . VAL   A 1 17  ? 8.005   14.181  -0.424  1.00 22.60  ? 26  VAL   A N   1 
ATOM   318  C CA  . VAL   A 1 17  ? 6.537   13.951  -0.470  1.00 23.33  ? 26  VAL   A CA  1 
ATOM   319  C C   . VAL   A 1 17  ? 5.785   15.275  -0.256  1.00 22.53  ? 26  VAL   A C   1 
ATOM   320  O O   . VAL   A 1 17  ? 6.001   15.974  0.770   1.00 24.06  ? 26  VAL   A O   1 
ATOM   321  C CB  . VAL   A 1 17  ? 6.130   12.873  0.551   1.00 22.58  ? 26  VAL   A CB  1 
ATOM   322  C CG1 . VAL   A 1 17  ? 4.624   12.730  0.651   1.00 22.81  ? 26  VAL   A CG1 1 
ATOM   323  C CG2 . VAL   A 1 17  ? 6.773   11.535  0.219   1.00 23.87  ? 26  VAL   A CG2 1 
ATOM   324  N N   . LEU   A 1 18  ? 4.904   15.614  -1.184  1.00 24.12  ? 27  LEU   A N   1 
ATOM   325  C CA  . LEU   A 1 18  ? 4.156   16.889  -1.097  1.00 25.26  ? 27  LEU   A CA  1 
ATOM   326  C C   . LEU   A 1 18  ? 2.876   16.718  -0.270  1.00 24.25  ? 27  LEU   A C   1 
ATOM   327  O O   . LEU   A 1 18  ? 2.458   17.685  0.351   1.00 25.99  ? 27  LEU   A O   1 
ATOM   328  C CB  . LEU   A 1 18  ? 3.807   17.351  -2.508  1.00 26.22  ? 27  LEU   A CB  1 
ATOM   329  C CG  . LEU   A 1 18  ? 4.998   17.621  -3.417  1.00 29.35  ? 27  LEU   A CG  1 
ATOM   330  C CD1 . LEU   A 1 18  ? 4.549   18.060  -4.804  1.00 30.31  ? 27  LEU   A CD1 1 
ATOM   331  C CD2 . LEU   A 1 18  ? 5.886   18.674  -2.789  1.00 30.70  ? 27  LEU   A CD2 1 
ATOM   332  N N   . VAL   A 1 19  ? 2.220   15.554  -0.322  1.00 22.64  ? 28  VAL   A N   1 
ATOM   333  C CA  . VAL   A 1 19  ? 0.949   15.332  0.421   1.00 23.78  ? 28  VAL   A CA  1 
ATOM   334  C C   . VAL   A 1 19  ? 1.209   14.178  1.394   1.00 23.31  ? 28  VAL   A C   1 
ATOM   335  O O   . VAL   A 1 19  ? 1.375   13.030  0.940   1.00 23.46  ? 28  VAL   A O   1 
ATOM   336  C CB  . VAL   A 1 19  ? -0.247  15.066  -0.495  1.00 24.50  ? 28  VAL   A CB  1 
ATOM   337  C CG1 . VAL   A 1 19  ? -1.543  14.962  0.273   1.00 25.95  ? 28  VAL   A CG1 1 
ATOM   338  C CG2 . VAL   A 1 19  ? -0.363  16.106  -1.594  1.00 24.83  ? 28  VAL   A CG2 1 
ATOM   339  N N   . ARG   A 1 20  ? 1.344   14.517  2.668   1.00 24.14  ? 29  ARG   A N   1 
ATOM   340  C CA  . ARG   A 1 20  ? 2.052   13.647  3.654   1.00 22.89  ? 29  ARG   A CA  1 
ATOM   341  C C   . ARG   A 1 20  ? 1.075   12.749  4.418   1.00 25.06  ? 29  ARG   A C   1 
ATOM   342  O O   . ARG   A 1 20  ? 1.533   12.038  5.334   1.00 24.03  ? 29  ARG   A O   1 
ATOM   343  C CB  . ARG   A 1 20  ? 2.863   14.533  4.583   1.00 28.78  ? 29  ARG   A CB  1 
ATOM   344  C CG  . ARG   A 1 20  ? 4.060   15.103  3.853   1.00 31.87  ? 29  ARG   A CG  1 
ATOM   345  C CD  . ARG   A 1 20  ? 4.834   16.093  4.653   1.00 39.85  ? 29  ARG   A CD  1 
ATOM   346  N NE  . ARG   A 1 20  ? 5.950   16.488  3.806   1.00 48.93  ? 29  ARG   A NE  1 
ATOM   347  C CZ  . ARG   A 1 20  ? 7.160   15.945  3.824   1.00 43.21  ? 29  ARG   A CZ  1 
ATOM   348  N NH1 . ARG   A 1 20  ? 7.468   15.019  4.714   1.00 54.81  ? 29  ARG   A NH1 1 
ATOM   349  N NH2 . ARG   A 1 20  ? 8.090   16.408  3.011   1.00 41.73  ? 29  ARG   A NH2 1 
ATOM   350  N N   . GLY   A 1 21  ? -0.145  12.595  3.909   1.00 25.12  ? 30  GLY   A N   1 
ATOM   351  C CA  . GLY   A 1 21  ? -1.073  11.584  4.434   1.00 26.02  ? 30  GLY   A CA  1 
ATOM   352  C C   . GLY   A 1 21  ? -2.329  11.569  3.612   1.00 23.66  ? 30  GLY   A C   1 
ATOM   353  O O   . GLY   A 1 21  ? -2.476  12.434  2.748   1.00 24.34  ? 30  GLY   A O   1 
ATOM   354  N N   . PHE   A 1 22  ? -3.248  10.665  3.922   1.00 24.26  ? 31  PHE   A N   1 
ATOM   355  C CA  . PHE   A 1 22  ? -4.495  10.462  3.163   1.00 24.21  ? 31  PHE   A CA  1 
ATOM   356  C C   . PHE   A 1 22  ? -5.712  11.115  3.822   1.00 28.59  ? 31  PHE   A C   1 
ATOM   357  O O   . PHE   A 1 22  ? -6.760  11.144  3.179   1.00 30.46  ? 31  PHE   A O   1 
ATOM   358  C CB  . PHE   A 1 22  ? -4.739  8.965   2.989   1.00 25.45  ? 31  PHE   A CB  1 
ATOM   359  C CG  . PHE   A 1 22  ? -3.820  8.315   1.993   1.00 22.62  ? 31  PHE   A CG  1 
ATOM   360  C CD1 . PHE   A 1 22  ? -3.967  8.564   0.636   1.00 21.51  ? 31  PHE   A CD1 1 
ATOM   361  C CD2 . PHE   A 1 22  ? -2.862  7.404   2.384   1.00 25.96  ? 31  PHE   A CD2 1 
ATOM   362  C CE1 . PHE   A 1 22  ? -3.173  7.932   -0.300  1.00 22.49  ? 31  PHE   A CE1 1 
ATOM   363  C CE2 . PHE   A 1 22  ? -2.044  6.788   1.439   1.00 23.12  ? 31  PHE   A CE2 1 
ATOM   364  C CZ  . PHE   A 1 22  ? -2.204  7.045   0.097   1.00 24.15  ? 31  PHE   A CZ  1 
ATOM   365  N N   . GLY   A 1 23  ? -5.605  11.643  5.038   1.00 26.94  ? 32  GLY   A N   1 
ATOM   366  C CA  . GLY   A 1 23  ? -6.778  12.231  5.715   1.00 27.73  ? 32  GLY   A CA  1 
ATOM   367  C C   . GLY   A 1 23  ? -6.693  12.163  7.223   1.00 25.84  ? 32  GLY   A C   1 
ATOM   368  O O   . GLY   A 1 23  ? -5.591  12.077  7.767   1.00 27.11  ? 32  GLY   A O   1 
ATOM   369  N N   . ASP   A 1 24  ? -7.851  12.248  7.861   1.00 28.45  ? 33  ASP   A N   1 
ATOM   370  C CA  . ASP   A 1 24  ? -7.939  12.725  9.264   1.00 29.61  ? 33  ASP   A CA  1 
ATOM   371  C C   . ASP   A 1 24  ? -8.464  11.634  10.184  1.00 31.81  ? 33  ASP   A C   1 
ATOM   372  O O   . ASP   A 1 24  ? -8.520  11.894  11.378  1.00 35.58  ? 33  ASP   A O   1 
ATOM   373  C CB  . ASP   A 1 24  ? -8.835  13.958  9.338   1.00 32.34  ? 33  ASP   A CB  1 
ATOM   374  C CG  . ASP   A 1 24  ? -8.294  15.092  8.484   1.00 37.94  ? 33  ASP   A CG  1 
ATOM   375  O OD1 . ASP   A 1 24  ? -7.086  15.092  8.235   1.00 36.97  ? 33  ASP   A OD1 1 
ATOM   376  O OD2 . ASP   A 1 24  ? -9.086  15.955  8.101   1.00 46.43  ? 33  ASP   A OD2 1 
ATOM   377  N N   . SER   A 1 25  ? -8.908  10.507  9.654   1.00 28.26  ? 34  SER   A N   1 
ATOM   378  C CA  . SER   A 1 25  ? -9.446  9.413   10.501  1.00 29.40  ? 34  SER   A CA  1 
ATOM   379  C C   . SER   A 1 25  ? -8.889  8.101   9.975   1.00 30.08  ? 34  SER   A C   1 
ATOM   380  O O   . SER   A 1 25  ? -8.420  8.055   8.837   1.00 29.07  ? 34  SER   A O   1 
ATOM   381  C CB  . SER   A 1 25  ? -10.946 9.421   10.526  1.00 29.93  ? 34  SER   A CB  1 
ATOM   382  O OG  . SER   A 1 25  ? -11.498 9.020   9.292   1.00 30.14  ? 34  SER   A OG  1 
ATOM   383  N N   . VAL   A 1 26  ? -8.933  7.066   10.801  1.00 32.13  ? 35  VAL   A N   1 
ATOM   384  C CA  . VAL   A 1 26  ? -8.473  5.714   10.400  1.00 32.50  ? 35  VAL   A CA  1 
ATOM   385  C C   . VAL   A 1 26  ? -9.279  5.267   9.190   1.00 31.01  ? 35  VAL   A C   1 
ATOM   386  O O   . VAL   A 1 26  ? -8.687  4.689   8.223   1.00 30.20  ? 35  VAL   A O   1 
ATOM   387  C CB  . VAL   A 1 26  ? -8.625  4.749   11.587  1.00 34.56  ? 35  VAL   A CB  1 
ATOM   388  C CG1 . VAL   A 1 26  ? -8.606  3.304   11.129  1.00 35.84  ? 35  VAL   A CG1 1 
ATOM   389  C CG2 . VAL   A 1 26  ? -7.562  5.057   12.626  1.00 34.84  ? 35  VAL   A CG2 1 
ATOM   390  N N   . GLU   A 1 27  ? -10.598 5.419   9.254   1.00 29.18  ? 36  GLU   A N   1 
ATOM   391  C CA  . GLU   A 1 27  ? -11.474 4.901   8.177   1.00 30.57  ? 36  GLU   A CA  1 
ATOM   392  C C   . GLU   A 1 27  ? -11.231 5.703   6.893   1.00 27.91  ? 36  GLU   A C   1 
ATOM   393  O O   . GLU   A 1 27  ? -11.229 5.106   5.802   1.00 29.54  ? 36  GLU   A O   1 
ATOM   394  C CB  . GLU   A 1 27  ? -12.941 4.974   8.607   1.00 37.76  ? 36  GLU   A CB  1 
ATOM   395  C CG  . GLU   A 1 27  ? -13.237 4.049   9.775   1.00 42.75  ? 36  GLU   A CG  1 
ATOM   396  C CD  . GLU   A 1 27  ? -14.531 4.398   10.473  1.00 51.83  ? 36  GLU   A CD  1 
ATOM   397  O OE1 . GLU   A 1 27  ? -14.675 5.557   10.861  1.00 57.15  ? 36  GLU   A OE1 1 
ATOM   398  O OE2 . GLU   A 1 27  ? -15.395 3.516   10.591  1.00 69.68  ? 36  GLU   A OE2 1 
ATOM   399  N N   . GLU   A 1 28  ? -11.001 7.003   7.010   1.00 29.26  ? 37  GLU   A N   1 
ATOM   400  C CA  . GLU   A 1 28  ? -10.778 7.839   5.800   1.00 28.10  ? 37  GLU   A CA  1 
ATOM   401  C C   . GLU   A 1 28  ? -9.445  7.455   5.153   1.00 25.60  ? 37  GLU   A C   1 
ATOM   402  O O   . GLU   A 1 28  ? -9.448  7.362   3.912   1.00 23.90  ? 37  GLU   A O   1 
ATOM   403  C CB  . GLU   A 1 28  ? -10.748 9.329   6.100   1.00 27.78  ? 37  GLU   A CB  1 
ATOM   404  C CG  . GLU   A 1 28  ? -10.528 10.158  4.848   1.00 28.24  ? 37  GLU   A CG  1 
ATOM   405  C CD  . GLU   A 1 28  ? -10.579 11.647  5.060   1.00 31.47  ? 37  GLU   A CD  1 
ATOM   406  O OE1 . GLU   A 1 28  ? -10.298 12.089  6.194   1.00 28.69  ? 37  GLU   A OE1 1 
ATOM   407  O OE2 . GLU   A 1 28  ? -10.915 12.356  4.075   1.00 32.02  ? 37  GLU   A OE2 1 
ATOM   408  N N   . VAL   A 1 29  ? -8.393  7.253   5.945   1.00 26.34  ? 38  VAL   A N   1 
ATOM   409  C CA  . VAL   A 1 29  ? -7.030  7.023   5.368   1.00 27.30  ? 38  VAL   A CA  1 
ATOM   410  C C   . VAL   A 1 29  ? -6.976  5.650   4.696   1.00 27.92  ? 38  VAL   A C   1 
ATOM   411  O O   . VAL   A 1 29  ? -6.398  5.551   3.605   1.00 25.39  ? 38  VAL   A O   1 
ATOM   412  C CB  . VAL   A 1 29  ? -5.867  7.223   6.361   1.00 25.66  ? 38  VAL   A CB  1 
ATOM   413  C CG1 . VAL   A 1 29  ? -5.824  8.650   6.906   1.00 27.05  ? 38  VAL   A CG1 1 
ATOM   414  C CG2 . VAL   A 1 29  ? -5.844  6.208   7.503   1.00 27.34  ? 38  VAL   A CG2 1 
ATOM   415  N N   . LEU   A 1 30  ? -7.636  4.629   5.261   1.00 27.36  ? 39  LEU   A N   1 
ATOM   416  C CA  . LEU   A 1 30  ? -7.727  3.308   4.595   1.00 26.80  ? 39  LEU   A CA  1 
ATOM   417  C C   . LEU   A 1 30  ? -8.517  3.402   3.276   1.00 26.90  ? 39  LEU   A C   1 
ATOM   418  O O   . LEU   A 1 30  ? -8.098  2.814   2.297   1.00 27.10  ? 39  LEU   A O   1 
ATOM   419  C CB  . LEU   A 1 30  ? -8.344  2.273   5.548   1.00 29.77  ? 39  LEU   A CB  1 
ATOM   420  C CG  . LEU   A 1 30  ? -7.452  1.841   6.707   1.00 29.87  ? 39  LEU   A CG  1 
ATOM   421  C CD1 . LEU   A 1 30  ? -8.257  1.141   7.799   1.00 30.83  ? 39  LEU   A CD1 1 
ATOM   422  C CD2 . LEU   A 1 30  ? -6.320  0.930   6.249   1.00 32.33  ? 39  LEU   A CD2 1 
ATOM   423  N N   A SER   A 1 31  ? -9.639  4.128   3.285   0.31 25.41  ? 40  SER   A N   1 
ATOM   424  N N   B SER   A 1 31  ? -9.629  4.141   3.256   0.30 28.69  ? 40  SER   A N   1 
ATOM   425  N N   C SER   A 1 31  ? -9.638  4.127   3.285   0.20 25.52  ? 40  SER   A N   1 
ATOM   426  N N   D SER   A 1 31  ? -9.629  4.141   3.256   0.19 28.58  ? 40  SER   A N   1 
ATOM   427  C CA  A SER   A 1 31  ? -10.498 4.371   2.097   0.31 24.43  ? 40  SER   A CA  1 
ATOM   428  C CA  B SER   A 1 31  ? -10.484 4.323   2.049   0.30 29.60  ? 40  SER   A CA  1 
ATOM   429  C CA  C SER   A 1 31  ? -10.501 4.371   2.097   0.20 24.67  ? 40  SER   A CA  1 
ATOM   430  C CA  D SER   A 1 31  ? -10.485 4.322   2.052   0.19 29.46  ? 40  SER   A CA  1 
ATOM   431  C C   A SER   A 1 31  ? -9.681  5.044   0.986   0.31 24.84  ? 40  SER   A C   1 
ATOM   432  C C   B SER   A 1 31  ? -9.718  5.073   0.953   0.30 27.77  ? 40  SER   A C   1 
ATOM   433  C C   C SER   A 1 31  ? -9.684  5.044   0.987   0.20 25.11  ? 40  SER   A C   1 
ATOM   434  C C   D SER   A 1 31  ? -9.718  5.072   0.955   0.19 27.89  ? 40  SER   A C   1 
ATOM   435  O O   A SER   A 1 31  ? -9.625  4.512   -0.151  0.31 26.92  ? 40  SER   A O   1 
ATOM   436  O O   B SER   A 1 31  ? -9.749  4.634   -0.222  0.30 29.68  ? 40  SER   A O   1 
ATOM   437  O O   C SER   A 1 31  ? -9.634  4.510   -0.146  0.20 26.74  ? 40  SER   A O   1 
ATOM   438  O O   D SER   A 1 31  ? -9.750  4.627   -0.216  0.19 29.37  ? 40  SER   A O   1 
ATOM   439  C CB  A SER   A 1 31  ? -11.696 5.211   2.461   0.31 22.89  ? 40  SER   A CB  1 
ATOM   440  C CB  B SER   A 1 31  ? -11.770 5.024   2.391   0.30 31.41  ? 40  SER   A CB  1 
ATOM   441  C CB  C SER   A 1 31  ? -11.699 5.209   2.461   0.20 23.33  ? 40  SER   A CB  1 
ATOM   442  C CB  D SER   A 1 31  ? -11.769 5.026   2.396   0.19 31.17  ? 40  SER   A CB  1 
ATOM   443  O OG  A SER   A 1 31  ? -12.560 5.341   1.350   0.31 21.43  ? 40  SER   A OG  1 
ATOM   444  O OG  B SER   A 1 31  ? -12.617 4.160   3.139   0.30 38.68  ? 40  SER   A OG  1 
ATOM   445  O OG  C SER   A 1 31  ? -12.566 5.345   1.350   0.20 22.06  ? 40  SER   A OG  1 
ATOM   446  O OG  D SER   A 1 31  ? -12.620 4.167   3.143   0.19 36.76  ? 40  SER   A OG  1 
ATOM   447  N N   . GLU   A 1 32  ? -9.060  6.174   1.315   1.00 26.36  ? 41  GLU   A N   1 
ATOM   448  C CA  . GLU   A 1 32  ? -8.284  6.994   0.341   1.00 26.25  ? 41  GLU   A CA  1 
ATOM   449  C C   . GLU   A 1 32  ? -7.085  6.182   -0.175  1.00 26.24  ? 41  GLU   A C   1 
ATOM   450  O O   . GLU   A 1 32  ? -6.808  6.247   -1.366  1.00 27.05  ? 41  GLU   A O   1 
ATOM   451  C CB  . GLU   A 1 32  ? -7.889  8.315   1.010   1.00 26.89  ? 41  GLU   A CB  1 
ATOM   452  C CG  . GLU   A 1 32  ? -9.050  9.271   1.167   1.00 26.77  ? 41  GLU   A CG  1 
ATOM   453  C CD  . GLU   A 1 32  ? -9.539  9.823   -0.144  1.00 34.78  ? 41  GLU   A CD  1 
ATOM   454  O OE1 . GLU   A 1 32  ? -8.709  10.023  -1.016  1.00 38.61  ? 41  GLU   A OE1 1 
ATOM   455  O OE2 . GLU   A 1 32  ? -10.726 10.042  -0.272  1.00 36.25  ? 41  GLU   A OE2 1 
ATOM   456  N N   . ALA   A 1 33  ? -6.383  5.477   0.702   1.00 24.03  ? 42  ALA   A N   1 
ATOM   457  C CA  . ALA   A 1 33  ? -5.229  4.642   0.312   1.00 25.62  ? 42  ALA   A CA  1 
ATOM   458  C C   . ALA   A 1 33  ? -5.709  3.634   -0.737  1.00 27.30  ? 42  ALA   A C   1 
ATOM   459  O O   . ALA   A 1 33  ? -5.108  3.524   -1.814  1.00 29.07  ? 42  ALA   A O   1 
ATOM   460  C CB  . ALA   A 1 33  ? -4.593  4.019   1.521   1.00 27.20  ? 42  ALA   A CB  1 
ATOM   461  N N   . ARG   A 1 34  ? -6.830  2.957   -0.476  1.00 29.28  ? 43  ARG   A N   1 
ATOM   462  C CA  . ARG   A 1 34  ? -7.376  1.969   -1.437  1.00 31.52  ? 43  ARG   A CA  1 
ATOM   463  C C   . ARG   A 1 34  ? -7.708  2.625   -2.785  1.00 29.60  ? 43  ARG   A C   1 
ATOM   464  O O   . ARG   A 1 34  ? -7.384  2.041   -3.822  1.00 30.52  ? 43  ARG   A O   1 
ATOM   465  C CB  . ARG   A 1 34  ? -8.589  1.251   -0.844  1.00 33.41  ? 43  ARG   A CB  1 
ATOM   466  C CG  . ARG   A 1 34  ? -8.231  0.391   0.349   1.00 35.13  ? 43  ARG   A CG  1 
ATOM   467  C CD  . ARG   A 1 34  ? -9.433  -0.432  0.819   1.00 44.95  ? 43  ARG   A CD  1 
ATOM   468  N NE  . ARG   A 1 34  ? -8.947  -1.588  1.562   1.00 43.00  ? 43  ARG   A NE  1 
ATOM   469  C CZ  . ARG   A 1 34  ? -8.902  -1.699  2.895   1.00 45.86  ? 43  ARG   A CZ  1 
ATOM   470  N NH1 . ARG   A 1 34  ? -9.343  -0.729  3.672   1.00 41.97  ? 43  ARG   A NH1 1 
ATOM   471  N NH2 . ARG   A 1 34  ? -8.402  -2.792  3.447   1.00 47.73  ? 43  ARG   A NH2 1 
ATOM   472  N N   A GLN   A 1 35  ? -8.374  3.785   -2.771  0.31 28.52  ? 44  GLN   A N   1 
ATOM   473  N N   B GLN   A 1 35  ? -8.372  3.785   -2.771  0.30 28.60  ? 44  GLN   A N   1 
ATOM   474  N N   C GLN   A 1 35  ? -8.318  3.814   -2.752  0.20 30.05  ? 44  GLN   A N   1 
ATOM   475  N N   D GLN   A 1 35  ? -8.317  3.814   -2.752  0.19 30.11  ? 44  GLN   A N   1 
ATOM   476  C CA  A GLN   A 1 35  ? -8.743  4.526   -4.008  0.31 31.91  ? 44  GLN   A CA  1 
ATOM   477  C CA  B GLN   A 1 35  ? -8.743  4.526   -4.008  0.30 31.92  ? 44  GLN   A CA  1 
ATOM   478  C CA  C GLN   A 1 35  ? -8.757  4.578   -3.952  0.20 32.53  ? 44  GLN   A CA  1 
ATOM   479  C CA  D GLN   A 1 35  ? -8.757  4.578   -3.952  0.19 32.53  ? 44  GLN   A CA  1 
ATOM   480  C C   A GLN   A 1 35  ? -7.467  4.890   -4.784  0.31 30.18  ? 44  GLN   A C   1 
ATOM   481  C C   B GLN   A 1 35  ? -7.467  4.890   -4.784  0.30 30.21  ? 44  GLN   A C   1 
ATOM   482  C C   C GLN   A 1 35  ? -7.536  5.019   -4.772  0.20 31.75  ? 44  GLN   A C   1 
ATOM   483  C C   D GLN   A 1 35  ? -7.536  5.018   -4.772  0.19 31.78  ? 44  GLN   A C   1 
ATOM   484  O O   A GLN   A 1 35  ? -7.433  4.687   -6.006  0.31 31.66  ? 44  GLN   A O   1 
ATOM   485  O O   B GLN   A 1 35  ? -7.434  4.687   -6.007  0.30 31.66  ? 44  GLN   A O   1 
ATOM   486  O O   C GLN   A 1 35  ? -7.559  4.868   -6.006  0.20 32.78  ? 44  GLN   A O   1 
ATOM   487  O O   D GLN   A 1 35  ? -7.560  4.866   -6.006  0.19 32.78  ? 44  GLN   A O   1 
ATOM   488  C CB  A GLN   A 1 35  ? -9.574  5.765   -3.677  0.31 33.36  ? 44  GLN   A CB  1 
ATOM   489  C CB  B GLN   A 1 35  ? -9.574  5.766   -3.677  0.30 33.40  ? 44  GLN   A CB  1 
ATOM   490  C CB  C GLN   A 1 35  ? -9.589  5.786   -3.518  0.20 33.65  ? 44  GLN   A CB  1 
ATOM   491  C CB  D GLN   A 1 35  ? -9.589  5.787   -3.520  0.19 33.66  ? 44  GLN   A CB  1 
ATOM   492  C CG  A GLN   A 1 35  ? -10.242 6.390   -4.895  0.31 37.67  ? 44  GLN   A CG  1 
ATOM   493  C CG  B GLN   A 1 35  ? -10.242 6.390   -4.895  0.30 37.64  ? 44  GLN   A CG  1 
ATOM   494  C CG  C GLN   A 1 35  ? -10.938 5.888   -4.213  0.20 37.07  ? 44  GLN   A CG  1 
ATOM   495  C CG  D GLN   A 1 35  ? -10.938 5.888   -4.214  0.19 36.98  ? 44  GLN   A CG  1 
ATOM   496  C CD  A GLN   A 1 35  ? -11.384 5.544   -5.418  0.31 42.59  ? 44  GLN   A CD  1 
ATOM   497  C CD  B GLN   A 1 35  ? -11.383 5.544   -5.417  0.30 42.48  ? 44  GLN   A CD  1 
ATOM   498  C CD  C GLN   A 1 35  ? -12.061 6.233   -3.265  0.20 37.43  ? 44  GLN   A CD  1 
ATOM   499  C CD  D GLN   A 1 35  ? -12.060 6.233   -3.266  0.19 37.38  ? 44  GLN   A CD  1 
ATOM   500  O OE1 A GLN   A 1 35  ? -12.239 5.079   -4.660  0.31 43.78  ? 44  GLN   A OE1 1 
ATOM   501  O OE1 B GLN   A 1 35  ? -12.240 5.080   -4.660  0.30 43.69  ? 44  GLN   A OE1 1 
ATOM   502  O OE1 C GLN   A 1 35  ? -11.846 6.632   -2.121  0.20 38.22  ? 44  GLN   A OE1 1 
ATOM   503  O OE1 D GLN   A 1 35  ? -11.845 6.634   -2.122  0.19 38.16  ? 44  GLN   A OE1 1 
ATOM   504  N NE2 A GLN   A 1 35  ? -11.402 5.322   -6.725  0.31 43.68  ? 44  GLN   A NE2 1 
ATOM   505  N NE2 B GLN   A 1 35  ? -11.402 5.322   -6.724  0.30 43.58  ? 44  GLN   A NE2 1 
ATOM   506  N NE2 C GLN   A 1 35  ? -13.286 6.066   -3.740  0.20 38.18  ? 44  GLN   A NE2 1 
ATOM   507  N NE2 D GLN   A 1 35  ? -13.286 6.064   -3.739  0.19 38.12  ? 44  GLN   A NE2 1 
ATOM   508  N N   A HIS   A 1 36  ? -6.437  5.397   -4.104  0.31 29.67  ? 45  HIS   A N   1 
ATOM   509  N N   B HIS   A 1 36  ? -6.436  5.398   -4.105  0.30 29.68  ? 45  HIS   A N   1 
ATOM   510  N N   C HIS   A 1 36  ? -6.510  5.562   -4.114  0.20 31.60  ? 45  HIS   A N   1 
ATOM   511  N N   D HIS   A 1 36  ? -6.509  5.561   -4.115  0.19 31.63  ? 45  HIS   A N   1 
ATOM   512  C CA  A HIS   A 1 36  ? -5.158  5.803   -4.751  0.31 28.53  ? 45  HIS   A CA  1 
ATOM   513  C CA  B HIS   A 1 36  ? -5.158  5.804   -4.751  0.30 28.57  ? 45  HIS   A CA  1 
ATOM   514  C CA  C HIS   A 1 36  ? -5.245  5.999   -4.766  0.20 31.36  ? 45  HIS   A CA  1 
ATOM   515  C CA  D HIS   A 1 36  ? -5.245  5.999   -4.766  0.19 31.40  ? 45  HIS   A CA  1 
ATOM   516  C C   A HIS   A 1 36  ? -4.427  4.573   -5.316  0.31 29.23  ? 45  HIS   A C   1 
ATOM   517  C C   B HIS   A 1 36  ? -4.428  4.573   -5.315  0.30 29.24  ? 45  HIS   A C   1 
ATOM   518  C C   C HIS   A 1 36  ? -4.523  4.791   -5.379  0.20 32.03  ? 45  HIS   A C   1 
ATOM   519  C C   D HIS   A 1 36  ? -4.522  4.792   -5.379  0.19 32.04  ? 45  HIS   A C   1 
ATOM   520  O O   A HIS   A 1 36  ? -3.796  4.690   -6.396  0.31 30.01  ? 45  HIS   A O   1 
ATOM   521  O O   B HIS   A 1 36  ? -3.798  4.691   -6.396  0.30 30.01  ? 45  HIS   A O   1 
ATOM   522  O O   C HIS   A 1 36  ? -3.957  4.943   -6.484  0.20 33.69  ? 45  HIS   A O   1 
ATOM   523  O O   D HIS   A 1 36  ? -3.956  4.944   -6.483  0.19 33.66  ? 45  HIS   A O   1 
ATOM   524  C CB  A HIS   A 1 36  ? -4.289  6.609   -3.771  0.31 27.77  ? 45  HIS   A CB  1 
ATOM   525  C CB  B HIS   A 1 36  ? -4.289  6.609   -3.771  0.30 27.82  ? 45  HIS   A CB  1 
ATOM   526  C CB  C HIS   A 1 36  ? -4.361  6.775   -3.776  0.20 31.17  ? 45  HIS   A CB  1 
ATOM   527  C CB  D HIS   A 1 36  ? -4.362  6.774   -3.775  0.19 31.22  ? 45  HIS   A CB  1 
ATOM   528  C CG  A HIS   A 1 36  ? -4.707  8.036   -3.641  0.31 29.57  ? 45  HIS   A CG  1 
ATOM   529  C CG  B HIS   A 1 36  ? -4.706  8.037   -3.640  0.30 29.58  ? 45  HIS   A CG  1 
ATOM   530  C CG  C HIS   A 1 36  ? -4.736  8.213   -3.658  0.20 32.32  ? 45  HIS   A CG  1 
ATOM   531  C CG  D HIS   A 1 36  ? -4.736  8.214   -3.657  0.19 32.33  ? 45  HIS   A CG  1 
ATOM   532  N ND1 A HIS   A 1 36  ? -5.716  8.440   -2.783  0.31 30.36  ? 45  HIS   A ND1 1 
ATOM   533  N ND1 B HIS   A 1 36  ? -5.716  8.440   -2.783  0.30 30.35  ? 45  HIS   A ND1 1 
ATOM   534  N ND1 C HIS   A 1 36  ? -5.703  8.658   -2.774  0.20 32.93  ? 45  HIS   A ND1 1 
ATOM   535  N ND1 D HIS   A 1 36  ? -5.704  8.659   -2.774  0.19 32.92  ? 45  HIS   A ND1 1 
ATOM   536  C CD2 A HIS   A 1 36  ? -4.248  9.159   -4.231  0.31 29.21  ? 45  HIS   A CD2 1 
ATOM   537  C CD2 B HIS   A 1 36  ? -4.248  9.159   -4.230  0.30 29.25  ? 45  HIS   A CD2 1 
ATOM   538  C CD2 C HIS   A 1 36  ? -4.283  9.308   -4.303  0.20 32.44  ? 45  HIS   A CD2 1 
ATOM   539  C CD2 D HIS   A 1 36  ? -4.283  9.308   -4.303  0.19 32.45  ? 45  HIS   A CD2 1 
ATOM   540  C CE1 A HIS   A 1 36  ? -5.870  9.748   -2.872  0.31 30.75  ? 45  HIS   A CE1 1 
ATOM   541  C CE1 B HIS   A 1 36  ? -5.870  9.748   -2.871  0.30 30.74  ? 45  HIS   A CE1 1 
ATOM   542  C CE1 C HIS   A 1 36  ? -5.831  9.966   -2.890  0.20 32.76  ? 45  HIS   A CE1 1 
ATOM   543  C CE1 D HIS   A 1 36  ? -5.832  9.967   -2.889  0.19 32.77  ? 45  HIS   A CE1 1 
ATOM   544  N NE2 A HIS   A 1 36  ? -4.973  10.211  -3.735  0.31 32.95  ? 45  HIS   A NE2 1 
ATOM   545  N NE2 B HIS   A 1 36  ? -4.973  10.211  -3.735  0.30 32.89  ? 45  HIS   A NE2 1 
ATOM   546  N NE2 C HIS   A 1 36  ? -4.967  10.388  -3.813  0.20 34.87  ? 45  HIS   A NE2 1 
ATOM   547  N NE2 D HIS   A 1 36  ? -4.967  10.388  -3.813  0.19 34.80  ? 45  HIS   A NE2 1 
ATOM   548  N N   A LEU   A 1 37  ? -4.480  3.434   -4.621  0.31 27.94  ? 46  LEU   A N   1 
ATOM   549  N N   B LEU   A 1 37  ? -4.479  3.435   -4.621  0.30 28.00  ? 46  LEU   A N   1 
ATOM   550  N N   C LEU   A 1 37  ? -4.535  3.640   -4.700  0.20 31.07  ? 46  LEU   A N   1 
ATOM   551  N N   D LEU   A 1 37  ? -4.535  3.640   -4.701  0.19 31.12  ? 46  LEU   A N   1 
ATOM   552  C CA  A LEU   A 1 37  ? -3.846  2.176   -5.097  0.31 30.40  ? 46  LEU   A CA  1 
ATOM   553  C CA  B LEU   A 1 37  ? -3.846  2.176   -5.097  0.30 30.40  ? 46  LEU   A CA  1 
ATOM   554  C CA  C LEU   A 1 37  ? -3.908  2.389   -5.207  0.20 32.59  ? 46  LEU   A CA  1 
ATOM   555  C CA  D LEU   A 1 37  ? -3.908  2.388   -5.206  0.19 32.59  ? 46  LEU   A CA  1 
ATOM   556  C C   A LEU   A 1 37  ? -4.549  1.729   -6.391  0.31 32.47  ? 46  LEU   A C   1 
ATOM   557  C C   B LEU   A 1 37  ? -4.548  1.730   -6.392  0.30 32.49  ? 46  LEU   A C   1 
ATOM   558  C C   C LEU   A 1 37  ? -4.586  1.997   -6.525  0.20 33.34  ? 46  LEU   A C   1 
ATOM   559  C C   D LEU   A 1 37  ? -4.585  1.996   -6.524  0.19 33.35  ? 46  LEU   A C   1 
ATOM   560  O O   A LEU   A 1 37  ? -3.838  1.380   -7.352  0.31 33.29  ? 46  LEU   A O   1 
ATOM   561  O O   B LEU   A 1 37  ? -3.837  1.379   -7.352  0.30 33.29  ? 46  LEU   A O   1 
ATOM   562  O O   C LEU   A 1 37  ? -3.881  1.895   -7.548  0.20 32.37  ? 46  LEU   A O   1 
ATOM   563  O O   D LEU   A 1 37  ? -3.879  1.893   -7.547  0.19 32.40  ? 46  LEU   A O   1 
ATOM   564  C CB  A LEU   A 1 37  ? -3.898  1.104   -4.005  0.31 28.40  ? 46  LEU   A CB  1 
ATOM   565  C CB  B LEU   A 1 37  ? -3.899  1.105   -4.004  0.30 28.43  ? 46  LEU   A CB  1 
ATOM   566  C CB  C LEU   A 1 37  ? -4.030  1.274   -4.163  0.20 31.61  ? 46  LEU   A CB  1 
ATOM   567  C CB  D LEU   A 1 37  ? -4.030  1.275   -4.162  0.19 31.64  ? 46  LEU   A CB  1 
ATOM   568  C CG  A LEU   A 1 37  ? -2.941  1.304   -2.827  0.31 26.63  ? 46  LEU   A CG  1 
ATOM   569  C CG  B LEU   A 1 37  ? -2.942  1.305   -2.828  0.30 26.68  ? 46  LEU   A CG  1 
ATOM   570  C CG  C LEU   A 1 37  ? -3.098  1.392   -2.957  0.20 30.97  ? 46  LEU   A CG  1 
ATOM   571  C CG  D LEU   A 1 37  ? -3.099  1.391   -2.957  0.19 31.01  ? 46  LEU   A CG  1 
ATOM   572  C CD1 A LEU   A 1 37  ? -3.413  0.558   -1.589  0.31 27.36  ? 46  LEU   A CD1 1 
ATOM   573  C CD1 B LEU   A 1 37  ? -3.414  0.558   -1.589  0.30 27.38  ? 46  LEU   A CD1 1 
ATOM   574  C CD1 C LEU   A 1 37  ? -3.671  0.671   -1.748  0.20 32.06  ? 46  LEU   A CD1 1 
ATOM   575  C CD1 D LEU   A 1 37  ? -3.671  0.671   -1.747  0.19 32.05  ? 46  LEU   A CD1 1 
ATOM   576  C CD2 A LEU   A 1 37  ? -1.530  0.871   -3.182  0.31 27.69  ? 46  LEU   A CD2 1 
ATOM   577  C CD2 B LEU   A 1 37  ? -1.530  0.871   -3.183  0.30 27.70  ? 46  LEU   A CD2 1 
ATOM   578  C CD2 C LEU   A 1 37  ? -1.716  0.852   -3.277  0.20 31.68  ? 46  LEU   A CD2 1 
ATOM   579  C CD2 D LEU   A 1 37  ? -1.716  0.852   -3.277  0.19 31.68  ? 46  LEU   A CD2 1 
ATOM   580  N N   A LYS   A 1 38  ? -5.881  1.820   -6.442  0.31 36.39  ? 47  LYS   A N   1 
ATOM   581  N N   B LYS   A 1 38  ? -5.881  1.820   -6.443  0.30 36.41  ? 47  LYS   A N   1 
ATOM   582  N N   C LYS   A 1 38  ? -5.912  1.835   -6.504  0.20 35.22  ? 47  LYS   A N   1 
ATOM   583  N N   D LYS   A 1 38  ? -5.911  1.835   -6.505  0.19 35.22  ? 47  LYS   A N   1 
ATOM   584  C CA  A LYS   A 1 38  ? -6.697  1.465   -7.639  0.31 39.91  ? 47  LYS   A CA  1 
ATOM   585  C CA  B LYS   A 1 38  ? -6.696  1.466   -7.639  0.30 39.91  ? 47  LYS   A CA  1 
ATOM   586  C CA  C LYS   A 1 38  ? -6.720  1.478   -7.701  0.20 36.86  ? 47  LYS   A CA  1 
ATOM   587  C CA  D LYS   A 1 38  ? -6.720  1.479   -7.701  0.19 36.86  ? 47  LYS   A CA  1 
ATOM   588  C C   A LYS   A 1 38  ? -6.386  2.433   -8.794  0.31 39.30  ? 47  LYS   A C   1 
ATOM   589  C C   B LYS   A 1 38  ? -6.386  2.433   -8.795  0.30 39.30  ? 47  LYS   A C   1 
ATOM   590  C C   C LYS   A 1 38  ? -6.410  2.453   -8.838  0.20 37.69  ? 47  LYS   A C   1 
ATOM   591  C C   D LYS   A 1 38  ? -6.410  2.453   -8.838  0.19 37.67  ? 47  LYS   A C   1 
ATOM   592  O O   A LYS   A 1 38  ? -6.294  1.940   -9.934  0.31 40.39  ? 47  LYS   A O   1 
ATOM   593  O O   B LYS   A 1 38  ? -6.293  1.941   -9.934  0.30 40.37  ? 47  LYS   A O   1 
ATOM   594  O O   C LYS   A 1 38  ? -6.358  1.994   -9.995  0.20 38.71  ? 47  LYS   A O   1 
ATOM   595  O O   D LYS   A 1 38  ? -6.358  1.995   -9.996  0.19 38.67  ? 47  LYS   A O   1 
ATOM   596  C CB  A LYS   A 1 38  ? -8.187  1.454   -7.270  0.31 43.96  ? 47  LYS   A CB  1 
ATOM   597  C CB  B LYS   A 1 38  ? -8.187  1.454   -7.270  0.30 43.95  ? 47  LYS   A CB  1 
ATOM   598  C CB  C LYS   A 1 38  ? -8.214  1.516   -7.373  0.20 37.65  ? 47  LYS   A CB  1 
ATOM   599  C CB  D LYS   A 1 38  ? -8.214  1.517   -7.372  0.19 37.65  ? 47  LYS   A CB  1 
ATOM   600  C CG  A LYS   A 1 38  ? -9.161  1.212   -8.418  0.31 49.90  ? 47  LYS   A CG  1 
ATOM   601  C CG  B LYS   A 1 38  ? -9.161  1.211   -8.419  0.30 49.81  ? 47  LYS   A CG  1 
ATOM   602  C CG  C LYS   A 1 38  ? -9.150  1.205   -8.535  0.20 39.44  ? 47  LYS   A CG  1 
ATOM   603  C CG  D LYS   A 1 38  ? -9.150  1.206   -8.535  0.19 39.40  ? 47  LYS   A CG  1 
ATOM   604  C CD  A LYS   A 1 38  ? -10.301 2.218   -8.458  0.31 54.22  ? 47  LYS   A CD  1 
ATOM   605  C CD  B LYS   A 1 38  ? -10.301 2.218   -8.458  0.30 54.09  ? 47  LYS   A CD  1 
ATOM   606  C CD  C LYS   A 1 38  ? -10.610 1.415   -8.200  0.20 39.98  ? 47  LYS   A CD  1 
ATOM   607  C CD  D LYS   A 1 38  ? -10.610 1.416   -8.200  0.19 39.94  ? 47  LYS   A CD  1 
ATOM   608  C CE  A LYS   A 1 38  ? -11.098 2.195   -9.747  0.31 57.08  ? 47  LYS   A CE  1 
ATOM   609  C CE  B LYS   A 1 38  ? -11.098 2.195   -9.747  0.30 56.94  ? 47  LYS   A CE  1 
ATOM   610  C CE  C LYS   A 1 38  ? -11.005 0.858   -6.847  0.20 39.63  ? 47  LYS   A CE  1 
ATOM   611  C CE  D LYS   A 1 38  ? -11.006 0.859   -6.848  0.19 39.63  ? 47  LYS   A CE  1 
ATOM   612  N NZ  A LYS   A 1 38  ? -12.475 1.691   -9.535  0.31 58.47  ? 47  LYS   A NZ  1 
ATOM   613  N NZ  B LYS   A 1 38  ? -12.476 1.690   -9.534  0.30 58.33  ? 47  LYS   A NZ  1 
ATOM   614  N NZ  C LYS   A 1 38  ? -11.655 1.892   -6.010  0.20 41.04  ? 47  LYS   A NZ  1 
ATOM   615  N NZ  D LYS   A 1 38  ? -11.655 1.892   -6.010  0.19 40.98  ? 47  LYS   A NZ  1 
ATOM   616  N N   . ASP   A 1 39  ? -6.235  3.740   -8.521  1.00 38.00  ? 48  ASP   A N   1 
ATOM   617  C CA  . ASP   A 1 39  ? -6.028  4.805   -9.550  1.00 37.10  ? 48  ASP   A CA  1 
ATOM   618  C C   . ASP   A 1 39  ? -4.542  4.932   -9.958  1.00 34.54  ? 48  ASP   A C   1 
ATOM   619  O O   . ASP   A 1 39  ? -4.217  5.792   -10.808 1.00 36.36  ? 48  ASP   A O   1 
ATOM   620  C CB  . ASP   A 1 39  ? -6.549  6.164   -9.074  1.00 40.73  ? 48  ASP   A CB  1 
ATOM   621  C CG  . ASP   A 1 39  ? -8.020  6.190   -8.652  1.00 48.35  ? 48  ASP   A CG  1 
ATOM   622  O OD1 . ASP   A 1 39  ? -8.762  5.247   -8.988  1.00 44.44  ? 48  ASP   A OD1 1 
ATOM   623  O OD2 . ASP   A 1 39  ? -8.401  7.137   -7.934  1.00 49.09  ? 48  ASP   A OD2 1 
ATOM   624  N N   . GLY   A 1 40  ? -3.637  4.186   -9.332  1.00 33.21  ? 49  GLY   A N   1 
ATOM   625  C CA  . GLY   A 1 40  ? -2.187  4.271   -9.621  1.00 31.02  ? 49  GLY   A CA  1 
ATOM   626  C C   . GLY   A 1 40  ? -1.542  5.570   -9.174  1.00 29.27  ? 49  GLY   A C   1 
ATOM   627  O O   . GLY   A 1 40  ? -0.551  6.017   -9.791  1.00 28.89  ? 49  GLY   A O   1 
ATOM   628  N N   . THR   A 1 41  ? -2.085  6.193   -8.139  1.00 26.39  ? 50  THR   A N   1 
ATOM   629  C CA  . THR   A 1 41  ? -1.614  7.490   -7.598  1.00 27.13  ? 50  THR   A CA  1 
ATOM   630  C C   . THR   A 1 41  ? -1.201  7.295   -6.134  1.00 23.95  ? 50  THR   A C   1 
ATOM   631  O O   . THR   A 1 41  ? -1.419  8.208   -5.343  1.00 24.24  ? 50  THR   A O   1 
ATOM   632  C CB  . THR   A 1 41  ? -2.704  8.543   -7.758  1.00 28.36  ? 50  THR   A CB  1 
ATOM   633  O OG1 . THR   A 1 41  ? -3.902  8.090   -7.143  1.00 30.84  ? 50  THR   A OG1 1 
ATOM   634  C CG2 . THR   A 1 41  ? -3.006  8.833   -9.219  1.00 31.59  ? 50  THR   A CG2 1 
ATOM   635  N N   . CYS   A 1 42  ? -0.606  6.154   -5.802  1.00 23.56  ? 51  CYS   A N   1 
ATOM   636  C CA  . CYS   A 1 42  ? -0.132  5.855   -4.429  1.00 23.31  ? 51  CYS   A CA  1 
ATOM   637  C C   . CYS   A 1 42  ? 1.368   5.627   -4.430  1.00 22.16  ? 51  CYS   A C   1 
ATOM   638  O O   . CYS   A 1 42  ? 1.850   4.772   -5.238  1.00 26.26  ? 51  CYS   A O   1 
ATOM   639  C CB  . CYS   A 1 42  ? -0.821  4.611   -3.885  1.00 25.52  ? 51  CYS   A CB  1 
ATOM   640  S SG  . CYS   A 1 42  ? -0.605  4.346   -2.106  1.00 25.50  ? 51  CYS   A SG  1 
ATOM   641  N N   . GLY   A 1 43  ? 2.095   6.297   -3.520  1.00 21.58  ? 52  GLY   A N   1 
ATOM   642  C CA  . GLY   A 1 43  ? 3.514   6.044   -3.307  1.00 21.66  ? 52  GLY   A CA  1 
ATOM   643  C C   . GLY   A 1 43  ? 3.768   5.322   -1.998  1.00 22.23  ? 52  GLY   A C   1 
ATOM   644  O O   . GLY   A 1 43  ? 2.815   5.155   -1.169  1.00 23.49  ? 52  GLY   A O   1 
ATOM   645  N N   . LEU   A 1 44  ? 5.013   4.914   -1.834  1.00 22.47  ? 53  LEU   A N   1 
ATOM   646  C CA  . LEU   A 1 44  ? 5.475   4.124   -0.663  1.00 23.68  ? 53  LEU   A CA  1 
ATOM   647  C C   . LEU   A 1 44  ? 6.706   4.835   -0.114  1.00 22.87  ? 53  LEU   A C   1 
ATOM   648  O O   . LEU   A 1 44  ? 7.621   5.078   -0.875  1.00 23.12  ? 53  LEU   A O   1 
ATOM   649  C CB  . LEU   A 1 44  ? 5.856   2.713   -1.126  1.00 25.73  ? 53  LEU   A CB  1 
ATOM   650  C CG  . LEU   A 1 44  ? 6.342   1.723   -0.061  1.00 30.39  ? 53  LEU   A CG  1 
ATOM   651  C CD1 . LEU   A 1 44  ? 5.281   1.484   0.999   1.00 35.97  ? 53  LEU   A CD1 1 
ATOM   652  C CD2 . LEU   A 1 44  ? 6.703   0.398   -0.715  1.00 34.19  ? 53  LEU   A CD2 1 
ATOM   653  N N   . VAL   A 1 45  ? 6.718   5.091   1.172   1.00 24.28  ? 54  VAL   A N   1 
ATOM   654  C CA  . VAL   A 1 45  ? 7.934   5.573   1.881   1.00 25.01  ? 54  VAL   A CA  1 
ATOM   655  C C   . VAL   A 1 45  ? 8.434   4.476   2.814   1.00 24.69  ? 54  VAL   A C   1 
ATOM   656  O O   . VAL   A 1 45  ? 7.649   3.979   3.633   1.00 24.59  ? 54  VAL   A O   1 
ATOM   657  C CB  . VAL   A 1 45  ? 7.638   6.872   2.634   1.00 24.97  ? 54  VAL   A CB  1 
ATOM   658  C CG1 . VAL   A 1 45  ? 8.867   7.388   3.337   1.00 23.71  ? 54  VAL   A CG1 1 
ATOM   659  C CG2 . VAL   A 1 45  ? 7.116   7.930   1.679   1.00 24.83  ? 54  VAL   A CG2 1 
ATOM   660  N N   . GLU   A 1 46  ? 9.705   4.128   2.680   1.00 25.86  ? 55  GLU   A N   1 
ATOM   661  C CA  . GLU   A 1 46  ? 10.319  3.069   3.518   1.00 27.64  ? 55  GLU   A CA  1 
ATOM   662  C C   . GLU   A 1 46  ? 10.541  3.678   4.904   1.00 28.47  ? 55  GLU   A C   1 
ATOM   663  O O   . GLU   A 1 46  ? 11.036  4.806   4.991   1.00 30.71  ? 55  GLU   A O   1 
ATOM   664  C CB  . GLU   A 1 46  ? 11.550  2.519   2.803   1.00 31.29  ? 55  GLU   A CB  1 
ATOM   665  C CG  . GLU   A 1 46  ? 11.136  1.755   1.575   1.00 31.13  ? 55  GLU   A CG  1 
ATOM   666  C CD  . GLU   A 1 46  ? 12.207  1.023   0.824   1.00 37.33  ? 55  GLU   A CD  1 
ATOM   667  O OE1 . GLU   A 1 46  ? 13.256  1.615   0.619   1.00 44.17  ? 55  GLU   A OE1 1 
ATOM   668  O OE2 . GLU   A 1 46  ? 11.933  -0.097  0.372   1.00 38.83  ? 55  GLU   A OE2 1 
ATOM   669  N N   . VAL   A 1 47  ? 10.115  2.981   5.959   1.00 33.41  ? 56  VAL   A N   1 
ATOM   670  C CA  . VAL   A 1 47  ? 10.180  3.516   7.354   1.00 36.38  ? 56  VAL   A CA  1 
ATOM   671  C C   . VAL   A 1 47  ? 11.592  3.296   7.892   1.00 42.79  ? 56  VAL   A C   1 
ATOM   672  O O   . VAL   A 1 47  ? 12.027  2.147   7.938   1.00 41.25  ? 56  VAL   A O   1 
ATOM   673  C CB  . VAL   A 1 47  ? 9.105   2.891   8.260   1.00 40.35  ? 56  VAL   A CB  1 
ATOM   674  C CG1 . VAL   A 1 47  ? 9.314   3.263   9.718   1.00 40.64  ? 56  VAL   A CG1 1 
ATOM   675  C CG2 . VAL   A 1 47  ? 7.712   3.302   7.795   1.00 37.98  ? 56  VAL   A CG2 1 
ATOM   676  N N   . GLU   A 1 48  ? 12.302  4.372   8.205   1.00 44.16  ? 57  GLU   A N   1 
ATOM   677  C CA  . GLU   A 1 48  ? 13.587  4.361   8.951   1.00 49.23  ? 57  GLU   A CA  1 
ATOM   678  C C   . GLU   A 1 48  ? 13.482  5.412   10.058  1.00 46.96  ? 57  GLU   A C   1 
ATOM   679  O O   . GLU   A 1 48  ? 12.475  6.148   10.088  1.00 40.13  ? 57  GLU   A O   1 
ATOM   680  C CB  . GLU   A 1 48  ? 14.760  4.635   8.006   1.00 58.54  ? 57  GLU   A CB  1 
ATOM   681  C CG  . GLU   A 1 48  ? 15.178  3.403   7.220   1.00 72.11  ? 57  GLU   A CG  1 
ATOM   682  C CD  . GLU   A 1 48  ? 16.594  3.350   6.653   1.00 84.36  ? 57  GLU   A CD  1 
ATOM   683  O OE1 . GLU   A 1 48  ? 17.423  4.241   6.974   1.00 94.54  ? 57  GLU   A OE1 1 
ATOM   684  O OE2 . GLU   A 1 48  ? 16.871  2.394   5.890   1.00 92.15  ? 57  GLU   A OE2 1 
ATOM   685  N N   . LYS   A 1 49  ? 14.484  5.470   10.939  1.00 42.74  ? 58  LYS   A N   1 
ATOM   686  C CA  . LYS   A 1 49  ? 14.561  6.494   12.007  1.00 50.31  ? 58  LYS   A CA  1 
ATOM   687  C C   . LYS   A 1 49  ? 14.215  7.844   11.384  1.00 41.17  ? 58  LYS   A C   1 
ATOM   688  O O   . LYS   A 1 49  ? 14.846  8.172   10.379  1.00 44.04  ? 58  LYS   A O   1 
ATOM   689  C CB  . LYS   A 1 49  ? 15.972  6.556   12.608  1.00 55.59  ? 58  LYS   A CB  1 
ATOM   690  C CG  . LYS   A 1 49  ? 16.419  5.311   13.363  1.00 64.06  ? 58  LYS   A CG  1 
ATOM   691  C CD  . LYS   A 1 49  ? 15.705  5.096   14.678  1.00 71.92  ? 58  LYS   A CD  1 
ATOM   692  C CE  . LYS   A 1 49  ? 16.441  4.138   15.594  1.00 75.27  ? 58  LYS   A CE  1 
ATOM   693  N NZ  . LYS   A 1 49  ? 16.434  2.755   15.062  1.00 75.61  ? 58  LYS   A NZ  1 
ATOM   694  N N   . GLY   A 1 50  ? 13.239  8.551   11.950  1.00 39.75  ? 59  GLY   A N   1 
ATOM   695  C CA  . GLY   A 1 50  ? 12.951  9.965   11.645  1.00 38.36  ? 59  GLY   A CA  1 
ATOM   696  C C   . GLY   A 1 50  ? 11.921  10.134  10.546  1.00 37.73  ? 59  GLY   A C   1 
ATOM   697  O O   . GLY   A 1 50  ? 11.537  11.302  10.238  1.00 37.02  ? 59  GLY   A O   1 
ATOM   698  N N   . VAL   A 1 51  ? 11.469  9.032   9.945   1.00 32.34  ? 60  VAL   A N   1 
ATOM   699  C CA  . VAL   A 1 51  ? 10.503  9.124   8.805   1.00 32.56  ? 60  VAL   A CA  1 
ATOM   700  C C   . VAL   A 1 51  ? 9.110   9.448   9.341   1.00 29.83  ? 60  VAL   A C   1 
ATOM   701  O O   . VAL   A 1 51  ? 8.508   10.401  8.859   1.00 27.64  ? 60  VAL   A O   1 
ATOM   702  C CB  . VAL   A 1 51  ? 10.505  7.850   7.941   1.00 28.80  ? 60  VAL   A CB  1 
ATOM   703  C CG1 . VAL   A 1 51  ? 9.292   7.784   7.032   1.00 33.07  ? 60  VAL   A CG1 1 
ATOM   704  C CG2 . VAL   A 1 51  ? 11.798  7.767   7.174   1.00 29.42  ? 60  VAL   A CG2 1 
ATOM   705  N N   . LEU   A 1 52  ? 8.569   8.672   10.280  1.00 28.43  ? 61  LEU   A N   1 
ATOM   706  C CA  . LEU   A 1 52  ? 7.133   8.833   10.626  1.00 29.73  ? 61  LEU   A CA  1 
ATOM   707  C C   . LEU   A 1 52  ? 6.824   10.203  11.195  1.00 27.97  ? 61  LEU   A C   1 
ATOM   708  O O   . LEU   A 1 52  ? 5.790   10.754  10.879  1.00 29.09  ? 61  LEU   A O   1 
ATOM   709  C CB  . LEU   A 1 52  ? 6.688   7.709   11.553  1.00 32.19  ? 61  LEU   A CB  1 
ATOM   710  C CG  . LEU   A 1 52  ? 6.620   6.347   10.866  1.00 36.90  ? 61  LEU   A CG  1 
ATOM   711  C CD1 . LEU   A 1 52  ? 6.367   5.269   11.883  1.00 36.63  ? 61  LEU   A CD1 1 
ATOM   712  C CD2 . LEU   A 1 52  ? 5.518   6.359   9.802   1.00 38.03  ? 61  LEU   A CD2 1 
ATOM   713  N N   . PRO   A 1 53  ? 7.691   10.827  12.028  1.00 29.42  ? 62  PRO   A N   1 
ATOM   714  C CA  . PRO   A 1 53  ? 7.395   12.183  12.524  1.00 31.08  ? 62  PRO   A CA  1 
ATOM   715  C C   . PRO   A 1 53  ? 7.297   13.238  11.403  1.00 29.58  ? 62  PRO   A C   1 
ATOM   716  O O   . PRO   A 1 53  ? 6.710   14.295  11.596  1.00 30.09  ? 62  PRO   A O   1 
ATOM   717  C CB  . PRO   A 1 53  ? 8.535   12.448  13.518  1.00 30.73  ? 62  PRO   A CB  1 
ATOM   718  C CG  . PRO   A 1 53  ? 9.061   11.089  13.870  1.00 32.55  ? 62  PRO   A CG  1 
ATOM   719  C CD  . PRO   A 1 53  ? 8.937   10.267  12.591  1.00 32.20  ? 62  PRO   A CD  1 
ATOM   720  N N   . GLN   A 1 54  ? 7.835   12.934  10.227  1.00 28.73  ? 63  GLN   A N   1 
ATOM   721  C CA  . GLN   A 1 54  ? 7.786   13.847  9.062   1.00 27.32  ? 63  GLN   A CA  1 
ATOM   722  C C   . GLN   A 1 54  ? 6.507   13.594  8.253   1.00 29.93  ? 63  GLN   A C   1 
ATOM   723  O O   . GLN   A 1 54  ? 6.252   14.341  7.293   1.00 29.77  ? 63  GLN   A O   1 
ATOM   724  C CB  . GLN   A 1 54  ? 9.020   13.671  8.183   1.00 29.60  ? 63  GLN   A CB  1 
ATOM   725  C CG  . GLN   A 1 54  ? 10.279  14.173  8.863   1.00 33.79  ? 63  GLN   A CG  1 
ATOM   726  C CD  . GLN   A 1 54  ? 11.431  14.120  7.898   1.00 34.98  ? 63  GLN   A CD  1 
ATOM   727  O OE1 . GLN   A 1 54  ? 11.564  14.985  7.040   1.00 37.53  ? 63  GLN   A OE1 1 
ATOM   728  N NE2 . GLN   A 1 54  ? 12.260  13.103  8.038   1.00 35.64  ? 63  GLN   A NE2 1 
ATOM   729  N N   . LEU   A 1 55  ? 5.728   12.585  8.613   1.00 27.00  ? 64  LEU   A N   1 
ATOM   730  C CA  . LEU   A 1 55  ? 4.439   12.300  7.922   1.00 28.50  ? 64  LEU   A CA  1 
ATOM   731  C C   . LEU   A 1 55  ? 3.255   12.566  8.849   1.00 28.68  ? 64  LEU   A C   1 
ATOM   732  O O   . LEU   A 1 55  ? 3.438   12.804  10.055  1.00 33.49  ? 64  LEU   A O   1 
ATOM   733  C CB  . LEU   A 1 55  ? 4.445   10.868  7.389   1.00 26.54  ? 64  LEU   A CB  1 
ATOM   734  C CG  . LEU   A 1 55  ? 5.517   10.601  6.331   1.00 30.32  ? 64  LEU   A CG  1 
ATOM   735  C CD1 . LEU   A 1 55  ? 5.604   9.125   6.008   1.00 32.00  ? 64  LEU   A CD1 1 
ATOM   736  C CD2 . LEU   A 1 55  ? 5.240   11.418  5.053   1.00 29.96  ? 64  LEU   A CD2 1 
ATOM   737  N N   . GLU   A 1 56  ? 2.058   12.582  8.283   1.00 28.10  ? 65  GLU   A N   1 
ATOM   738  C CA  . GLU   A 1 56  ? 0.819   12.959  8.994   1.00 27.57  ? 65  GLU   A CA  1 
ATOM   739  C C   . GLU   A 1 56  ? 0.091   11.694  9.455   1.00 30.13  ? 65  GLU   A C   1 
ATOM   740  O O   . GLU   A 1 56  ? -0.126  10.813  8.662   1.00 28.79  ? 65  GLU   A O   1 
ATOM   741  C CB  . GLU   A 1 56  ? -0.067  13.842  8.098   1.00 32.42  ? 65  GLU   A CB  1 
ATOM   742  C CG  . GLU   A 1 56  ? 0.557   15.213  7.865   1.00 34.94  ? 65  GLU   A CG  1 
ATOM   743  C CD  . GLU   A 1 56  ? -0.101  16.112  6.830   1.00 42.40  ? 65  GLU   A CD  1 
ATOM   744  O OE1 . GLU   A 1 56  ? -0.904  15.595  6.036   1.00 51.32  ? 65  GLU   A OE1 1 
ATOM   745  O OE2 . GLU   A 1 56  ? 0.197   17.336  6.819   1.00 49.53  ? 65  GLU   A OE2 1 
ATOM   746  N N   . GLN   A 1 57  ? -0.362  11.669  10.705  1.00 31.68  ? 66  GLN   A N   1 
ATOM   747  C CA  . GLN   A 1 57  ? -1.306  10.637  11.199  1.00 31.39  ? 66  GLN   A CA  1 
ATOM   748  C C   . GLN   A 1 57  ? -2.728  10.987  10.814  1.00 30.59  ? 66  GLN   A C   1 
ATOM   749  O O   . GLN   A 1 57  ? -3.001  12.139  10.520  1.00 33.18  ? 66  GLN   A O   1 
ATOM   750  C CB  . GLN   A 1 57  ? -1.204  10.559  12.714  1.00 34.23  ? 66  GLN   A CB  1 
ATOM   751  C CG  . GLN   A 1 57  ? 0.142   10.004  13.125  1.00 35.15  ? 66  GLN   A CG  1 
ATOM   752  C CD  . GLN   A 1 57  ? 0.183   9.696   14.595  1.00 41.25  ? 66  GLN   A CD  1 
ATOM   753  O OE1 . GLN   A 1 57  ? -0.672  8.985   15.107  1.00 37.57  ? 66  GLN   A OE1 1 
ATOM   754  N NE2 . GLN   A 1 57  ? 1.162   10.262  15.280  1.00 51.87  ? 66  GLN   A NE2 1 
ATOM   755  N N   . PRO   A 1 58  ? -3.649  10.003  10.707  1.00 26.90  ? 67  PRO   A N   1 
ATOM   756  C CA  . PRO   A 1 58  ? -3.287  8.581   10.808  1.00 29.53  ? 67  PRO   A CA  1 
ATOM   757  C C   . PRO   A 1 58  ? -2.385  8.072   9.664   1.00 28.62  ? 67  PRO   A C   1 
ATOM   758  O O   . PRO   A 1 58  ? -2.517  8.556   8.519   1.00 27.42  ? 67  PRO   A O   1 
ATOM   759  C CB  . PRO   A 1 58  ? -4.646  7.864   10.704  1.00 29.30  ? 67  PRO   A CB  1 
ATOM   760  C CG  . PRO   A 1 58  ? -5.684  8.935   10.954  1.00 31.77  ? 67  PRO   A CG  1 
ATOM   761  C CD  . PRO   A 1 58  ? -5.069  10.204  10.407  1.00 29.58  ? 67  PRO   A CD  1 
ATOM   762  N N   . TYR   A 1 59  ? -1.506  7.115   9.962   1.00 26.53  ? 68  TYR   A N   1 
ATOM   763  C CA  . TYR   A 1 59  ? -0.653  6.445   8.958   1.00 25.98  ? 68  TYR   A CA  1 
ATOM   764  C C   . TYR   A 1 59  ? -1.379  5.253   8.337   1.00 27.88  ? 68  TYR   A C   1 
ATOM   765  O O   . TYR   A 1 59  ? -2.174  4.565   9.043   1.00 26.74  ? 68  TYR   A O   1 
ATOM   766  C CB  . TYR   A 1 59  ? 0.628   5.932   9.577   1.00 27.29  ? 68  TYR   A CB  1 
ATOM   767  C CG  . TYR   A 1 59  ? 1.405   6.932   10.386  1.00 29.93  ? 68  TYR   A CG  1 
ATOM   768  C CD1 . TYR   A 1 59  ? 1.861   8.127   9.843   1.00 31.12  ? 68  TYR   A CD1 1 
ATOM   769  C CD2 . TYR   A 1 59  ? 1.697   6.661   11.719  1.00 32.13  ? 68  TYR   A CD2 1 
ATOM   770  C CE1 . TYR   A 1 59  ? 2.614   9.013   10.600  1.00 32.88  ? 68  TYR   A CE1 1 
ATOM   771  C CE2 . TYR   A 1 59  ? 2.441   7.541   12.484  1.00 35.82  ? 68  TYR   A CE2 1 
ATOM   772  C CZ  . TYR   A 1 59  ? 2.896   8.722   11.931  1.00 35.91  ? 68  TYR   A CZ  1 
ATOM   773  O OH  . TYR   A 1 59  ? 3.645   9.544   12.722  1.00 35.98  ? 68  TYR   A OH  1 
ATOM   774  N N   . VAL   A 1 60  ? -1.043  4.965   7.084   1.00 26.58  ? 69  VAL   A N   1 
ATOM   775  C CA  . VAL   A 1 60  ? -1.426  3.700   6.406   1.00 25.18  ? 69  VAL   A CA  1 
ATOM   776  C C   . VAL   A 1 60  ? -0.156  2.933   6.098   1.00 28.23  ? 69  VAL   A C   1 
ATOM   777  O O   . VAL   A 1 60  ? 0.627   3.376   5.255   1.00 25.47  ? 69  VAL   A O   1 
ATOM   778  C CB  . VAL   A 1 60  ? -2.291  3.881   5.154   1.00 26.53  ? 69  VAL   A CB  1 
ATOM   779  C CG1 . VAL   A 1 60  ? -2.611  2.526   4.534   1.00 26.82  ? 69  VAL   A CG1 1 
ATOM   780  C CG2 . VAL   A 1 60  ? -3.548  4.683   5.423   1.00 27.19  ? 69  VAL   A CG2 1 
ATOM   781  N N   . PHE   A 1 61  ? 0.012   1.754   6.697   1.00 25.43  ? 70  PHE   A N   1 
ATOM   782  C CA  . PHE   A 1 61  ? 1.158   0.882   6.388   1.00 28.67  ? 70  PHE   A CA  1 
ATOM   783  C C   . PHE   A 1 61  ? 0.740   -0.185  5.375   1.00 26.93  ? 70  PHE   A C   1 
ATOM   784  O O   . PHE   A 1 61  ? -0.450  -0.626  5.417   1.00 27.86  ? 70  PHE   A O   1 
ATOM   785  C CB  . PHE   A 1 61  ? 1.725   0.241   7.660   1.00 26.61  ? 70  PHE   A CB  1 
ATOM   786  C CG  . PHE   A 1 61  ? 2.209   1.220   8.708   1.00 27.91  ? 70  PHE   A CG  1 
ATOM   787  C CD1 . PHE   A 1 61  ? 3.382   1.942   8.516   1.00 28.30  ? 70  PHE   A CD1 1 
ATOM   788  C CD2 . PHE   A 1 61  ? 1.487   1.460   9.861   1.00 29.68  ? 70  PHE   A CD2 1 
ATOM   789  C CE1 . PHE   A 1 61  ? 3.819   2.847   9.468   1.00 31.84  ? 70  PHE   A CE1 1 
ATOM   790  C CE2 . PHE   A 1 61  ? 1.923   2.371   10.805  1.00 30.15  ? 70  PHE   A CE2 1 
ATOM   791  C CZ  . PHE   A 1 61  ? 3.099   3.053   10.621  1.00 30.06  ? 70  PHE   A CZ  1 
ATOM   792  N N   . ILE   A 1 62  ? 1.686   -0.633  4.550   1.00 27.05  ? 71  ILE   A N   1 
ATOM   793  C CA  . ILE   A 1 62  ? 1.583   -1.981  3.928   1.00 30.20  ? 71  ILE   A CA  1 
ATOM   794  C C   . ILE   A 1 62  ? 2.436   -2.914  4.769   1.00 31.11  ? 71  ILE   A C   1 
ATOM   795  O O   . ILE   A 1 62  ? 3.649   -2.637  4.989   1.00 32.12  ? 71  ILE   A O   1 
ATOM   796  C CB  . ILE   A 1 62  ? 1.912   -2.064  2.426   1.00 32.17  ? 71  ILE   A CB  1 
ATOM   797  C CG1 . ILE   A 1 62  ? 3.210   -1.330  2.066   1.00 34.38  ? 71  ILE   A CG1 1 
ATOM   798  C CG2 . ILE   A 1 62  ? 0.737   -1.578  1.634   1.00 35.58  ? 71  ILE   A CG2 1 
ATOM   799  C CD1 . ILE   A 1 62  ? 3.850   -1.876  0.804   1.00 33.32  ? 71  ILE   A CD1 1 
ATOM   800  N N   . LYS   A 1 63  ? 1.815   -4.040  5.159   1.00 27.17  ? 72  LYS   A N   1 
ATOM   801  C CA  . LYS   A 1 63  ? 2.461   -5.077  5.974   1.00 28.22  ? 72  LYS   A CA  1 
ATOM   802  C C   . LYS   A 1 63  ? 2.410   -6.422  5.245   1.00 27.63  ? 72  LYS   A C   1 
ATOM   803  O O   . LYS   A 1 63  ? 1.448   -6.685  4.537   1.00 29.33  ? 72  LYS   A O   1 
ATOM   804  C CB  . LYS   A 1 63  ? 1.792   -5.127  7.344   1.00 30.54  ? 72  LYS   A CB  1 
ATOM   805  C CG  . LYS   A 1 63  ? 2.134   -3.933  8.229   1.00 39.34  ? 72  LYS   A CG  1 
ATOM   806  C CD  . LYS   A 1 63  ? 1.446   -3.966  9.575   1.00 43.14  ? 72  LYS   A CD  1 
ATOM   807  C CE  . LYS   A 1 63  ? 2.080   -3.061  10.615  1.00 48.67  ? 72  LYS   A CE  1 
ATOM   808  N NZ  . LYS   A 1 63  ? 3.527   -3.329  10.787  1.00 47.88  ? 72  LYS   A NZ  1 
ATOM   809  N N   . ARG   A 1 64  ? 3.427   -7.241  5.435   1.00 29.06  ? 73  ARG   A N   1 
ATOM   810  C CA  . ARG   A 1 64  ? 3.519   -8.573  4.772   1.00 33.23  ? 73  ARG   A CA  1 
ATOM   811  C C   . ARG   A 1 64  ? 2.412   -9.490  5.326   1.00 33.53  ? 73  ARG   A C   1 
ATOM   812  O O   . ARG   A 1 64  ? 2.257   -9.546  6.534   1.00 34.40  ? 73  ARG   A O   1 
ATOM   813  C CB  . ARG   A 1 64  ? 4.923   -9.146  4.950   1.00 40.50  ? 73  ARG   A CB  1 
ATOM   814  C CG  . ARG   A 1 64  ? 5.211   -10.309 4.013   1.00 48.27  ? 73  ARG   A CG  1 
ATOM   815  C CD  . ARG   A 1 64  ? 6.379   -11.161 4.480   1.00 57.28  ? 73  ARG   A CD  1 
ATOM   816  N NE  . ARG   A 1 64  ? 7.068   -11.761 3.347   1.00 67.31  ? 73  ARG   A NE  1 
ATOM   817  C CZ  . ARG   A 1 64  ? 8.080   -11.191 2.696   1.00 72.09  ? 73  ARG   A CZ  1 
ATOM   818  N NH1 . ARG   A 1 64  ? 8.532   -10.006 3.071   1.00 72.17  ? 73  ARG   A NH1 1 
ATOM   819  N NH2 . ARG   A 1 64  ? 8.639   -11.813 1.671   1.00 77.52  ? 73  ARG   A NH2 1 
ATOM   820  N N   . SER   A 1 65  ? 1.605   -10.101 4.464   1.00 36.69  ? 74  SER   A N   1 
ATOM   821  C CA  . SER   A 1 65  ? 0.389   -10.847 4.893   1.00 43.55  ? 74  SER   A CA  1 
ATOM   822  C C   . SER   A 1 65  ? 0.697   -12.342 4.911   1.00 50.38  ? 74  SER   A C   1 
ATOM   823  O O   . SER   A 1 65  ? -0.178  -13.083 5.365   1.00 48.72  ? 74  SER   A O   1 
ATOM   824  C CB  . SER   A 1 65  ? -0.816  -10.527 4.032   1.00 45.84  ? 74  SER   A CB  1 
ATOM   825  O OG  . SER   A 1 65  ? -0.624  -10.894 2.676   1.00 51.20  ? 74  SER   A OG  1 
ATOM   826  N N   . ASP   A 1 66  ? 1.892   -12.742 4.457   1.00 61.16  ? 75  ASP   A N   1 
ATOM   827  C CA  . ASP   A 1 66  ? 2.221   -14.138 4.045   1.00 69.96  ? 75  ASP   A CA  1 
ATOM   828  C C   . ASP   A 1 66  ? 3.661   -14.194 3.490   1.00 73.77  ? 75  ASP   A C   1 
ATOM   829  O O   . ASP   A 1 66  ? 4.215   -13.127 3.184   1.00 65.59  ? 75  ASP   A O   1 
ATOM   830  C CB  . ASP   A 1 66  ? 1.153   -14.616 3.052   1.00 69.33  ? 75  ASP   A CB  1 
ATOM   831  C CG  . ASP   A 1 66  ? 1.295   -16.033 2.530   1.00 68.74  ? 75  ASP   A CG  1 
ATOM   832  O OD1 . ASP   A 1 66  ? 2.298   -16.702 2.867   1.00 66.54  ? 75  ASP   A OD1 1 
ATOM   833  O OD2 . ASP   A 1 66  ? 0.391   -16.457 1.783   1.00 76.69  ? 75  ASP   A OD2 1 
ATOM   834  N N   . ALA   A 1 67  ? 4.256   -15.393 3.394   1.00 82.28  ? 76  ALA   A N   1 
ATOM   835  C CA  . ALA   A 1 67  ? 5.573   -15.659 2.754   1.00 86.99  ? 76  ALA   A CA  1 
ATOM   836  C C   . ALA   A 1 67  ? 5.390   -16.598 1.550   1.00 87.16  ? 76  ALA   A C   1 
ATOM   837  O O   . ALA   A 1 67  ? 5.747   -17.787 1.690   1.00 80.54  ? 76  ALA   A O   1 
ATOM   838  C CB  . ALA   A 1 67  ? 6.546   -16.235 3.758   1.00 84.02  ? 76  ALA   A CB  1 
ATOM   839  N N   . ALA   A 1 70  ? 5.940   -15.242 -1.839  1.00 67.82  ? 79  ALA   A N   1 
ATOM   840  C CA  . ALA   A 1 70  ? 5.899   -14.055 -2.730  1.00 72.69  ? 79  ALA   A CA  1 
ATOM   841  C C   . ALA   A 1 70  ? 5.727   -14.509 -4.175  1.00 73.88  ? 79  ALA   A C   1 
ATOM   842  O O   . ALA   A 1 70  ? 6.710   -14.874 -4.821  1.00 81.44  ? 79  ALA   A O   1 
ATOM   843  C CB  . ALA   A 1 70  ? 7.156   -13.233 -2.574  1.00 70.78  ? 79  ALA   A CB  1 
ATOM   844  N N   . PRO   A 1 71  ? 4.486   -14.512 -4.718  1.00 66.34  ? 80  PRO   A N   1 
ATOM   845  C CA  . PRO   A 1 71  ? 4.255   -14.819 -6.132  1.00 68.78  ? 80  PRO   A CA  1 
ATOM   846  C C   . PRO   A 1 71  ? 4.894   -13.806 -7.093  1.00 71.13  ? 80  PRO   A C   1 
ATOM   847  O O   . PRO   A 1 71  ? 4.852   -12.639 -6.801  1.00 72.14  ? 80  PRO   A O   1 
ATOM   848  C CB  . PRO   A 1 71  ? 2.728   -14.756 -6.284  1.00 67.60  ? 80  PRO   A CB  1 
ATOM   849  C CG  . PRO   A 1 71  ? 2.214   -14.955 -4.883  1.00 68.38  ? 80  PRO   A CG  1 
ATOM   850  C CD  . PRO   A 1 71  ? 3.231   -14.273 -3.991  1.00 66.19  ? 80  PRO   A CD  1 
ATOM   851  N N   . HIS   A 1 72  ? 5.459   -14.294 -8.204  1.00 85.33  ? 81  HIS   A N   1 
ATOM   852  C CA  . HIS   A 1 72  ? 5.892   -13.516 -9.401  1.00 87.53  ? 81  HIS   A CA  1 
ATOM   853  C C   . HIS   A 1 72  ? 6.831   -12.360 -9.017  1.00 88.01  ? 81  HIS   A C   1 
ATOM   854  O O   . HIS   A 1 72  ? 6.946   -11.412 -9.822  1.00 85.11  ? 81  HIS   A O   1 
ATOM   855  C CB  . HIS   A 1 72  ? 4.661   -13.025 -10.184 1.00 94.06  ? 81  HIS   A CB  1 
ATOM   856  C CG  . HIS   A 1 72  ? 3.650   -14.089 -10.458 1.00 101.28 ? 81  HIS   A CG  1 
ATOM   857  N ND1 . HIS   A 1 72  ? 3.797   -15.002 -11.487 1.00 104.79 ? 81  HIS   A ND1 1 
ATOM   858  C CD2 . HIS   A 1 72  ? 2.485   -14.394 -9.847  1.00 103.01 ? 81  HIS   A CD2 1 
ATOM   859  C CE1 . HIS   A 1 72  ? 2.764   -15.821 -11.500 1.00 106.33 ? 81  HIS   A CE1 1 
ATOM   860  N NE2 . HIS   A 1 72  ? 1.946   -15.470 -10.500 1.00 106.98 ? 81  HIS   A NE2 1 
ATOM   861  N N   . GLY   A 1 73  ? 7.494   -12.446 -7.853  1.00 85.28  ? 82  GLY   A N   1 
ATOM   862  C CA  . GLY   A 1 73  ? 8.359   -11.388 -7.283  1.00 79.00  ? 82  GLY   A CA  1 
ATOM   863  C C   . GLY   A 1 73  ? 7.597   -10.392 -6.409  1.00 73.46  ? 82  GLY   A C   1 
ATOM   864  O O   . GLY   A 1 73  ? 8.253   -9.582  -5.728  1.00 68.30  ? 82  GLY   A O   1 
ATOM   865  N N   . HIS   A 1 74  ? 6.262   -10.440 -6.438  1.00 60.36  ? 83  HIS   A N   1 
ATOM   866  C CA  . HIS   A 1 74  ? 5.335   -9.562  -5.684  1.00 53.33  ? 83  HIS   A CA  1 
ATOM   867  C C   . HIS   A 1 74  ? 5.137   -10.103 -4.261  1.00 55.41  ? 83  HIS   A C   1 
ATOM   868  O O   . HIS   A 1 74  ? 4.540   -11.194 -4.123  1.00 53.80  ? 83  HIS   A O   1 
ATOM   869  C CB  . HIS   A 1 74  ? 4.006   -9.466  -6.431  1.00 53.96  ? 83  HIS   A CB  1 
ATOM   870  C CG  . HIS   A 1 74  ? 4.116   -8.807  -7.762  1.00 55.28  ? 83  HIS   A CG  1 
ATOM   871  N ND1 . HIS   A 1 74  ? 3.687   -7.509  -7.988  1.00 59.57  ? 83  HIS   A ND1 1 
ATOM   872  C CD2 . HIS   A 1 74  ? 4.596   -9.263  -8.937  1.00 53.50  ? 83  HIS   A CD2 1 
ATOM   873  C CE1 . HIS   A 1 74  ? 3.889   -7.199  -9.253  1.00 63.07  ? 83  HIS   A CE1 1 
ATOM   874  N NE2 . HIS   A 1 74  ? 4.446   -8.262  -9.854  1.00 61.35  ? 83  HIS   A NE2 1 
ATOM   875  N N   . VAL   A 1 75  ? 5.616   -9.382  -3.241  1.00 47.90  ? 84  VAL   A N   1 
ATOM   876  C CA  . VAL   A 1 75  ? 5.328   -9.717  -1.811  1.00 43.59  ? 84  VAL   A CA  1 
ATOM   877  C C   . VAL   A 1 75  ? 3.838   -9.463  -1.560  1.00 36.66  ? 84  VAL   A C   1 
ATOM   878  O O   . VAL   A 1 75  ? 3.306   -8.399  -1.940  1.00 35.19  ? 84  VAL   A O   1 
ATOM   879  C CB  . VAL   A 1 75  ? 6.204   -8.905  -0.842  1.00 46.33  ? 84  VAL   A CB  1 
ATOM   880  C CG1 . VAL   A 1 75  ? 5.785   -9.110  0.604   1.00 47.54  ? 84  VAL   A CG1 1 
ATOM   881  C CG2 . VAL   A 1 75  ? 7.680   -9.219  -1.018  1.00 51.95  ? 84  VAL   A CG2 1 
ATOM   882  N N   A MET   A 1 76  ? 3.147   -10.416 -0.928  0.31 35.35  ? 85  MET   A N   1 
ATOM   883  N N   B MET   A 1 76  ? 3.146   -10.416 -0.928  0.30 35.38  ? 85  MET   A N   1 
ATOM   884  N N   C MET   A 1 76  ? 3.168   -10.421 -0.918  0.20 36.92  ? 85  MET   A N   1 
ATOM   885  N N   D MET   A 1 76  ? 3.168   -10.421 -0.918  0.19 36.95  ? 85  MET   A N   1 
ATOM   886  C CA  A MET   A 1 76  ? 1.709   -10.253 -0.591  0.31 33.84  ? 85  MET   A CA  1 
ATOM   887  C CA  B MET   A 1 76  ? 1.710   -10.253 -0.591  0.30 33.91  ? 85  MET   A CA  1 
ATOM   888  C CA  C MET   A 1 76  ? 1.736   -10.286 -0.557  0.20 36.38  ? 85  MET   A CA  1 
ATOM   889  C CA  D MET   A 1 76  ? 1.736   -10.286 -0.557  0.19 36.44  ? 85  MET   A CA  1 
ATOM   890  C C   A MET   A 1 76  ? 1.610   -9.348  0.640   0.31 32.25  ? 85  MET   A C   1 
ATOM   891  C C   B MET   A 1 76  ? 1.610   -9.348  0.640   0.30 32.29  ? 85  MET   A C   1 
ATOM   892  C C   C MET   A 1 76  ? 1.635   -9.378  0.673   0.20 35.17  ? 85  MET   A C   1 
ATOM   893  C C   D MET   A 1 76  ? 1.635   -9.379  0.673   0.19 35.20  ? 85  MET   A C   1 
ATOM   894  O O   A MET   A 1 76  ? 2.346   -9.577  1.624   0.31 30.51  ? 85  MET   A O   1 
ATOM   895  O O   B MET   A 1 76  ? 2.345   -9.579  1.625   0.30 30.56  ? 85  MET   A O   1 
ATOM   896  O O   C MET   A 1 76  ? 2.277   -9.684  1.700   0.20 34.32  ? 85  MET   A O   1 
ATOM   897  O O   D MET   A 1 76  ? 2.276   -9.687  1.700   0.19 34.36  ? 85  MET   A O   1 
ATOM   898  C CB  A MET   A 1 76  ? 1.021   -11.590 -0.301  0.31 37.99  ? 85  MET   A CB  1 
ATOM   899  C CB  B MET   A 1 76  ? 1.021   -11.592 -0.300  0.30 38.01  ? 85  MET   A CB  1 
ATOM   900  C CB  C MET   A 1 76  ? 1.089   -11.641 -0.259  0.20 39.32  ? 85  MET   A CB  1 
ATOM   901  C CB  D MET   A 1 76  ? 1.089   -11.642 -0.259  0.19 39.32  ? 85  MET   A CB  1 
ATOM   902  C CG  A MET   A 1 76  ? 0.827   -12.452 -1.533  0.31 42.45  ? 85  MET   A CG  1 
ATOM   903  C CG  B MET   A 1 76  ? 0.828   -12.452 -1.532  0.30 42.40  ? 85  MET   A CG  1 
ATOM   904  C CG  C MET   A 1 76  ? 1.042   -12.563 -1.466  0.20 42.04  ? 85  MET   A CG  1 
ATOM   905  C CG  D MET   A 1 76  ? 1.042   -12.563 -1.466  0.19 41.99  ? 85  MET   A CG  1 
ATOM   906  S SD  A MET   A 1 76  ? -0.181  -13.930 -1.206  0.31 47.23  ? 85  MET   A SD  1 
ATOM   907  S SD  B MET   A 1 76  ? -0.180  -13.930 -1.205  0.30 47.14  ? 85  MET   A SD  1 
ATOM   908  S SD  C MET   A 1 76  ? -0.307  -13.796 -1.440  0.20 45.60  ? 85  MET   A SD  1 
ATOM   909  S SD  D MET   A 1 76  ? -0.306  -13.798 -1.440  0.19 45.49  ? 85  MET   A SD  1 
ATOM   910  C CE  A MET   A 1 76  ? -1.465  -13.245 -0.164  0.31 50.06  ? 85  MET   A CE  1 
ATOM   911  C CE  B MET   A 1 76  ? -1.465  -13.245 -0.165  0.30 49.92  ? 85  MET   A CE  1 
ATOM   912  C CE  C MET   A 1 76  ? -1.184  -13.354 0.058   0.20 47.22  ? 85  MET   A CE  1 
ATOM   913  C CE  D MET   A 1 76  ? -1.185  -13.354 0.057   0.19 47.09  ? 85  MET   A CE  1 
ATOM   914  N N   A VAL   A 1 77  ? 0.739   -8.344  0.581   0.31 30.88  ? 86  VAL   A N   1 
ATOM   915  N N   B VAL   A 1 77  ? 0.739   -8.344  0.581   0.30 30.92  ? 86  VAL   A N   1 
ATOM   916  N N   C VAL   A 1 77  ? 0.877   -8.288  0.557   0.20 33.90  ? 86  VAL   A N   1 
ATOM   917  N N   D VAL   A 1 77  ? 0.878   -8.288  0.556   0.19 33.93  ? 86  VAL   A N   1 
ATOM   918  C CA  A VAL   A 1 77  ? 0.663   -7.273  1.613   0.31 31.06  ? 86  VAL   A CA  1 
ATOM   919  C CA  B VAL   A 1 77  ? 0.663   -7.273  1.613   0.30 31.07  ? 86  VAL   A CA  1 
ATOM   920  C CA  C VAL   A 1 77  ? 0.724   -7.266  1.631   0.20 33.59  ? 86  VAL   A CA  1 
ATOM   921  C CA  D VAL   A 1 77  ? 0.724   -7.265  1.630   0.19 33.60  ? 86  VAL   A CA  1 
ATOM   922  C C   A VAL   A 1 77  ? -0.800  -6.961  1.899   0.31 29.46  ? 86  VAL   A C   1 
ATOM   923  C C   B VAL   A 1 77  ? -0.800  -6.962  1.898   0.30 29.51  ? 86  VAL   A C   1 
ATOM   924  C C   C VAL   A 1 77  ? -0.764  -7.017  1.868   0.20 32.09  ? 86  VAL   A C   1 
ATOM   925  C C   D VAL   A 1 77  ? -0.764  -7.017  1.868   0.19 32.14  ? 86  VAL   A C   1 
ATOM   926  O O   A VAL   A 1 77  ? -1.653  -7.229  1.027   0.31 32.27  ? 86  VAL   A O   1 
ATOM   927  O O   B VAL   A 1 77  ? -1.653  -7.231  1.028   0.30 32.26  ? 86  VAL   A O   1 
ATOM   928  O O   C VAL   A 1 77  ? -1.581  -7.395  1.005   0.20 33.78  ? 86  VAL   A O   1 
ATOM   929  O O   D VAL   A 1 77  ? -1.581  -7.395  1.005   0.19 33.77  ? 86  VAL   A O   1 
ATOM   930  C CB  A VAL   A 1 77  ? 1.416   -5.995  1.190   0.31 31.18  ? 86  VAL   A CB  1 
ATOM   931  C CB  B VAL   A 1 77  ? 1.416   -5.995  1.190   0.30 31.18  ? 86  VAL   A CB  1 
ATOM   932  C CB  C VAL   A 1 77  ? 1.450   -5.946  1.294   0.20 33.54  ? 86  VAL   A CB  1 
ATOM   933  C CB  D VAL   A 1 77  ? 1.450   -5.946  1.294   0.19 33.55  ? 86  VAL   A CB  1 
ATOM   934  C CG1 A VAL   A 1 77  ? 2.897   -6.257  0.988   0.31 29.71  ? 86  VAL   A CG1 1 
ATOM   935  C CG1 B VAL   A 1 77  ? 2.898   -6.256  0.988   0.30 29.75  ? 86  VAL   A CG1 1 
ATOM   936  C CG1 C VAL   A 1 77  ? 2.928   -6.166  1.018   0.20 32.73  ? 86  VAL   A CG1 1 
ATOM   937  C CG1 D VAL   A 1 77  ? 2.928   -6.166  1.018   0.19 32.76  ? 86  VAL   A CG1 1 
ATOM   938  C CG2 A VAL   A 1 77  ? 0.798   -5.357  -0.046  0.31 32.54  ? 86  VAL   A CG2 1 
ATOM   939  C CG2 B VAL   A 1 77  ? 0.798   -5.356  -0.046  0.30 32.51  ? 86  VAL   A CG2 1 
ATOM   940  C CG2 C VAL   A 1 77  ? 0.785   -5.209  0.141   0.20 34.29  ? 86  VAL   A CG2 1 
ATOM   941  C CG2 D VAL   A 1 77  ? 0.786   -5.208  0.140   0.19 34.27  ? 86  VAL   A CG2 1 
ATOM   942  N N   A GLU   A 1 78  ? -1.061  -6.401  3.079   0.31 30.51  ? 87  GLU   A N   1 
ATOM   943  N N   B GLU   A 1 78  ? -1.062  -6.401  3.079   0.30 30.55  ? 87  GLU   A N   1 
ATOM   944  N N   C GLU   A 1 78  ? -1.074  -6.398  3.009   0.20 32.47  ? 87  GLU   A N   1 
ATOM   945  N N   D GLU   A 1 78  ? -1.073  -6.397  3.009   0.19 32.50  ? 87  GLU   A N   1 
ATOM   946  C CA  A GLU   A 1 78  ? -2.374  -5.805  3.427   0.31 31.28  ? 87  GLU   A CA  1 
ATOM   947  C CA  B GLU   A 1 78  ? -2.375  -5.805  3.426   0.30 31.31  ? 87  GLU   A CA  1 
ATOM   948  C CA  C GLU   A 1 78  ? -2.412  -5.862  3.364   0.20 32.54  ? 87  GLU   A CA  1 
ATOM   949  C CA  D GLU   A 1 78  ? -2.413  -5.862  3.363   0.19 32.56  ? 87  GLU   A CA  1 
ATOM   950  C C   A GLU   A 1 78  ? -2.177  -4.467  4.148   0.31 28.47  ? 87  GLU   A C   1 
ATOM   951  C C   B GLU   A 1 78  ? -2.177  -4.467  4.148   0.30 28.53  ? 87  GLU   A C   1 
ATOM   952  C C   C GLU   A 1 78  ? -2.239  -4.482  4.010   0.20 30.95  ? 87  GLU   A C   1 
ATOM   953  C C   D GLU   A 1 78  ? -2.239  -4.482  4.010   0.19 31.00  ? 87  GLU   A C   1 
ATOM   954  O O   A GLU   A 1 78  ? -1.049  -4.168  4.605   0.31 28.48  ? 87  GLU   A O   1 
ATOM   955  O O   B GLU   A 1 78  ? -1.050  -4.169  4.605   0.30 28.51  ? 87  GLU   A O   1 
ATOM   956  O O   C GLU   A 1 78  ? -1.119  -4.169  4.467   0.20 30.74  ? 87  GLU   A O   1 
ATOM   957  O O   D GLU   A 1 78  ? -1.119  -4.171  4.467   0.19 30.77  ? 87  GLU   A O   1 
ATOM   958  C CB  A GLU   A 1 78  ? -3.212  -6.790  4.240   0.31 35.16  ? 87  GLU   A CB  1 
ATOM   959  C CB  B GLU   A 1 78  ? -3.213  -6.791  4.240   0.30 35.14  ? 87  GLU   A CB  1 
ATOM   960  C CB  C GLU   A 1 78  ? -3.141  -6.823  4.303   0.20 34.35  ? 87  GLU   A CB  1 
ATOM   961  C CB  D GLU   A 1 78  ? -3.141  -6.824  4.303   0.19 34.33  ? 87  GLU   A CB  1 
ATOM   962  C CG  A GLU   A 1 78  ? -2.555  -7.267  5.516   0.31 37.38  ? 87  GLU   A CG  1 
ATOM   963  C CG  B GLU   A 1 78  ? -2.555  -7.267  5.516   0.30 37.36  ? 87  GLU   A CG  1 
ATOM   964  C CG  C GLU   A 1 78  ? -2.430  -7.039  5.625   0.20 35.04  ? 87  GLU   A CG  1 
ATOM   965  C CG  D GLU   A 1 78  ? -2.431  -7.039  5.625   0.19 35.03  ? 87  GLU   A CG  1 
ATOM   966  C CD  A GLU   A 1 78  ? -2.973  -8.677  5.905   0.31 41.64  ? 87  GLU   A CD  1 
ATOM   967  C CD  B GLU   A 1 78  ? -2.974  -8.678  5.906   0.30 41.55  ? 87  GLU   A CD  1 
ATOM   968  C CD  C GLU   A 1 78  ? -3.027  -8.144  6.483   0.20 37.12  ? 87  GLU   A CD  1 
ATOM   969  C CD  D GLU   A 1 78  ? -3.028  -8.144  6.482   0.19 37.07  ? 87  GLU   A CD  1 
ATOM   970  O OE1 A GLU   A 1 78  ? -4.022  -9.141  5.413   0.31 43.51  ? 87  GLU   A OE1 1 
ATOM   971  O OE1 B GLU   A 1 78  ? -4.022  -9.142  5.414   0.30 43.42  ? 87  GLU   A OE1 1 
ATOM   972  O OE1 C GLU   A 1 78  ? -4.194  -8.018  6.877   0.20 37.94  ? 87  GLU   A OE1 1 
ATOM   973  O OE1 D GLU   A 1 78  ? -4.195  -8.017  6.877   0.19 37.88  ? 87  GLU   A OE1 1 
ATOM   974  O OE2 A GLU   A 1 78  ? -2.239  -9.310  6.683   0.31 42.35  ? 87  GLU   A OE2 1 
ATOM   975  O OE2 B GLU   A 1 78  ? -2.238  -9.309  6.685   0.30 42.31  ? 87  GLU   A OE2 1 
ATOM   976  O OE2 C GLU   A 1 78  ? -2.318  -9.135  6.742   0.20 37.68  ? 87  GLU   A OE2 1 
ATOM   977  O OE2 D GLU   A 1 78  ? -2.318  -9.136  6.743   0.19 37.63  ? 87  GLU   A OE2 1 
ATOM   978  N N   A LEU   A 1 79  ? -3.246  -3.681  4.205   0.31 28.15  ? 88  LEU   A N   1 
ATOM   979  N N   B LEU   A 1 79  ? -3.246  -3.680  4.206   0.30 28.19  ? 88  LEU   A N   1 
ATOM   980  N N   C LEU   A 1 79  ? -3.308  -3.691  4.052   0.20 30.56  ? 88  LEU   A N   1 
ATOM   981  N N   D LEU   A 1 79  ? -3.308  -3.689  4.052   0.19 30.60  ? 88  LEU   A N   1 
ATOM   982  C CA  A LEU   A 1 79  ? -3.240  -2.324  4.810   0.31 27.94  ? 88  LEU   A CA  1 
ATOM   983  C CA  B LEU   A 1 79  ? -3.241  -2.324  4.811   0.30 27.98  ? 88  LEU   A CA  1 
ATOM   984  C CA  C LEU   A 1 79  ? -3.277  -2.328  4.648   0.20 30.50  ? 88  LEU   A CA  1 
ATOM   985  C CA  D LEU   A 1 79  ? -3.277  -2.328  4.648   0.19 30.54  ? 88  LEU   A CA  1 
ATOM   986  C C   A LEU   A 1 79  ? -3.531  -2.417  6.311   0.31 28.57  ? 88  LEU   A C   1 
ATOM   987  C C   B LEU   A 1 79  ? -3.531  -2.416  6.310   0.30 28.58  ? 88  LEU   A C   1 
ATOM   988  C C   C LEU   A 1 79  ? -3.563  -2.421  6.151   0.20 31.04  ? 88  LEU   A C   1 
ATOM   989  C C   D LEU   A 1 79  ? -3.563  -2.420  6.150   0.19 31.04  ? 88  LEU   A C   1 
ATOM   990  O O   A LEU   A 1 79  ? -4.490  -3.110  6.703   0.31 27.87  ? 88  LEU   A O   1 
ATOM   991  O O   B LEU   A 1 79  ? -4.491  -3.110  6.701   0.30 27.89  ? 88  LEU   A O   1 
ATOM   992  O O   C LEU   A 1 79  ? -4.402  -3.250  6.557   0.20 31.11  ? 88  LEU   A O   1 
ATOM   993  O O   D LEU   A 1 79  ? -4.403  -3.250  6.557   0.19 31.12  ? 88  LEU   A O   1 
ATOM   994  C CB  A LEU   A 1 79  ? -4.259  -1.428  4.107   0.31 28.81  ? 88  LEU   A CB  1 
ATOM   995  C CB  B LEU   A 1 79  ? -4.260  -1.428  4.106   0.30 28.85  ? 88  LEU   A CB  1 
ATOM   996  C CB  C LEU   A 1 79  ? -4.280  -1.415  3.939   0.20 31.21  ? 88  LEU   A CB  1 
ATOM   997  C CB  D LEU   A 1 79  ? -4.280  -1.415  3.938   0.19 31.23  ? 88  LEU   A CB  1 
ATOM   998  C CG  A LEU   A 1 79  ? -4.098  -1.291  2.593   0.31 31.60  ? 88  LEU   A CG  1 
ATOM   999  C CG  B LEU   A 1 79  ? -4.099  -1.291  2.592   0.30 31.58  ? 88  LEU   A CG  1 
ATOM   1000 C CG  C LEU   A 1 79  ? -4.165  -1.372  2.415   0.20 32.61  ? 88  LEU   A CG  1 
ATOM   1001 C CG  D LEU   A 1 79  ? -4.166  -1.372  2.414   0.19 32.60  ? 88  LEU   A CG  1 
ATOM   1002 C CD1 A LEU   A 1 79  ? -5.124  -0.320  2.030   0.31 33.02  ? 88  LEU   A CD1 1 
ATOM   1003 C CD1 B LEU   A 1 79  ? -5.123  -0.321  2.030   0.30 32.97  ? 88  LEU   A CD1 1 
ATOM   1004 C CD1 C LEU   A 1 79  ? -5.321  -0.594  1.808   0.20 33.30  ? 88  LEU   A CD1 1 
ATOM   1005 C CD1 D LEU   A 1 79  ? -5.321  -0.593  1.807   0.19 33.27  ? 88  LEU   A CD1 1 
ATOM   1006 C CD2 A LEU   A 1 79  ? -2.699  -0.847  2.214   0.31 33.07  ? 88  LEU   A CD2 1 
ATOM   1007 C CD2 B LEU   A 1 79  ? -2.699  -0.847  2.214   0.30 33.02  ? 88  LEU   A CD2 1 
ATOM   1008 C CD2 C LEU   A 1 79  ? -2.836  -0.780  1.977   0.20 33.16  ? 88  LEU   A CD2 1 
ATOM   1009 C CD2 D LEU   A 1 79  ? -2.836  -0.780  1.976   0.19 33.13  ? 88  LEU   A CD2 1 
ATOM   1010 N N   A VAL   A 1 80  ? -2.720  -1.730  7.114   0.31 27.39  ? 89  VAL   A N   1 
ATOM   1011 N N   B VAL   A 1 80  ? -2.720  -1.729  7.114   0.30 27.44  ? 89  VAL   A N   1 
ATOM   1012 N N   C VAL   A 1 80  ? -2.854  -1.606  6.933   0.20 30.33  ? 89  VAL   A N   1 
ATOM   1013 N N   D VAL   A 1 80  ? -2.855  -1.605  6.933   0.19 30.36  ? 89  VAL   A N   1 
ATOM   1014 C CA  A VAL   A 1 80  ? -2.959  -1.486  8.565   0.31 28.67  ? 89  VAL   A CA  1 
ATOM   1015 C CA  B VAL   A 1 80  ? -2.959  -1.486  8.565   0.30 28.70  ? 89  VAL   A CA  1 
ATOM   1016 C CA  C VAL   A 1 80  ? -3.020  -1.443  8.407   0.20 30.57  ? 89  VAL   A CA  1 
ATOM   1017 C CA  D VAL   A 1 80  ? -3.020  -1.443  8.407   0.19 30.59  ? 89  VAL   A CA  1 
ATOM   1018 C C   A VAL   A 1 80  ? -2.813  0.020   8.811   0.31 29.60  ? 89  VAL   A C   1 
ATOM   1019 C C   B VAL   A 1 80  ? -2.812  0.020   8.810   0.30 29.60  ? 89  VAL   A C   1 
ATOM   1020 C C   C VAL   A 1 80  ? -2.857  0.049   8.717   0.20 30.47  ? 89  VAL   A C   1 
ATOM   1021 C C   D VAL   A 1 80  ? -2.857  0.049   8.717   0.19 30.47  ? 89  VAL   A C   1 
ATOM   1022 O O   A VAL   A 1 80  ? -1.790  0.576   8.379   0.31 30.09  ? 89  VAL   A O   1 
ATOM   1023 O O   B VAL   A 1 80  ? -1.789  0.576   8.380   0.30 30.08  ? 89  VAL   A O   1 
ATOM   1024 O O   C VAL   A 1 80  ? -1.871  0.632   8.232   0.20 30.19  ? 89  VAL   A O   1 
ATOM   1025 O O   D VAL   A 1 80  ? -1.870  0.632   8.234   0.19 30.20  ? 89  VAL   A O   1 
ATOM   1026 C CB  A VAL   A 1 80  ? -1.977  -2.306  9.421   0.31 29.84  ? 89  VAL   A CB  1 
ATOM   1027 C CB  B VAL   A 1 80  ? -1.977  -2.306  9.421   0.30 29.84  ? 89  VAL   A CB  1 
ATOM   1028 C CB  C VAL   A 1 80  ? -1.993  -2.306  9.164   0.20 31.32  ? 89  VAL   A CB  1 
ATOM   1029 C CB  D VAL   A 1 80  ? -1.994  -2.306  9.164   0.19 31.32  ? 89  VAL   A CB  1 
ATOM   1030 C CG1 A VAL   A 1 80  ? -2.087  -1.959  10.899  0.31 31.18  ? 89  VAL   A CG1 1 
ATOM   1031 C CG1 B VAL   A 1 80  ? -2.086  -1.960  10.898  0.30 31.14  ? 89  VAL   A CG1 1 
ATOM   1032 C CG1 C VAL   A 1 80  ? -1.900  -1.937  10.637  0.20 32.36  ? 89  VAL   A CG1 1 
ATOM   1033 C CG1 D VAL   A 1 80  ? -1.900  -1.938  10.637  0.19 32.32  ? 89  VAL   A CG1 1 
ATOM   1034 C CG2 A VAL   A 1 80  ? -2.159  -3.801  9.197   0.31 30.22  ? 89  VAL   A CG2 1 
ATOM   1035 C CG2 B VAL   A 1 80  ? -2.160  -3.801  9.197   0.30 30.21  ? 89  VAL   A CG2 1 
ATOM   1036 C CG2 C VAL   A 1 80  ? -2.282  -3.791  8.995   0.20 31.76  ? 89  VAL   A CG2 1 
ATOM   1037 C CG2 D VAL   A 1 80  ? -2.282  -3.791  8.995   0.19 31.75  ? 89  VAL   A CG2 1 
ATOM   1038 N N   . ALA   A 1 81  ? -3.804  0.648   9.444   1.00 30.24  ? 90  ALA   A N   1 
ATOM   1039 C CA  . ALA   A 1 81  ? -3.754  2.089   9.809   1.00 28.71  ? 90  ALA   A CA  1 
ATOM   1040 C C   . ALA   A 1 81  ? -3.272  2.217   11.247  1.00 32.42  ? 90  ALA   A C   1 
ATOM   1041 O O   . ALA   A 1 81  ? -3.430  1.241   12.057  1.00 32.33  ? 90  ALA   A O   1 
ATOM   1042 C CB  . ALA   A 1 81  ? -5.086  2.761   9.589   1.00 28.77  ? 90  ALA   A CB  1 
ATOM   1043 N N   . GLU   A 1 82  ? -2.669  3.359   11.570  1.00 30.05  ? 91  GLU   A N   1 
ATOM   1044 C CA  . GLU   A 1 82  ? -2.155  3.609   12.930  1.00 29.28  ? 91  GLU   A CA  1 
ATOM   1045 C C   . GLU   A 1 82  ? -2.514  5.045   13.306  1.00 36.11  ? 91  GLU   A C   1 
ATOM   1046 O O   . GLU   A 1 82  ? -2.256  5.973   12.489  1.00 32.50  ? 91  GLU   A O   1 
ATOM   1047 C CB  . GLU   A 1 82  ? -0.655  3.364   13.028  1.00 30.37  ? 91  GLU   A CB  1 
ATOM   1048 C CG  . GLU   A 1 82  ? -0.117  3.697   14.422  1.00 30.18  ? 91  GLU   A CG  1 
ATOM   1049 C CD  . GLU   A 1 82  ? 1.373   3.510   14.576  1.00 31.69  ? 91  GLU   A CD  1 
ATOM   1050 O OE1 . GLU   A 1 82  ? 1.878   2.450   14.128  1.00 35.79  ? 91  GLU   A OE1 1 
ATOM   1051 O OE2 . GLU   A 1 82  ? 2.030   4.435   15.123  1.00 36.00  ? 91  GLU   A OE2 1 
ATOM   1052 N N   . LEU   A 1 83  ? -3.091  5.239   14.494  1.00 31.35  ? 92  LEU   A N   1 
ATOM   1053 C CA  . LEU   A 1 83  ? -3.366  6.592   15.038  1.00 29.17  ? 92  LEU   A CA  1 
ATOM   1054 C C   . LEU   A 1 83  ? -3.065  6.591   16.541  1.00 33.92  ? 92  LEU   A C   1 
ATOM   1055 O O   . LEU   A 1 83  ? -3.612  5.707   17.261  1.00 33.51  ? 92  LEU   A O   1 
ATOM   1056 C CB  . LEU   A 1 83  ? -4.817  6.994   14.767  1.00 31.65  ? 92  LEU   A CB  1 
ATOM   1057 C CG  . LEU   A 1 83  ? -5.249  8.331   15.375  1.00 32.87  ? 92  LEU   A CG  1 
ATOM   1058 C CD1 . LEU   A 1 83  ? -4.424  9.484   14.805  1.00 34.12  ? 92  LEU   A CD1 1 
ATOM   1059 C CD2 . LEU   A 1 83  ? -6.735  8.532   15.150  1.00 33.60  ? 92  LEU   A CD2 1 
ATOM   1060 N N   . GLU   A 1 84  ? -2.176  7.491   16.967  1.00 35.48  ? 93  GLU   A N   1 
ATOM   1061 C CA  . GLU   A 1 84  ? -1.797  7.684   18.396  1.00 38.30  ? 93  GLU   A CA  1 
ATOM   1062 C C   . GLU   A 1 84  ? -1.479  6.317   19.011  1.00 40.88  ? 93  GLU   A C   1 
ATOM   1063 O O   . GLU   A 1 84  ? -1.968  6.030   20.140  1.00 38.11  ? 93  GLU   A O   1 
ATOM   1064 C CB  . GLU   A 1 84  ? -2.903  8.438   19.130  1.00 46.67  ? 93  GLU   A CB  1 
ATOM   1065 C CG  . GLU   A 1 84  ? -2.990  9.888   18.686  1.00 50.42  ? 93  GLU   A CG  1 
ATOM   1066 C CD  . GLU   A 1 84  ? -4.366  10.517  18.770  1.00 60.18  ? 93  GLU   A CD  1 
ATOM   1067 O OE1 . GLU   A 1 84  ? -5.315  9.831   19.217  1.00 62.44  ? 93  GLU   A OE1 1 
ATOM   1068 O OE2 . GLU   A 1 84  ? -4.489  11.693  18.376  1.00 67.50  ? 93  GLU   A OE2 1 
ATOM   1069 N N   . GLY   A 1 85  ? -0.651  5.539   18.310  1.00 35.87  ? 94  GLY   A N   1 
ATOM   1070 C CA  . GLY   A 1 85  ? -0.016  4.321   18.838  1.00 33.93  ? 94  GLY   A CA  1 
ATOM   1071 C C   . GLY   A 1 85  ? -0.934  3.114   18.795  1.00 32.49  ? 94  GLY   A C   1 
ATOM   1072 O O   . GLY   A 1 85  ? -0.492  2.034   19.265  1.00 35.88  ? 94  GLY   A O   1 
ATOM   1073 N N   . ILE   A 1 86  ? -2.130  3.238   18.222  1.00 31.50  ? 95  ILE   A N   1 
ATOM   1074 C CA  . ILE   A 1 86  ? -3.097  2.114   18.101  1.00 33.33  ? 95  ILE   A CA  1 
ATOM   1075 C C   . ILE   A 1 86  ? -3.202  1.737   16.612  1.00 32.32  ? 95  ILE   A C   1 
ATOM   1076 O O   . ILE   A 1 86  ? -3.332  2.634   15.774  1.00 34.64  ? 95  ILE   A O   1 
ATOM   1077 C CB  . ILE   A 1 86  ? -4.445  2.436   18.772  1.00 37.29  ? 95  ILE   A CB  1 
ATOM   1078 C CG1 . ILE   A 1 86  ? -4.235  2.655   20.279  1.00 37.22  ? 95  ILE   A CG1 1 
ATOM   1079 C CG2 . ILE   A 1 86  ? -5.465  1.329   18.500  1.00 37.22  ? 95  ILE   A CG2 1 
ATOM   1080 C CD1 . ILE   A 1 86  ? -5.418  3.230   21.020  1.00 40.73  ? 95  ILE   A CD1 1 
ATOM   1081 N N   . GLN   A 1 87  ? -3.165  0.443   16.315  1.00 32.79  ? 96  GLN   A N   1 
ATOM   1082 C CA  . GLN   A 1 87  ? -3.219  -0.105  14.942  1.00 31.96  ? 96  GLN   A CA  1 
ATOM   1083 C C   . GLN   A 1 87  ? -4.572  -0.761  14.694  1.00 35.59  ? 96  GLN   A C   1 
ATOM   1084 O O   . GLN   A 1 87  ? -5.175  -1.347  15.625  1.00 36.27  ? 96  GLN   A O   1 
ATOM   1085 C CB  . GLN   A 1 87  ? -2.055  -1.054  14.727  1.00 32.32  ? 96  GLN   A CB  1 
ATOM   1086 C CG  . GLN   A 1 87  ? -0.745  -0.275  14.630  1.00 34.59  ? 96  GLN   A CG  1 
ATOM   1087 C CD  . GLN   A 1 87  ? 0.326   -1.032  13.911  1.00 39.42  ? 96  GLN   A CD  1 
ATOM   1088 O OE1 . GLN   A 1 87  ? 0.277   -2.265  13.815  1.00 38.17  ? 96  GLN   A OE1 1 
ATOM   1089 N NE2 . GLN   A 1 87  ? 1.319   -0.293  13.419  1.00 37.19  ? 96  GLN   A NE2 1 
ATOM   1090 N N   . TYR   A 1 88  ? -5.058  -0.621  13.475  1.00 34.49  ? 97  TYR   A N   1 
ATOM   1091 C CA  . TYR   A 1 88  ? -6.390  -1.093  13.046  1.00 35.02  ? 97  TYR   A CA  1 
ATOM   1092 C C   . TYR   A 1 88  ? -6.108  -2.073  11.922  1.00 41.90  ? 97  TYR   A C   1 
ATOM   1093 O O   . TYR   A 1 88  ? -5.727  -1.639  10.780  1.00 42.67  ? 97  TYR   A O   1 
ATOM   1094 C CB  . TYR   A 1 88  ? -7.289  0.100   12.717  1.00 39.53  ? 97  TYR   A CB  1 
ATOM   1095 C CG  . TYR   A 1 88  ? -7.488  1.031   13.889  1.00 38.29  ? 97  TYR   A CG  1 
ATOM   1096 C CD1 . TYR   A 1 88  ? -6.497  1.923   14.252  1.00 37.60  ? 97  TYR   A CD1 1 
ATOM   1097 C CD2 . TYR   A 1 88  ? -8.624  0.977   14.684  1.00 46.30  ? 97  TYR   A CD2 1 
ATOM   1098 C CE1 . TYR   A 1 88  ? -6.638  2.771   15.335  1.00 39.29  ? 97  TYR   A CE1 1 
ATOM   1099 C CE2 . TYR   A 1 88  ? -8.787  1.826   15.773  1.00 46.41  ? 97  TYR   A CE2 1 
ATOM   1100 C CZ  . TYR   A 1 88  ? -7.790  2.729   16.104  1.00 48.16  ? 97  TYR   A CZ  1 
ATOM   1101 O OH  . TYR   A 1 88  ? -7.908  3.591   17.163  1.00 48.95  ? 97  TYR   A OH  1 
ATOM   1102 N N   . GLY   A 1 89  ? -6.120  -3.342  12.316  1.00 38.64  ? 98  GLY   A N   1 
ATOM   1103 C CA  . GLY   A 1 89  ? -5.621  -4.451  11.504  1.00 41.08  ? 98  GLY   A CA  1 
ATOM   1104 C C   . GLY   A 1 89  ? -4.424  -5.075  12.172  1.00 39.50  ? 98  GLY   A C   1 
ATOM   1105 O O   . GLY   A 1 89  ? -3.727  -4.397  12.930  1.00 46.39  ? 98  GLY   A O   1 
ATOM   1106 N N   . ARG   A 1 90  ? -4.197  -6.335  11.859  1.00 41.60  ? 99  ARG   A N   1 
ATOM   1107 C CA  . ARG   A 1 90  ? -3.134  -7.158  12.445  1.00 39.01  ? 99  ARG   A CA  1 
ATOM   1108 C C   . ARG   A 1 90  ? -2.439  -7.813  11.258  1.00 36.98  ? 99  ARG   A C   1 
ATOM   1109 O O   . ARG   A 1 90  ? -3.125  -8.474  10.455  1.00 39.09  ? 99  ARG   A O   1 
ATOM   1110 C CB  . ARG   A 1 90  ? -3.836  -8.094  13.435  1.00 43.93  ? 99  ARG   A CB  1 
ATOM   1111 C CG  . ARG   A 1 90  ? -3.099  -9.372  13.735  1.00 38.78  ? 99  ARG   A CG  1 
ATOM   1112 C CD  . ARG   A 1 90  ? -3.825  -10.193 14.790  1.00 34.77  ? 99  ARG   A CD  1 
ATOM   1113 N NE  . ARG   A 1 90  ? -2.761  -10.614 15.652  1.00 33.34  ? 99  ARG   A NE  1 
ATOM   1114 C CZ  . ARG   A 1 90  ? -2.067  -11.745 15.576  1.00 32.13  ? 99  ARG   A CZ  1 
ATOM   1115 N NH1 . ARG   A 1 90  ? -2.375  -12.694 14.708  1.00 35.13  ? 99  ARG   A NH1 1 
ATOM   1116 N NH2 . ARG   A 1 90  ? -1.064  -11.919 16.416  1.00 30.76  ? 99  ARG   A NH2 1 
ATOM   1117 N N   . SER   A 1 91  ? -1.143  -7.628  11.086  1.00 36.96  ? 100 SER   A N   1 
ATOM   1118 C CA  . SER   A 1 91  ? -0.436  -8.225  9.927   1.00 36.71  ? 100 SER   A CA  1 
ATOM   1119 C C   . SER   A 1 91  ? 1.056   -8.381  10.231  1.00 39.05  ? 100 SER   A C   1 
ATOM   1120 O O   . SER   A 1 91  ? 1.434   -8.275  11.434  1.00 43.88  ? 100 SER   A O   1 
ATOM   1121 C CB  . SER   A 1 91  ? -0.689  -7.410  8.680   1.00 37.41  ? 100 SER   A CB  1 
ATOM   1122 O OG  . SER   A 1 91  ? -0.122  -8.053  7.545   1.00 37.57  ? 100 SER   A OG  1 
ATOM   1123 N N   . GLY   A 1 92  ? 1.880   -8.608  9.200   1.00 36.49  ? 101 GLY   A N   1 
ATOM   1124 C CA  . GLY   A 1 92  ? 3.330   -8.855  9.378   1.00 38.93  ? 101 GLY   A CA  1 
ATOM   1125 C C   . GLY   A 1 92  ? 4.208   -7.607  9.336   1.00 37.46  ? 101 GLY   A C   1 
ATOM   1126 O O   . GLY   A 1 92  ? 3.772   -6.510  9.750   1.00 37.13  ? 101 GLY   A O   1 
ATOM   1127 N N   . GLU   A 1 93  ? 5.451   -7.813  8.907   1.00 37.60  ? 102 GLU   A N   1 
ATOM   1128 C CA  . GLU   A 1 93  ? 6.532   -6.802  8.824   1.00 43.96  ? 102 GLU   A CA  1 
ATOM   1129 C C   . GLU   A 1 93  ? 6.088   -5.649  7.918   1.00 38.97  ? 102 GLU   A C   1 
ATOM   1130 O O   . GLU   A 1 93  ? 5.516   -5.920  6.845   1.00 35.93  ? 102 GLU   A O   1 
ATOM   1131 C CB  . GLU   A 1 93  ? 7.804   -7.429  8.245   1.00 49.06  ? 102 GLU   A CB  1 
ATOM   1132 C CG  . GLU   A 1 93  ? 9.065   -6.676  8.633   1.00 58.51  ? 102 GLU   A CG  1 
ATOM   1133 C CD  . GLU   A 1 93  ? 10.279  -6.983  7.776   1.00 69.33  ? 102 GLU   A CD  1 
ATOM   1134 O OE1 . GLU   A 1 93  ? 10.296  -8.059  7.133   1.00 72.06  ? 102 GLU   A OE1 1 
ATOM   1135 O OE2 . GLU   A 1 93  ? 11.200  -6.134  7.741   1.00 79.85  ? 102 GLU   A OE2 1 
ATOM   1136 N N   . THR   A 1 94  ? 6.357   -4.416  8.339   1.00 41.48  ? 103 THR   A N   1 
ATOM   1137 C CA  . THR   A 1 94  ? 6.045   -3.185  7.574   1.00 35.87  ? 103 THR   A CA  1 
ATOM   1138 C C   . THR   A 1 94  ? 6.980   -3.124  6.369   1.00 35.85  ? 103 THR   A C   1 
ATOM   1139 O O   . THR   A 1 94  ? 8.186   -3.272  6.557   1.00 40.53  ? 103 THR   A O   1 
ATOM   1140 C CB  . THR   A 1 94  ? 6.163   -1.946  8.470   1.00 40.17  ? 103 THR   A CB  1 
ATOM   1141 O OG1 . THR   A 1 94  ? 5.108   -2.046  9.417   1.00 37.47  ? 103 THR   A OG1 1 
ATOM   1142 C CG2 . THR   A 1 94  ? 6.060   -0.648  7.696   1.00 39.68  ? 103 THR   A CG2 1 
ATOM   1143 N N   . LEU   A 1 95  ? 6.438   -2.990  5.175   1.00 32.08  ? 104 LEU   A N   1 
ATOM   1144 C CA  . LEU   A 1 95  ? 7.195   -2.723  3.933   1.00 34.75  ? 104 LEU   A CA  1 
ATOM   1145 C C   . LEU   A 1 95  ? 7.340   -1.204  3.763   1.00 34.90  ? 104 LEU   A C   1 
ATOM   1146 O O   . LEU   A 1 95  ? 8.334   -0.780  3.133   1.00 37.83  ? 104 LEU   A O   1 
ATOM   1147 C CB  . LEU   A 1 95  ? 6.475   -3.356  2.743   1.00 41.35  ? 104 LEU   A CB  1 
ATOM   1148 C CG  . LEU   A 1 95  ? 6.813   -4.821  2.497   1.00 41.76  ? 104 LEU   A CG  1 
ATOM   1149 C CD1 . LEU   A 1 95  ? 6.054   -5.705  3.470   1.00 42.27  ? 104 LEU   A CD1 1 
ATOM   1150 C CD2 . LEU   A 1 95  ? 6.503   -5.195  1.055   1.00 44.66  ? 104 LEU   A CD2 1 
ATOM   1151 N N   . GLY   A 1 96  ? 6.432   -0.430  4.359   1.00 31.58  ? 105 GLY   A N   1 
ATOM   1152 C CA  . GLY   A 1 96  ? 6.564   1.032   4.454   1.00 31.42  ? 105 GLY   A CA  1 
ATOM   1153 C C   . GLY   A 1 96  ? 5.235   1.714   4.652   1.00 29.65  ? 105 GLY   A C   1 
ATOM   1154 O O   . GLY   A 1 96  ? 4.199   1.046   4.900   1.00 29.21  ? 105 GLY   A O   1 
ATOM   1155 N N   . VAL   A 1 97  ? 5.220   3.033   4.495   1.00 26.44  ? 106 VAL   A N   1 
ATOM   1156 C CA  . VAL   A 1 97  ? 4.024   3.846   4.767   1.00 24.02  ? 106 VAL   A CA  1 
ATOM   1157 C C   . VAL   A 1 97  ? 3.533   4.368   3.413   1.00 25.70  ? 106 VAL   A C   1 
ATOM   1158 O O   . VAL   A 1 97  ? 4.340   4.841   2.602   1.00 25.40  ? 106 VAL   A O   1 
ATOM   1159 C CB  . VAL   A 1 97  ? 4.287   4.967   5.801   1.00 29.72  ? 106 VAL   A CB  1 
ATOM   1160 C CG1 . VAL   A 1 97  ? 5.493   5.811   5.462   1.00 30.67  ? 106 VAL   A CG1 1 
ATOM   1161 C CG2 . VAL   A 1 97  ? 3.058   5.855   5.993   1.00 28.22  ? 106 VAL   A CG2 1 
ATOM   1162 N N   . LEU   A 1 98  ? 2.254   4.290   3.172   1.00 23.30  ? 107 LEU   A N   1 
ATOM   1163 C CA  . LEU   A 1 98  ? 1.670   4.753   1.898   1.00 25.28  ? 107 LEU   A CA  1 
ATOM   1164 C C   . LEU   A 1 98  ? 1.375   6.241   2.001   1.00 25.27  ? 107 LEU   A C   1 
ATOM   1165 O O   . LEU   A 1 98  ? 0.897   6.729   3.044   1.00 28.46  ? 107 LEU   A O   1 
ATOM   1166 C CB  . LEU   A 1 98  ? 0.395   3.988   1.545   1.00 25.60  ? 107 LEU   A CB  1 
ATOM   1167 C CG  . LEU   A 1 98  ? 0.547   2.487   1.350   1.00 28.37  ? 107 LEU   A CG  1 
ATOM   1168 C CD1 . LEU   A 1 98  ? -0.801  1.898   0.969   1.00 28.35  ? 107 LEU   A CD1 1 
ATOM   1169 C CD2 . LEU   A 1 98  ? 1.631   2.145   0.334   1.00 26.34  ? 107 LEU   A CD2 1 
ATOM   1170 N N   . VAL   A 1 99  ? 1.540   6.925   0.871   1.00 23.61  ? 108 VAL   A N   1 
ATOM   1171 C CA  . VAL   A 1 99  ? 1.214   8.368   0.746   1.00 22.87  ? 108 VAL   A CA  1 
ATOM   1172 C C   . VAL   A 1 99  ? 0.646   8.580   -0.642  1.00 21.87  ? 108 VAL   A C   1 
ATOM   1173 O O   . VAL   A 1 99  ? 0.967   7.844   -1.553  1.00 23.25  ? 108 VAL   A O   1 
ATOM   1174 C CB  . VAL   A 1 99  ? 2.454   9.263   0.981   1.00 22.77  ? 108 VAL   A CB  1 
ATOM   1175 C CG1 . VAL   A 1 99  ? 2.920   9.160   2.416   1.00 24.72  ? 108 VAL   A CG1 1 
ATOM   1176 C CG2 . VAL   A 1 99  ? 3.586   8.944   0.038   1.00 24.20  ? 108 VAL   A CG2 1 
ATOM   1177 N N   . PRO   A 1 100 ? -0.117  9.661   -0.845  1.00 21.92  ? 109 PRO   A N   1 
ATOM   1178 C CA  . PRO   A 1 100 ? -0.463  10.093  -2.192  1.00 24.70  ? 109 PRO   A CA  1 
ATOM   1179 C C   . PRO   A 1 100 ? 0.813   10.304  -3.003  1.00 24.25  ? 109 PRO   A C   1 
ATOM   1180 O O   . PRO   A 1 100 ? 1.800   10.799  -2.468  1.00 23.73  ? 109 PRO   A O   1 
ATOM   1181 C CB  . PRO   A 1 100 ? -1.213  11.405  -2.022  1.00 24.27  ? 109 PRO   A CB  1 
ATOM   1182 C CG  . PRO   A 1 100 ? -1.735  11.340  -0.594  1.00 23.85  ? 109 PRO   A CG  1 
ATOM   1183 C CD  . PRO   A 1 100 ? -0.698  10.543  0.164   1.00 22.63  ? 109 PRO   A CD  1 
ATOM   1184 N N   . HIS   A 1 101 ? 0.721   9.929   -4.277  1.00 24.66  ? 110 HIS   A N   1 
ATOM   1185 C CA  . HIS   A 1 101 ? 1.721   10.243  -5.317  1.00 24.41  ? 110 HIS   A CA  1 
ATOM   1186 C C   . HIS   A 1 101 ? 1.166   11.338  -6.229  1.00 24.35  ? 110 HIS   A C   1 
ATOM   1187 O O   . HIS   A 1 101 ? 0.178   11.087  -6.923  1.00 25.32  ? 110 HIS   A O   1 
ATOM   1188 C CB  . HIS   A 1 101 ? 2.071   9.006   -6.098  1.00 24.99  ? 110 HIS   A CB  1 
ATOM   1189 C CG  . HIS   A 1 101 ? 3.205   9.259   -7.040  1.00 26.19  ? 110 HIS   A CG  1 
ATOM   1190 N ND1 . HIS   A 1 101 ? 3.203   8.795   -8.330  1.00 29.47  ? 110 HIS   A ND1 1 
ATOM   1191 C CD2 . HIS   A 1 101 ? 4.377   9.899   -6.851  1.00 23.63  ? 110 HIS   A CD2 1 
ATOM   1192 C CE1 . HIS   A 1 101 ? 4.349   9.156   -8.907  1.00 31.50  ? 110 HIS   A CE1 1 
ATOM   1193 N NE2 . HIS   A 1 101 ? 5.103   9.797   -8.004  1.00 23.66  ? 110 HIS   A NE2 1 
ATOM   1194 N N   . VAL   A 1 102 ? 1.851   12.466  -6.280  1.00 21.72  ? 111 VAL   A N   1 
ATOM   1195 C CA  . VAL   A 1 102 ? 1.426   13.601  -7.139  1.00 24.25  ? 111 VAL   A CA  1 
ATOM   1196 C C   . VAL   A 1 102 ? 2.545   13.963  -8.122  1.00 25.17  ? 111 VAL   A C   1 
ATOM   1197 O O   . VAL   A 1 102 ? 2.561   15.138  -8.586  1.00 32.03  ? 111 VAL   A O   1 
ATOM   1198 C CB  . VAL   A 1 102 ? 0.960   14.793  -6.290  1.00 24.28  ? 111 VAL   A CB  1 
ATOM   1199 C CG1 . VAL   A 1 102 ? -0.261  14.454  -5.466  1.00 26.85  ? 111 VAL   A CG1 1 
ATOM   1200 C CG2 . VAL   A 1 102 ? 2.055   15.342  -5.406  1.00 27.26  ? 111 VAL   A CG2 1 
ATOM   1201 N N   . GLY   A 1 103 ? 3.351   12.981  -8.546  1.00 26.10  ? 112 GLY   A N   1 
ATOM   1202 C CA  . GLY   A 1 103 ? 4.400   13.172  -9.575  1.00 26.76  ? 112 GLY   A CA  1 
ATOM   1203 C C   . GLY   A 1 103 ? 5.809   13.285  -9.055  1.00 27.50  ? 112 GLY   A C   1 
ATOM   1204 O O   . GLY   A 1 103 ? 6.689   13.516  -9.865  1.00 28.06  ? 112 GLY   A O   1 
ATOM   1205 N N   . GLU   A 1 104 ? 6.041   13.112  -7.769  1.00 22.77  ? 113 GLU   A N   1 
ATOM   1206 C CA  . GLU   A 1 104 ? 7.403   13.023  -7.188  1.00 24.01  ? 113 GLU   A CA  1 
ATOM   1207 C C   . GLU   A 1 104 ? 8.187   11.935  -7.926  1.00 26.06  ? 113 GLU   A C   1 
ATOM   1208 O O   . GLU   A 1 104 ? 7.643   10.879  -8.300  1.00 24.44  ? 113 GLU   A O   1 
ATOM   1209 C CB  . GLU   A 1 104 ? 7.383   12.696  -5.697  1.00 24.74  ? 113 GLU   A CB  1 
ATOM   1210 C CG  . GLU   A 1 104 ? 6.661   13.726  -4.852  1.00 22.80  ? 113 GLU   A CG  1 
ATOM   1211 C CD  . GLU   A 1 104 ? 5.183   13.465  -4.606  1.00 22.22  ? 113 GLU   A CD  1 
ATOM   1212 O OE1 . GLU   A 1 104 ? 4.570   12.788  -5.433  1.00 24.07  ? 113 GLU   A OE1 1 
ATOM   1213 O OE2 . GLU   A 1 104 ? 4.681   13.907  -3.565  1.00 23.51  ? 113 GLU   A OE2 1 
ATOM   1214 N N   . ILE   A 1 105 ? 9.480   12.160  -8.104  1.00 24.51  ? 114 ILE   A N   1 
ATOM   1215 C CA  . ILE   A 1 105 ? 10.379  11.161  -8.729  1.00 23.61  ? 114 ILE   A CA  1 
ATOM   1216 C C   . ILE   A 1 105 ? 10.766  10.095  -7.711  1.00 25.51  ? 114 ILE   A C   1 
ATOM   1217 O O   . ILE   A 1 105 ? 11.345  10.381  -6.653  1.00 27.19  ? 114 ILE   A O   1 
ATOM   1218 C CB  . ILE   A 1 105 ? 11.610  11.887  -9.315  1.00 27.37  ? 114 ILE   A CB  1 
ATOM   1219 C CG1 . ILE   A 1 105 ? 11.166  12.981  -10.281 1.00 28.45  ? 114 ILE   A CG1 1 
ATOM   1220 C CG2 . ILE   A 1 105 ? 12.533  10.883  -9.966  1.00 27.46  ? 114 ILE   A CG2 1 
ATOM   1221 C CD1 . ILE   A 1 105 ? 10.372  12.492  -11.409 1.00 29.05  ? 114 ILE   A CD1 1 
ATOM   1222 N N   . PRO   A 1 106 ? 10.488  8.803   -8.000  1.00 24.44  ? 115 PRO   A N   1 
ATOM   1223 C CA  . PRO   A 1 106 ? 10.858  7.742   -7.077  1.00 24.07  ? 115 PRO   A CA  1 
ATOM   1224 C C   . PRO   A 1 106 ? 12.357  7.422   -7.108  1.00 23.95  ? 115 PRO   A C   1 
ATOM   1225 O O   . PRO   A 1 106 ? 13.035  7.772   -8.071  1.00 23.95  ? 115 PRO   A O   1 
ATOM   1226 C CB  . PRO   A 1 106 ? 9.998   6.570   -7.544  1.00 25.94  ? 115 PRO   A CB  1 
ATOM   1227 C CG  . PRO   A 1 106 ? 9.851   6.779   -9.026  1.00 25.84  ? 115 PRO   A CG  1 
ATOM   1228 C CD  . PRO   A 1 106 ? 9.804   8.280   -9.198  1.00 25.51  ? 115 PRO   A CD  1 
ATOM   1229 N N   . VAL   A 1 107 ? 12.811  6.699   -6.074  1.00 24.43  ? 116 VAL   A N   1 
ATOM   1230 C CA  . VAL   A 1 107 ? 14.181  6.116   -6.009  1.00 26.59  ? 116 VAL   A CA  1 
ATOM   1231 C C   . VAL   A 1 107 ? 14.166  4.639   -6.404  1.00 27.54  ? 116 VAL   A C   1 
ATOM   1232 O O   . VAL   A 1 107 ? 15.232  4.099   -6.702  1.00 28.09  ? 116 VAL   A O   1 
ATOM   1233 C CB  . VAL   A 1 107 ? 14.787  6.343   -4.615  1.00 26.12  ? 116 VAL   A CB  1 
ATOM   1234 C CG1 . VAL   A 1 107 ? 14.943  7.834   -4.348  1.00 31.00  ? 116 VAL   A CG1 1 
ATOM   1235 C CG2 . VAL   A 1 107 ? 14.011  5.634   -3.541  1.00 27.86  ? 116 VAL   A CG2 1 
ATOM   1236 N N   . ALA   A 1 108 ? 12.997  4.006   -6.449  1.00 28.02  ? 117 ALA   A N   1 
ATOM   1237 C CA  . ALA   A 1 108 ? 12.858  2.586   -6.809  1.00 28.86  ? 117 ALA   A CA  1 
ATOM   1238 C C   . ALA   A 1 108 ? 11.368  2.283   -6.940  1.00 29.79  ? 117 ALA   A C   1 
ATOM   1239 O O   . ALA   A 1 108 ? 10.565  3.168   -6.668  1.00 24.67  ? 117 ALA   A O   1 
ATOM   1240 C CB  . ALA   A 1 108 ? 13.468  1.709   -5.754  1.00 29.92  ? 117 ALA   A CB  1 
ATOM   1241 N N   . TYR   A 1 109 ? 11.048  1.067   -7.365  1.00 28.91  ? 118 TYR   A N   1 
ATOM   1242 C CA  . TYR   A 1 109 ? 9.663   0.551   -7.411  1.00 31.86  ? 118 TYR   A CA  1 
ATOM   1243 C C   . TYR   A 1 109 ? 9.644   -0.683  -6.543  1.00 34.49  ? 118 TYR   A C   1 
ATOM   1244 O O   . TYR   A 1 109 ? 10.681  -1.374  -6.494  1.00 41.93  ? 118 TYR   A O   1 
ATOM   1245 C CB  . TYR   A 1 109 ? 9.208   0.293   -8.842  1.00 29.33  ? 118 TYR   A CB  1 
ATOM   1246 C CG  . TYR   A 1 109 ? 8.898   1.551   -9.589  1.00 30.02  ? 118 TYR   A CG  1 
ATOM   1247 C CD1 . TYR   A 1 109 ? 9.911   2.241   -10.209 1.00 29.54  ? 118 TYR   A CD1 1 
ATOM   1248 C CD2 . TYR   A 1 109 ? 7.629   2.101   -9.603  1.00 29.44  ? 118 TYR   A CD2 1 
ATOM   1249 C CE1 . TYR   A 1 109 ? 9.660   3.418   -10.874 1.00 28.68  ? 118 TYR   A CE1 1 
ATOM   1250 C CE2 . TYR   A 1 109 ? 7.365   3.288   -10.274 1.00 31.12  ? 118 TYR   A CE2 1 
ATOM   1251 C CZ  . TYR   A 1 109 ? 8.403   3.939   -10.909 1.00 29.25  ? 118 TYR   A CZ  1 
ATOM   1252 O OH  . TYR   A 1 109 ? 8.193   5.101   -11.574 1.00 33.92  ? 118 TYR   A OH  1 
ATOM   1253 N N   . ARG   A 1 110 ? 8.536   -0.891  -5.843  1.00 32.70  ? 119 ARG   A N   1 
ATOM   1254 C CA  . ARG   A 1 110 ? 8.323   -2.023  -4.923  1.00 38.05  ? 119 ARG   A CA  1 
ATOM   1255 C C   . ARG   A 1 110 ? 7.121   -2.770  -5.482  1.00 37.75  ? 119 ARG   A C   1 
ATOM   1256 O O   . ARG   A 1 110 ? 6.007   -2.239  -5.439  1.00 32.54  ? 119 ARG   A O   1 
ATOM   1257 C CB  . ARG   A 1 110 ? 8.071   -1.517  -3.501  1.00 43.09  ? 119 ARG   A CB  1 
ATOM   1258 C CG  . ARG   A 1 110 ? 8.139   -2.597  -2.433  1.00 47.52  ? 119 ARG   A CG  1 
ATOM   1259 C CD  . ARG   A 1 110 ? 9.553   -3.076  -2.173  1.00 51.83  ? 119 ARG   A CD  1 
ATOM   1260 N NE  . ARG   A 1 110 ? 9.527   -4.428  -1.630  1.00 58.34  ? 119 ARG   A NE  1 
ATOM   1261 C CZ  . ARG   A 1 110 ? 9.805   -4.773  -0.378  1.00 58.57  ? 119 ARG   A CZ  1 
ATOM   1262 N NH1 . ARG   A 1 110 ? 10.164  -3.868  0.515   1.00 60.56  ? 119 ARG   A NH1 1 
ATOM   1263 N NH2 . ARG   A 1 110 ? 9.721   -6.043  -0.024  1.00 64.20  ? 119 ARG   A NH2 1 
ATOM   1264 N N   A LYS   A 1 111 ? 7.352   -4.001  -5.946  0.31 38.54  ? 120 LYS   A N   1 
ATOM   1265 N N   B LYS   A 1 111 ? 7.352   -4.000  -5.947  0.30 38.52  ? 120 LYS   A N   1 
ATOM   1266 N N   C LYS   A 1 111 ? 7.348   -3.935  -6.086  0.20 39.11  ? 120 LYS   A N   1 
ATOM   1267 N N   D LYS   A 1 111 ? 7.348   -3.936  -6.087  0.19 39.10  ? 120 LYS   A N   1 
ATOM   1268 C CA  A LYS   A 1 111 ? 6.297   -4.907  -6.477  0.31 39.07  ? 120 LYS   A CA  1 
ATOM   1269 C CA  B LYS   A 1 111 ? 6.296   -4.906  -6.478  0.30 39.07  ? 120 LYS   A CA  1 
ATOM   1270 C CA  C LYS   A 1 111 ? 6.248   -4.752  -6.671  0.20 40.08  ? 120 LYS   A CA  1 
ATOM   1271 C CA  D LYS   A 1 111 ? 6.248   -4.752  -6.671  0.19 40.08  ? 120 LYS   A CA  1 
ATOM   1272 C C   A LYS   A 1 111 ? 5.555   -5.543  -5.298  0.31 35.37  ? 120 LYS   A C   1 
ATOM   1273 C C   B LYS   A 1 111 ? 5.555   -5.543  -5.298  0.30 35.41  ? 120 LYS   A C   1 
ATOM   1274 C C   C LYS   A 1 111 ? 5.665   -5.605  -5.544  0.20 38.25  ? 120 LYS   A C   1 
ATOM   1275 C C   D LYS   A 1 111 ? 5.665   -5.605  -5.544  0.19 38.28  ? 120 LYS   A C   1 
ATOM   1276 O O   A LYS   A 1 111 ? 6.222   -6.131  -4.424  0.31 37.36  ? 120 LYS   A O   1 
ATOM   1277 O O   B LYS   A 1 111 ? 6.224   -6.131  -4.425  0.30 37.35  ? 120 LYS   A O   1 
ATOM   1278 O O   C LYS   A 1 111 ? 6.440   -6.322  -4.884  0.20 39.96  ? 120 LYS   A O   1 
ATOM   1279 O O   D LYS   A 1 111 ? 6.440   -6.322  -4.884  0.19 39.93  ? 120 LYS   A O   1 
ATOM   1280 C CB  A LYS   A 1 111 ? 6.906   -5.979  -7.387  0.31 41.59  ? 120 LYS   A CB  1 
ATOM   1281 C CB  B LYS   A 1 111 ? 6.906   -5.979  -7.388  0.30 41.60  ? 120 LYS   A CB  1 
ATOM   1282 C CB  C LYS   A 1 111 ? 6.694   -5.596  -7.872  0.20 42.50  ? 120 LYS   A CB  1 
ATOM   1283 C CB  D LYS   A 1 111 ? 6.695   -5.596  -7.873  0.19 42.48  ? 120 LYS   A CB  1 
ATOM   1284 C CG  A LYS   A 1 111 ? 7.559   -5.446  -8.658  0.31 45.89  ? 120 LYS   A CG  1 
ATOM   1285 C CG  B LYS   A 1 111 ? 7.559   -5.446  -8.659  0.30 45.84  ? 120 LYS   A CG  1 
ATOM   1286 C CG  C LYS   A 1 111 ? 8.190   -5.836  -8.020  0.20 45.21  ? 120 LYS   A CG  1 
ATOM   1287 C CG  D LYS   A 1 111 ? 8.190   -5.836  -8.020  0.19 45.16  ? 120 LYS   A CG  1 
ATOM   1288 C CD  A LYS   A 1 111 ? 8.019   -6.527  -9.618  0.31 47.80  ? 120 LYS   A CD  1 
ATOM   1289 C CD  B LYS   A 1 111 ? 8.019   -6.527  -9.618  0.30 47.77  ? 120 LYS   A CD  1 
ATOM   1290 C CD  C LYS   A 1 111 ? 8.560   -6.622  -9.259  0.20 47.50  ? 120 LYS   A CD  1 
ATOM   1291 C CD  D LYS   A 1 111 ? 8.561   -6.623  -9.258  0.19 47.43  ? 120 LYS   A CD  1 
ATOM   1292 C CE  A LYS   A 1 111 ? 9.126   -7.394  -9.053  0.31 52.04  ? 120 LYS   A CE  1 
ATOM   1293 C CE  B LYS   A 1 111 ? 9.126   -7.394  -9.053  0.30 51.93  ? 120 LYS   A CE  1 
ATOM   1294 C CE  C LYS   A 1 111 ? 9.083   -8.010  -8.950  0.20 49.97  ? 120 LYS   A CE  1 
ATOM   1295 C CE  D LYS   A 1 111 ? 9.082   -8.011  -8.949  0.19 49.85  ? 120 LYS   A CE  1 
ATOM   1296 N NZ  A LYS   A 1 111 ? 9.428   -8.543  -9.941  0.31 53.78  ? 120 LYS   A NZ  1 
ATOM   1297 N NZ  B LYS   A 1 111 ? 9.429   -8.541  -9.941  0.30 53.65  ? 120 LYS   A NZ  1 
ATOM   1298 N NZ  C LYS   A 1 111 ? 8.843   -8.943  -10.076 0.20 50.35  ? 120 LYS   A NZ  1 
ATOM   1299 N NZ  D LYS   A 1 111 ? 8.844   -8.944  -10.077 0.19 50.25  ? 120 LYS   A NZ  1 
ATOM   1300 N N   A VAL   A 1 112 ? 4.227   -5.410  -5.264  0.31 33.10  ? 121 VAL   A N   1 
ATOM   1301 N N   B VAL   A 1 112 ? 4.227   -5.410  -5.264  0.30 33.15  ? 121 VAL   A N   1 
ATOM   1302 N N   C VAL   A 1 112 ? 4.357   -5.484  -5.313  0.20 36.48  ? 121 VAL   A N   1 
ATOM   1303 N N   D VAL   A 1 112 ? 4.357   -5.484  -5.313  0.19 36.52  ? 121 VAL   A N   1 
ATOM   1304 C CA  A VAL   A 1 112 ? 3.380   -6.019  -4.197  0.31 32.13  ? 121 VAL   A CA  1 
ATOM   1305 C CA  B VAL   A 1 112 ? 3.381   -6.019  -4.197  0.30 32.17  ? 121 VAL   A CA  1 
ATOM   1306 C CA  C VAL   A 1 112 ? 3.627   -6.233  -4.250  0.20 35.97  ? 121 VAL   A CA  1 
ATOM   1307 C CA  D VAL   A 1 112 ? 3.628   -6.234  -4.249  0.19 36.00  ? 121 VAL   A CA  1 
ATOM   1308 C C   A VAL   A 1 112 ? 2.149   -6.674  -4.826  0.31 32.44  ? 121 VAL   A C   1 
ATOM   1309 C C   B VAL   A 1 112 ? 2.149   -6.674  -4.826  0.30 32.46  ? 121 VAL   A C   1 
ATOM   1310 C C   C VAL   A 1 112 ? 2.338   -6.808  -4.840  0.20 35.42  ? 121 VAL   A C   1 
ATOM   1311 C C   D VAL   A 1 112 ? 2.338   -6.807  -4.838  0.19 35.46  ? 121 VAL   A C   1 
ATOM   1312 O O   A VAL   A 1 112 ? 1.704   -6.263  -5.920  0.31 32.40  ? 121 VAL   A O   1 
ATOM   1313 O O   B VAL   A 1 112 ? 1.705   -6.261  -5.919  0.30 32.42  ? 121 VAL   A O   1 
ATOM   1314 O O   C VAL   A 1 112 ? 1.888   -6.342  -5.906  0.20 35.69  ? 121 VAL   A O   1 
ATOM   1315 O O   D VAL   A 1 112 ? 1.887   -6.341  -5.905  0.19 35.71  ? 121 VAL   A O   1 
ATOM   1316 C CB  A VAL   A 1 112 ? 2.991   -5.008  -3.095  0.31 31.83  ? 121 VAL   A CB  1 
ATOM   1317 C CB  B VAL   A 1 112 ? 2.992   -5.007  -3.095  0.30 31.86  ? 121 VAL   A CB  1 
ATOM   1318 C CB  C VAL   A 1 112 ? 3.340   -5.355  -3.013  0.20 36.04  ? 121 VAL   A CB  1 
ATOM   1319 C CB  D VAL   A 1 112 ? 3.340   -5.355  -3.013  0.19 36.06  ? 121 VAL   A CB  1 
ATOM   1320 C CG1 A VAL   A 1 112 ? 4.215   -4.398  -2.441  0.31 31.86  ? 121 VAL   A CG1 1 
ATOM   1321 C CG1 B VAL   A 1 112 ? 4.216   -4.397  -2.440  0.30 31.88  ? 121 VAL   A CG1 1 
ATOM   1322 C CG1 C VAL   A 1 112 ? 4.619   -4.820  -2.391  0.20 36.56  ? 121 VAL   A CG1 1 
ATOM   1323 C CG1 D VAL   A 1 112 ? 4.619   -4.821  -2.390  0.19 36.56  ? 121 VAL   A CG1 1 
ATOM   1324 C CG2 A VAL   A 1 112 ? 2.059   -3.915  -3.597  0.31 32.38  ? 121 VAL   A CG2 1 
ATOM   1325 C CG2 B VAL   A 1 112 ? 2.060   -3.915  -3.597  0.30 32.39  ? 121 VAL   A CG2 1 
ATOM   1326 C CG2 C VAL   A 1 112 ? 2.379   -4.216  -3.320  0.20 35.99  ? 121 VAL   A CG2 1 
ATOM   1327 C CG2 D VAL   A 1 112 ? 2.379   -4.216  -3.320  0.19 36.01  ? 121 VAL   A CG2 1 
ATOM   1328 N N   A LEU   A 1 113 ? 1.643   -7.697  -4.144  0.31 31.73  ? 122 LEU   A N   1 
ATOM   1329 N N   B LEU   A 1 113 ? 1.643   -7.697  -4.144  0.30 31.79  ? 122 LEU   A N   1 
ATOM   1330 N N   C LEU   A 1 113 ? 1.797   -7.816  -4.160  0.20 34.83  ? 122 LEU   A N   1 
ATOM   1331 N N   D LEU   A 1 113 ? 1.797   -7.817  -4.160  0.19 34.89  ? 122 LEU   A N   1 
ATOM   1332 C CA  A LEU   A 1 113 ? 0.319   -8.313  -4.394  0.31 34.25  ? 122 LEU   A CA  1 
ATOM   1333 C CA  B LEU   A 1 113 ? 0.319   -8.314  -4.394  0.30 34.27  ? 122 LEU   A CA  1 
ATOM   1334 C CA  C LEU   A 1 113 ? 0.455   -8.396  -4.406  0.20 36.21  ? 122 LEU   A CA  1 
ATOM   1335 C CA  D LEU   A 1 113 ? 0.455   -8.397  -4.406  0.19 36.22  ? 122 LEU   A CA  1 
ATOM   1336 C C   A LEU   A 1 113 ? -0.586  -7.861  -3.246  0.31 33.68  ? 122 LEU   A C   1 
ATOM   1337 C C   B LEU   A 1 113 ? -0.586  -7.861  -3.246  0.30 33.71  ? 122 LEU   A C   1 
ATOM   1338 C C   C LEU   A 1 113 ? -0.439  -7.955  -3.247  0.20 35.76  ? 122 LEU   A C   1 
ATOM   1339 C C   D LEU   A 1 113 ? -0.439  -7.957  -3.247  0.19 35.79  ? 122 LEU   A C   1 
ATOM   1340 O O   A LEU   A 1 113 ? -0.394  -8.346  -2.112  0.31 32.72  ? 122 LEU   A O   1 
ATOM   1341 O O   B LEU   A 1 113 ? -0.394  -8.347  -2.112  0.30 32.75  ? 122 LEU   A O   1 
ATOM   1342 O O   C LEU   A 1 113 ? -0.231  -8.451  -2.124  0.20 34.14  ? 122 LEU   A O   1 
ATOM   1343 O O   D LEU   A 1 113 ? -0.232  -8.453  -2.124  0.19 34.20  ? 122 LEU   A O   1 
ATOM   1344 C CB  A LEU   A 1 113 ? 0.515   -9.834  -4.446  0.31 35.72  ? 122 LEU   A CB  1 
ATOM   1345 C CB  B LEU   A 1 113 ? 0.516   -9.835  -4.446  0.30 35.73  ? 122 LEU   A CB  1 
ATOM   1346 C CB  C LEU   A 1 113 ? 0.592   -9.921  -4.484  0.20 36.80  ? 122 LEU   A CB  1 
ATOM   1347 C CB  D LEU   A 1 113 ? 0.592   -9.921  -4.483  0.19 36.81  ? 122 LEU   A CB  1 
ATOM   1348 C CG  A LEU   A 1 113 ? -0.617  -10.670 -5.042  0.31 38.24  ? 122 LEU   A CG  1 
ATOM   1349 C CG  B LEU   A 1 113 ? -0.617  -10.670 -5.042  0.30 38.21  ? 122 LEU   A CG  1 
ATOM   1350 C CG  C LEU   A 1 113 ? -0.680  -10.693 -4.830  0.20 38.02  ? 122 LEU   A CG  1 
ATOM   1351 C CG  D LEU   A 1 113 ? -0.679  -10.693 -4.830  0.19 38.01  ? 122 LEU   A CG  1 
ATOM   1352 C CD1 A LEU   A 1 113 ? -1.062  -10.148 -6.401  0.31 39.95  ? 122 LEU   A CD1 1 
ATOM   1353 C CD1 B LEU   A 1 113 ? -1.061  -10.148 -6.400  0.30 39.89  ? 122 LEU   A CD1 1 
ATOM   1354 C CD1 C LEU   A 1 113 ? -1.230  -10.271 -6.184  0.20 38.65  ? 122 LEU   A CD1 1 
ATOM   1355 C CD1 D LEU   A 1 113 ? -1.229  -10.271 -6.184  0.19 38.62  ? 122 LEU   A CD1 1 
ATOM   1356 C CD2 A LEU   A 1 113 ? -0.177  -12.127 -5.171  0.31 40.43  ? 122 LEU   A CD2 1 
ATOM   1357 C CD2 B LEU   A 1 113 ? -0.179  -12.127 -5.170  0.30 40.36  ? 122 LEU   A CD2 1 
ATOM   1358 C CD2 C LEU   A 1 113 ? -0.421  -12.194 -4.818  0.20 39.50  ? 122 LEU   A CD2 1 
ATOM   1359 C CD2 D LEU   A 1 113 ? -0.421  -12.194 -4.818  0.19 39.44  ? 122 LEU   A CD2 1 
ATOM   1360 N N   A LEU   A 1 114 ? -1.468  -6.899  -3.508  0.31 32.43  ? 123 LEU   A N   1 
ATOM   1361 N N   B LEU   A 1 114 ? -1.467  -6.898  -3.508  0.30 32.52  ? 123 LEU   A N   1 
ATOM   1362 N N   C LEU   A 1 114 ? -1.353  -7.021  -3.497  0.20 34.84  ? 123 LEU   A N   1 
ATOM   1363 N N   D LEU   A 1 114 ? -1.353  -7.021  -3.497  0.19 34.93  ? 123 LEU   A N   1 
ATOM   1364 C CA  A LEU   A 1 114 ? -2.310  -6.251  -2.469  0.31 35.61  ? 123 LEU   A CA  1 
ATOM   1365 C CA  B LEU   A 1 114 ? -2.310  -6.251  -2.469  0.30 35.65  ? 123 LEU   A CA  1 
ATOM   1366 C CA  C LEU   A 1 114 ? -2.187  -6.386  -2.444  0.20 37.22  ? 123 LEU   A CA  1 
ATOM   1367 C CA  D LEU   A 1 114 ? -2.187  -6.386  -2.444  0.19 37.26  ? 123 LEU   A CA  1 
ATOM   1368 C C   A LEU   A 1 114 ? -3.582  -7.070  -2.269  0.31 37.04  ? 123 LEU   A C   1 
ATOM   1369 C C   B LEU   A 1 114 ? -3.582  -7.070  -2.269  0.30 37.08  ? 123 LEU   A C   1 
ATOM   1370 C C   C LEU   A 1 114 ? -3.450  -7.219  -2.224  0.20 38.41  ? 123 LEU   A C   1 
ATOM   1371 C C   D LEU   A 1 114 ? -3.450  -7.219  -2.224  0.19 38.44  ? 123 LEU   A C   1 
ATOM   1372 O O   A LEU   A 1 114 ? -4.340  -7.207  -3.240  0.31 34.00  ? 123 LEU   A O   1 
ATOM   1373 O O   B LEU   A 1 114 ? -4.340  -7.208  -3.240  0.30 34.08  ? 123 LEU   A O   1 
ATOM   1374 O O   C LEU   A 1 114 ? -4.256  -7.304  -3.167  0.20 36.18  ? 123 LEU   A O   1 
ATOM   1375 O O   D LEU   A 1 114 ? -4.256  -7.303  -3.166  0.19 36.26  ? 123 LEU   A O   1 
ATOM   1376 C CB  A LEU   A 1 114 ? -2.665  -4.826  -2.903  0.31 37.13  ? 123 LEU   A CB  1 
ATOM   1377 C CB  B LEU   A 1 114 ? -2.665  -4.826  -2.903  0.30 37.14  ? 123 LEU   A CB  1 
ATOM   1378 C CB  C LEU   A 1 114 ? -2.546  -4.963  -2.877  0.20 38.31  ? 123 LEU   A CB  1 
ATOM   1379 C CB  D LEU   A 1 114 ? -2.546  -4.962  -2.877  0.19 38.31  ? 123 LEU   A CB  1 
ATOM   1380 C CG  A LEU   A 1 114 ? -3.715  -4.122  -2.044  0.31 38.38  ? 123 LEU   A CG  1 
ATOM   1381 C CG  B LEU   A 1 114 ? -3.715  -4.122  -2.044  0.30 38.37  ? 123 LEU   A CG  1 
ATOM   1382 C CG  C LEU   A 1 114 ? -3.467  -4.199  -1.928  0.20 38.96  ? 123 LEU   A CG  1 
ATOM   1383 C CG  D LEU   A 1 114 ? -3.467  -4.198  -1.929  0.19 38.95  ? 123 LEU   A CG  1 
ATOM   1384 C CD1 A LEU   A 1 114 ? -3.166  -3.801  -0.660  0.31 38.54  ? 123 LEU   A CD1 1 
ATOM   1385 C CD1 B LEU   A 1 114 ? -3.165  -3.800  -0.660  0.30 38.53  ? 123 LEU   A CD1 1 
ATOM   1386 C CD1 C LEU   A 1 114 ? -2.755  -3.873  -0.623  0.20 39.06  ? 123 LEU   A CD1 1 
ATOM   1387 C CD1 D LEU   A 1 114 ? -2.754  -3.872  -0.624  0.19 39.05  ? 123 LEU   A CD1 1 
ATOM   1388 C CD2 A LEU   A 1 114 ? -4.221  -2.870  -2.742  0.31 39.88  ? 123 LEU   A CD2 1 
ATOM   1389 C CD2 B LEU   A 1 114 ? -4.221  -2.870  -2.743  0.30 39.83  ? 123 LEU   A CD2 1 
ATOM   1390 C CD2 C LEU   A 1 114 ? -3.987  -2.936  -2.595  0.20 39.79  ? 123 LEU   A CD2 1 
ATOM   1391 C CD2 D LEU   A 1 114 ? -3.987  -2.936  -2.595  0.19 39.75  ? 123 LEU   A CD2 1 
ATOM   1392 N N   A ARG   A 1 115 ? -3.815  -7.556  -1.048  0.31 39.35  ? 124 ARG   A N   1 
ATOM   1393 N N   B ARG   A 1 115 ? -3.815  -7.556  -1.049  0.30 39.45  ? 124 ARG   A N   1 
ATOM   1394 N N   C ARG   A 1 115 ? -3.620  -7.790  -1.025  0.20 39.90  ? 124 ARG   A N   1 
ATOM   1395 N N   D ARG   A 1 115 ? -3.621  -7.790  -1.026  0.19 39.98  ? 124 ARG   A N   1 
ATOM   1396 C CA  A ARG   A 1 115 ? -5.139  -8.079  -0.624  0.31 45.71  ? 124 ARG   A CA  1 
ATOM   1397 C CA  B ARG   A 1 115 ? -5.139  -8.079  -0.624  0.30 45.76  ? 124 ARG   A CA  1 
ATOM   1398 C CA  C ARG   A 1 115 ? -4.904  -8.413  -0.605  0.20 43.97  ? 124 ARG   A CA  1 
ATOM   1399 C CA  D ARG   A 1 115 ? -4.904  -8.413  -0.605  0.19 43.98  ? 124 ARG   A CA  1 
ATOM   1400 C C   A ARG   A 1 115 ? -6.130  -6.908  -0.695  0.31 48.65  ? 124 ARG   A C   1 
ATOM   1401 C C   B ARG   A 1 115 ? -6.130  -6.908  -0.695  0.30 48.64  ? 124 ARG   A C   1 
ATOM   1402 C C   C ARG   A 1 115 ? -5.950  -7.304  -0.459  0.20 44.87  ? 124 ARG   A C   1 
ATOM   1403 C C   D ARG   A 1 115 ? -5.951  -7.304  -0.459  0.19 44.86  ? 124 ARG   A C   1 
ATOM   1404 O O   A ARG   A 1 115 ? -5.911  -5.896  0.014   0.31 49.45  ? 124 ARG   A O   1 
ATOM   1405 O O   B ARG   A 1 115 ? -5.912  -5.898  0.014   0.30 49.45  ? 124 ARG   A O   1 
ATOM   1406 O O   C ARG   A 1 115 ? -5.694  -6.400  0.363   0.20 47.69  ? 124 ARG   A O   1 
ATOM   1407 O O   D ARG   A 1 115 ? -5.695  -6.398  0.361   0.19 47.62  ? 124 ARG   A O   1 
ATOM   1408 C CB  A ARG   A 1 115 ? -5.029  -8.723  0.761   0.31 49.62  ? 124 ARG   A CB  1 
ATOM   1409 C CB  B ARG   A 1 115 ? -5.029  -8.723  0.761   0.30 49.64  ? 124 ARG   A CB  1 
ATOM   1410 C CB  C ARG   A 1 115 ? -4.793  -9.186  0.715   0.20 45.71  ? 124 ARG   A CB  1 
ATOM   1411 C CB  D ARG   A 1 115 ? -4.793  -9.185  0.714   0.19 45.74  ? 124 ARG   A CB  1 
ATOM   1412 C CG  A ARG   A 1 115 ? -6.243  -9.542  1.171   0.31 53.77  ? 124 ARG   A CG  1 
ATOM   1413 C CG  B ARG   A 1 115 ? -6.243  -9.542  1.171   0.30 53.77  ? 124 ARG   A CG  1 
ATOM   1414 C CG  C ARG   A 1 115 ? -6.157  -9.596  1.254   0.20 49.01  ? 124 ARG   A CG  1 
ATOM   1415 C CG  D ARG   A 1 115 ? -6.157  -9.596  1.254   0.19 49.00  ? 124 ARG   A CG  1 
ATOM   1416 C CD  A ARG   A 1 115 ? -6.004  -10.236 2.497   0.31 59.10  ? 124 ARG   A CD  1 
ATOM   1417 C CD  B ARG   A 1 115 ? -6.005  -10.237 2.498   0.30 59.05  ? 124 ARG   A CD  1 
ATOM   1418 C CD  C ARG   A 1 115 ? -6.185  -10.493 2.480   0.20 52.62  ? 124 ARG   A CD  1 
ATOM   1419 C CD  D ARG   A 1 115 ? -6.185  -10.493 2.480   0.19 52.56  ? 124 ARG   A CD  1 
ATOM   1420 N NE  A ARG   A 1 115 ? -5.000  -11.288 2.381   0.31 64.25  ? 124 ARG   A NE  1 
ATOM   1421 N NE  B ARG   A 1 115 ? -5.000  -11.288 2.381   0.30 64.14  ? 124 ARG   A NE  1 
ATOM   1422 N NE  C ARG   A 1 115 ? -5.232  -11.596 2.463   0.20 55.67  ? 124 ARG   A NE  1 
ATOM   1423 N NE  D ARG   A 1 115 ? -5.231  -11.596 2.463   0.19 55.56  ? 124 ARG   A NE  1 
ATOM   1424 C CZ  A ARG   A 1 115 ? -4.447  -11.941 3.403   0.31 68.97  ? 124 ARG   A CZ  1 
ATOM   1425 C CZ  B ARG   A 1 115 ? -4.447  -11.940 3.404   0.30 68.81  ? 124 ARG   A CZ  1 
ATOM   1426 C CZ  C ARG   A 1 115 ? -4.516  -12.010 3.511   0.20 57.93  ? 124 ARG   A CZ  1 
ATOM   1427 C CZ  D ARG   A 1 115 ? -4.516  -12.010 3.512   0.19 57.80  ? 124 ARG   A CZ  1 
ATOM   1428 N NH1 A ARG   A 1 115 ? -4.790  -11.653 4.651   0.31 68.94  ? 124 ARG   A NH1 1 
ATOM   1429 N NH1 B ARG   A 1 115 ? -4.791  -11.653 4.651   0.30 68.82  ? 124 ARG   A NH1 1 
ATOM   1430 N NH1 C ARG   A 1 115 ? -4.623  -11.406 4.688   0.20 57.56  ? 124 ARG   A NH1 1 
ATOM   1431 N NH1 D ARG   A 1 115 ? -4.623  -11.406 4.688   0.19 57.48  ? 124 ARG   A NH1 1 
ATOM   1432 N NH2 A ARG   A 1 115 ? -3.547  -12.883 3.169   0.31 67.29  ? 124 ARG   A NH2 1 
ATOM   1433 N NH2 B ARG   A 1 115 ? -3.546  -12.883 3.170   0.30 67.22  ? 124 ARG   A NH2 1 
ATOM   1434 N NH2 C ARG   A 1 115 ? -3.686  -13.032 3.376   0.20 56.46  ? 124 ARG   A NH2 1 
ATOM   1435 N NH2 D ARG   A 1 115 ? -3.686  -13.032 3.378   0.19 56.42  ? 124 ARG   A NH2 1 
ATOM   1436 N N   A LYS   A 1 116 ? -7.128  -7.016  -1.575  0.32 49.37  ? 125 LYS   A N   1 
ATOM   1437 N N   B LYS   A 1 116 ? -7.128  -7.017  -1.576  0.30 49.42  ? 125 LYS   A N   1 
ATOM   1438 C CA  A LYS   A 1 116 ? -8.080  -5.943  -1.953  0.32 53.44  ? 125 LYS   A CA  1 
ATOM   1439 C CA  B LYS   A 1 116 ? -8.079  -5.943  -1.952  0.30 53.41  ? 125 LYS   A CA  1 
ATOM   1440 C C   A LYS   A 1 116 ? -9.511  -6.401  -1.652  0.32 57.46  ? 125 LYS   A C   1 
ATOM   1441 C C   B LYS   A 1 116 ? -9.511  -6.401  -1.650  0.30 57.39  ? 125 LYS   A C   1 
ATOM   1442 O O   A LYS   A 1 116 ? -9.730  -7.217  -0.753  0.32 63.33  ? 125 LYS   A O   1 
ATOM   1443 O O   B LYS   A 1 116 ? -9.730  -7.217  -0.753  0.30 63.19  ? 125 LYS   A O   1 
ATOM   1444 C CB  A LYS   A 1 116 ? -7.909  -5.597  -3.412  0.32 51.24  ? 125 LYS   A CB  1 
ATOM   1445 C CB  B LYS   A 1 116 ? -7.910  -5.598  -3.412  0.30 51.28  ? 125 LYS   A CB  1 
HETATM 1446 N N01 C A1CRA B 2 .   ? -12.206 -4.191  -7.567  0.20 44.58  ? 201 A1CRA A N01 1 
HETATM 1447 N N01 D A1CRA B 2 .   ? -12.207 -4.192  -7.568  0.19 44.58  ? 201 A1CRA A N01 1 
HETATM 1448 C C02 C A1CRA B 2 .   ? -11.425 -2.930  -7.592  0.20 44.33  ? 201 A1CRA A C02 1 
HETATM 1449 C C02 D A1CRA B 2 .   ? -11.425 -2.930  -7.593  0.19 44.33  ? 201 A1CRA A C02 1 
HETATM 1450 C C03 C A1CRA B 2 .   ? -10.208 -2.930  -8.640  0.20 44.35  ? 201 A1CRA A C03 1 
HETATM 1451 C C03 D A1CRA B 2 .   ? -10.208 -2.931  -8.641  0.19 44.34  ? 201 A1CRA A C03 1 
HETATM 1452 C C04 C A1CRA B 2 .   ? -8.776  -2.581  -8.108  0.20 42.78  ? 201 A1CRA A C04 1 
HETATM 1453 C C04 D A1CRA B 2 .   ? -8.776  -2.581  -8.108  0.19 42.83  ? 201 A1CRA A C04 1 
HETATM 1454 C C05 C A1CRA B 2 .   ? -7.669  -2.564  -9.009  0.20 41.74  ? 201 A1CRA A C05 1 
HETATM 1455 C C05 D A1CRA B 2 .   ? -7.669  -2.563  -9.009  0.19 41.82  ? 201 A1CRA A C05 1 
HETATM 1456 C C06 C A1CRA B 2 .   ? -6.349  -2.237  -8.541  0.20 41.77  ? 201 A1CRA A C06 1 
HETATM 1457 C C06 D A1CRA B 2 .   ? -6.349  -2.236  -8.541  0.19 41.86  ? 201 A1CRA A C06 1 
HETATM 1458 C C07 C A1CRA B 2 .   ? -6.197  -1.949  -7.195  0.20 41.69  ? 201 A1CRA A C07 1 
HETATM 1459 C C07 D A1CRA B 2 .   ? -6.197  -1.947  -7.195  0.19 41.81  ? 201 A1CRA A C07 1 
HETATM 1460 C C08 C A1CRA B 2 .   ? -7.224  -1.945  -6.301  0.20 41.95  ? 201 A1CRA A C08 1 
HETATM 1461 C C08 D A1CRA B 2 .   ? -7.224  -1.945  -6.301  0.19 42.09  ? 201 A1CRA A C08 1 
HETATM 1462 C C09 C A1CRA B 2 .   ? -8.527  -2.261  -6.749  0.20 42.64  ? 201 A1CRA A C09 1 
HETATM 1463 C C09 D A1CRA B 2 .   ? -8.527  -2.261  -6.749  0.19 42.72  ? 201 A1CRA A C09 1 
HETATM 1464 I I10 C A1CRA B 2 .   ? -7.000  -1.502  -4.280  0.20 46.03  ? 201 A1CRA A I10 1 
HETATM 1465 I I10 D A1CRA B 2 .   ? -6.998  -1.501  -4.281  0.19 46.36  ? 201 A1CRA A I10 1 
HETATM 1466 O O11 C A1CRA B 2 .   ? -4.857  -1.625  -6.727  0.20 46.32  ? 201 A1CRA A O11 1 
HETATM 1467 O O11 D A1CRA B 2 .   ? -4.858  -1.623  -6.725  0.19 46.28  ? 201 A1CRA A O11 1 
HETATM 1468 O O   . HOH   C 3 .   ? 6.163   5.732   -11.347 0.50 39.86  ? 301 HOH   A O   1 
HETATM 1469 O O   . HOH   C 3 .   ? -17.011 2.669   12.002  1.00 72.46  ? 302 HOH   A O   1 
HETATM 1470 O O   . HOH   C 3 .   ? 10.221  16.665  6.123   1.00 43.53  ? 303 HOH   A O   1 
HETATM 1471 O O   . HOH   C 3 .   ? 4.227   5.214   15.423  1.00 54.46  ? 304 HOH   A O   1 
HETATM 1472 O O   A HOH   C 3 .   ? 12.940  8.688   2.780   0.25 36.05  ? 305 HOH   A O   1 
HETATM 1473 O O   B HOH   C 3 .   ? 12.940  8.688   2.780   0.25 36.05  ? 305 HOH   A O   1 
HETATM 1474 O O   C HOH   C 3 .   ? 12.457  8.637   3.160   0.25 33.06  ? 305 HOH   A O   1 
HETATM 1475 O O   D HOH   C 3 .   ? 12.457  8.637   3.160   0.25 33.06  ? 305 HOH   A O   1 
HETATM 1476 O O   A HOH   C 3 .   ? -7.861  -3.416  0.420   0.32 38.55  ? 306 HOH   A O   1 
HETATM 1477 O O   B HOH   C 3 .   ? -7.860  -3.417  0.418   0.30 38.57  ? 306 HOH   A O   1 
HETATM 1478 O O   . HOH   C 3 .   ? 9.883   -1.451  0.726   1.00 41.59  ? 307 HOH   A O   1 
HETATM 1479 O O   . HOH   C 3 .   ? -5.515  -5.891  6.867   1.00 59.10  ? 308 HOH   A O   1 
HETATM 1480 O O   . HOH   C 3 .   ? 4.390   2.270   14.156  1.00 46.96  ? 309 HOH   A O   1 
HETATM 1481 O O   . HOH   C 3 .   ? 12.631  6.249   3.666   1.00 37.45  ? 310 HOH   A O   1 
HETATM 1482 O O   . HOH   C 3 .   ? 3.947   2.136   -11.119 1.00 62.58  ? 311 HOH   A O   1 
HETATM 1483 O O   . HOH   C 3 .   ? -6.287  5.422   17.886  1.00 42.38  ? 312 HOH   A O   1 
HETATM 1484 O O   . HOH   C 3 .   ? -3.027  14.178  5.924   1.00 46.12  ? 313 HOH   A O   1 
HETATM 1485 O O   . HOH   C 3 .   ? 8.647   -6.831  -3.695  1.00 53.11  ? 314 HOH   A O   1 
HETATM 1486 O O   . HOH   C 3 .   ? 10.268  6.400   11.390  1.00 38.45  ? 315 HOH   A O   1 
HETATM 1487 O O   . HOH   C 3 .   ? 4.643   -12.538 0.695   1.00 46.30  ? 316 HOH   A O   1 
HETATM 1488 O O   . HOH   C 3 .   ? -1.253  1.437   -7.598  1.00 38.94  ? 317 HOH   A O   1 
HETATM 1489 O O   . HOH   C 3 .   ? -1.026  -4.368  14.611  1.00 40.93  ? 318 HOH   A O   1 
HETATM 1490 O O   . HOH   C 3 .   ? 3.533   12.223  12.587  1.00 34.49  ? 319 HOH   A O   1 
HETATM 1491 O O   . HOH   C 3 .   ? -9.945  18.133  6.955   1.00 40.47  ? 320 HOH   A O   1 
HETATM 1492 O O   . HOH   C 3 .   ? 0.964   6.609   16.113  1.00 40.81  ? 321 HOH   A O   1 
HETATM 1493 O O   . HOH   C 3 .   ? 5.424   14.916  13.797  1.00 42.80  ? 322 HOH   A O   1 
HETATM 1494 O O   . HOH   C 3 .   ? 11.571  5.855   1.010   1.00 27.64  ? 323 HOH   A O   1 
HETATM 1495 O O   . HOH   C 3 .   ? 4.739   -15.342 6.008   0.50 63.22  ? 324 HOH   A O   1 
HETATM 1496 O O   . HOH   C 3 .   ? 2.394   13.526  -2.262  1.00 21.93  ? 325 HOH   A O   1 
HETATM 1497 O O   . HOH   C 3 .   ? 0.028   7.233   5.508   1.00 24.38  ? 326 HOH   A O   1 
HETATM 1498 O O   . HOH   C 3 .   ? 0.052   -17.340 -10.546 1.00 52.68  ? 327 HOH   A O   1 
HETATM 1499 O O   . HOH   C 3 .   ? 12.862  17.653  8.591   1.00 49.05  ? 328 HOH   A O   1 
HETATM 1500 O O   . HOH   C 3 .   ? 7.635   18.099  0.714   1.00 41.30  ? 329 HOH   A O   1 
HETATM 1501 O O   . HOH   C 3 .   ? 1.012   -4.122  -11.882 1.00 45.99  ? 330 HOH   A O   1 
HETATM 1502 O O   . HOH   C 3 .   ? 8.425   -2.463  -11.242 1.00 53.23  ? 331 HOH   A O   1 
HETATM 1503 O O   . HOH   C 3 .   ? -12.132 11.463  8.354   1.00 38.83  ? 332 HOH   A O   1 
HETATM 1504 O O   . HOH   C 3 .   ? -3.366  6.363   22.438  1.00 53.94  ? 333 HOH   A O   1 
HETATM 1505 O O   . HOH   C 3 .   ? 0.472   3.813   -7.370  1.00 29.21  ? 334 HOH   A O   1 
HETATM 1506 O O   . HOH   C 3 .   ? -2.490  8.559   5.804   1.00 23.56  ? 335 HOH   A O   1 
HETATM 1507 O O   . HOH   C 3 .   ? 6.421   14.697  -12.300 1.00 37.82  ? 336 HOH   A O   1 
HETATM 1508 O O   . HOH   C 3 .   ? 1.093   9.519   6.597   1.00 23.76  ? 337 HOH   A O   1 
HETATM 1509 O O   . HOH   C 3 .   ? -2.979  11.415  7.356   1.00 29.18  ? 338 HOH   A O   1 
HETATM 1510 O O   . HOH   C 3 .   ? -12.270 2.488   5.264   1.00 39.88  ? 339 HOH   A O   1 
HETATM 1511 O O   . HOH   C 3 .   ? 11.285  10.792  -3.937  1.00 28.14  ? 340 HOH   A O   1 
HETATM 1512 O O   . HOH   C 3 .   ? 15.429  9.092   -8.141  1.00 39.68  ? 341 HOH   A O   1 
HETATM 1513 O O   . HOH   C 3 .   ? 3.155   -5.959  12.365  1.00 51.19  ? 342 HOH   A O   1 
HETATM 1514 O O   . HOH   C 3 .   ? -9.150  13.126  2.114   1.00 37.39  ? 343 HOH   A O   1 
HETATM 1515 O O   . HOH   C 3 .   ? -1.020  17.040  3.696   1.00 48.12  ? 344 HOH   A O   1 
HETATM 1516 O O   . HOH   C 3 .   ? 13.976  4.248   0.146   1.00 41.65  ? 345 HOH   A O   1 
HETATM 1517 O O   . HOH   C 3 .   ? 2.115   6.279   -9.056  1.00 53.47  ? 346 HOH   A O   1 
HETATM 1518 O O   . HOH   C 3 .   ? -12.349 11.281  1.951   1.00 42.45  ? 347 HOH   A O   1 
HETATM 1519 O O   . HOH   C 3 .   ? -14.476 3.610   -5.462  1.00 61.23  ? 348 HOH   A O   1 
HETATM 1520 O O   . HOH   C 3 .   ? 7.311   -4.250  10.970  1.00 44.99  ? 349 HOH   A O   1 
HETATM 1521 O O   . HOH   C 3 .   ? 13.124  16.974  -4.950  1.00 59.60  ? 350 HOH   A O   1 
HETATM 1522 O O   . HOH   C 3 .   ? 9.500   0.145   5.535   1.00 39.02  ? 351 HOH   A O   1 
HETATM 1523 O O   . HOH   C 3 .   ? 1.416   -1.154  -11.072 1.00 48.90  ? 352 HOH   A O   1 
HETATM 1524 O O   . HOH   C 3 .   ? 9.925   -5.185  -5.819  1.00 45.80  ? 353 HOH   A O   1 
HETATM 1525 O O   A HOH   C 3 .   ? -3.301  -7.946  -10.719 0.32 37.25  ? 354 HOH   A O   1 
HETATM 1526 O O   B HOH   C 3 .   ? -3.301  -7.947  -10.720 0.30 37.25  ? 354 HOH   A O   1 
HETATM 1527 O O   . HOH   C 3 .   ? -14.021 7.979   12.222  1.00 56.37  ? 355 HOH   A O   1 
HETATM 1528 O O   . HOH   C 3 .   ? 9.940   -11.380 -11.098 1.00 42.23  ? 356 HOH   A O   1 
HETATM 1529 O O   . HOH   C 3 .   ? 3.442   -4.673  -11.478 1.00 45.84  ? 357 HOH   A O   1 
HETATM 1530 O O   A HOH   C 3 .   ? 8.881   16.590  -4.772  0.25 41.81  ? 358 HOH   A O   1 
HETATM 1531 O O   B HOH   C 3 .   ? 8.881   16.590  -4.772  0.25 41.81  ? 358 HOH   A O   1 
HETATM 1532 O O   C HOH   C 3 .   ? 8.948   16.546  -4.787  0.25 38.81  ? 358 HOH   A O   1 
HETATM 1533 O O   D HOH   C 3 .   ? 8.948   16.546  -4.787  0.25 38.81  ? 358 HOH   A O   1 
HETATM 1534 O O   . HOH   C 3 .   ? 14.173  10.758  -6.226  1.00 43.83  ? 359 HOH   A O   1 
HETATM 1535 O O   . HOH   C 3 .   ? 0.592   -6.415  13.476  1.00 41.42  ? 360 HOH   A O   1 
HETATM 1536 O O   . HOH   C 3 .   ? -9.268  9.452   -3.792  1.00 52.76  ? 361 HOH   A O   1 
HETATM 1537 O O   A HOH   C 3 .   ? -5.548  -4.877  2.698   0.31 31.47  ? 362 HOH   A O   1 
HETATM 1538 O O   B HOH   C 3 .   ? -5.548  -4.876  2.694   0.30 31.45  ? 362 HOH   A O   1 
HETATM 1539 O O   C HOH   C 3 .   ? -5.551  -4.836  2.657   0.20 31.42  ? 362 HOH   A O   1 
HETATM 1540 O O   D HOH   C 3 .   ? -5.548  -4.830  2.649   0.19 31.41  ? 362 HOH   A O   1 
HETATM 1541 O O   . HOH   C 3 .   ? -2.399  11.479  -5.664  1.00 42.09  ? 363 HOH   A O   1 
HETATM 1542 O O   . HOH   C 3 .   ? -9.905  7.615   13.490  1.00 35.83  ? 364 HOH   A O   1 
HETATM 1543 O O   . HOH   C 3 .   ? 0.482   10.757  -9.812  1.00 57.80  ? 365 HOH   A O   1 
HETATM 1544 O O   . HOH   C 3 .   ? 1.508   -16.859 5.685   0.50 56.89  ? 366 HOH   A O   1 
HETATM 1545 O O   . HOH   C 3 .   ? 10.805  18.403  2.986   1.00 45.04  ? 367 HOH   A O   1 
HETATM 1546 O O   . HOH   C 3 .   ? 13.215  -0.824  -7.988  1.00 55.26  ? 368 HOH   A O   1 
HETATM 1547 O O   . HOH   C 3 .   ? 10.705  14.463  -6.714  1.00 43.35  ? 369 HOH   A O   1 
HETATM 1548 O O   . HOH   C 3 .   ? -12.007 6.263   11.933  1.00 48.48  ? 370 HOH   A O   1 
HETATM 1549 O O   . HOH   C 3 .   ? 14.215  12.143  2.297   1.00 29.36  ? 371 HOH   A O   1 
HETATM 1550 O O   . HOH   C 3 .   ? -6.300  11.400  0.108   1.00 39.06  ? 372 HOH   A O   1 
HETATM 1551 O O   . HOH   C 3 .   ? 0.993   17.447  3.375   1.00 39.80  ? 373 HOH   A O   1 
HETATM 1552 O O   . HOH   C 3 .   ? 1.578   3.586   -9.646  1.00 49.22  ? 374 HOH   A O   1 
HETATM 1553 O O   . HOH   C 3 .   ? -9.900  5.671   15.626  1.00 53.73  ? 375 HOH   A O   1 
HETATM 1554 O O   . HOH   C 3 .   ? 5.964   19.586  2.392   1.00 59.37  ? 376 HOH   A O   1 
HETATM 1555 O O   . HOH   C 3 .   ? -9.973  10.211  13.976  1.00 50.32  ? 377 HOH   A O   1 
HETATM 1556 O O   . HOH   C 3 .   ? -5.618  -5.075  15.767  1.00 62.19  ? 378 HOH   A O   1 
HETATM 1557 O O   . HOH   C 3 .   ? 3.619   1.458   17.042  1.00 43.33  ? 379 HOH   A O   1 
HETATM 1558 O O   A HOH   C 3 .   ? -6.397  -2.015  -5.683  0.32 38.67  ? 380 HOH   A O   1 
HETATM 1559 O O   B HOH   C 3 .   ? -6.402  -2.015  -5.677  0.30 38.52  ? 380 HOH   A O   1 
HETATM 1560 O O   . HOH   C 3 .   ? 10.403  7.736   14.832  1.00 39.55  ? 381 HOH   A O   1 
HETATM 1561 O O   C HOH   C 3 .   ? -7.397  -7.811  4.126   0.20 15.00  ? 382 HOH   A O   1 
HETATM 1562 O O   D HOH   C 3 .   ? -7.397  -7.810  4.125   0.19 14.99  ? 382 HOH   A O   1 
# 
